data_6RW2
# 
_entry.id   6RW2 
# 
_audit_conform.dict_name       mmcif_pdbx.dic 
_audit_conform.dict_version    5.397 
_audit_conform.dict_location   http://mmcif.pdb.org/dictionaries/ascii/mmcif_pdbx.dic 
# 
loop_
_database_2.database_id 
_database_2.database_code 
_database_2.pdbx_database_accession 
_database_2.pdbx_DOI 
PDB   6RW2         pdb_00006rw2 10.2210/pdb6rw2/pdb 
WWPDB D_1292102715 ?            ?                   
# 
loop_
_pdbx_audit_revision_history.ordinal 
_pdbx_audit_revision_history.data_content_type 
_pdbx_audit_revision_history.major_revision 
_pdbx_audit_revision_history.minor_revision 
_pdbx_audit_revision_history.revision_date 
1 'Structure model' 1 0 2020-04-08 
2 'Structure model' 1 1 2020-04-22 
3 'Structure model' 1 2 2020-05-06 
4 'Structure model' 1 3 2024-10-16 
# 
_pdbx_audit_revision_details.ordinal             1 
_pdbx_audit_revision_details.revision_ordinal    1 
_pdbx_audit_revision_details.data_content_type   'Structure model' 
_pdbx_audit_revision_details.provider            repository 
_pdbx_audit_revision_details.type                'Initial release' 
_pdbx_audit_revision_details.description         ? 
_pdbx_audit_revision_details.details             ? 
# 
loop_
_pdbx_audit_revision_group.ordinal 
_pdbx_audit_revision_group.revision_ordinal 
_pdbx_audit_revision_group.data_content_type 
_pdbx_audit_revision_group.group 
1 2 'Structure model' 'Database references' 
2 3 'Structure model' 'Database references' 
3 4 'Structure model' 'Data collection'     
4 4 'Structure model' 'Database references' 
5 4 'Structure model' 'Structure summary'   
# 
loop_
_pdbx_audit_revision_category.ordinal 
_pdbx_audit_revision_category.revision_ordinal 
_pdbx_audit_revision_category.data_content_type 
_pdbx_audit_revision_category.category 
1 2 'Structure model' citation                  
2 2 'Structure model' citation_author           
3 3 'Structure model' citation                  
4 3 'Structure model' citation_author           
5 4 'Structure model' chem_comp_atom            
6 4 'Structure model' chem_comp_bond            
7 4 'Structure model' database_2                
8 4 'Structure model' pdbx_entry_details        
9 4 'Structure model' pdbx_modification_feature 
# 
loop_
_pdbx_audit_revision_item.ordinal 
_pdbx_audit_revision_item.revision_ordinal 
_pdbx_audit_revision_item.data_content_type 
_pdbx_audit_revision_item.item 
1 2 'Structure model' '_citation.title'                     
2 2 'Structure model' '_citation_author.identifier_ORCID'   
3 2 'Structure model' '_citation_author.name'               
4 3 'Structure model' '_citation.journal_volume'            
5 3 'Structure model' '_citation.page_first'                
6 3 'Structure model' '_citation.page_last'                 
7 3 'Structure model' '_citation_author.identifier_ORCID'   
8 4 'Structure model' '_database_2.pdbx_DOI'                
9 4 'Structure model' '_database_2.pdbx_database_accession' 
# 
_pdbx_database_status.status_code                     REL 
_pdbx_database_status.status_code_sf                  REL 
_pdbx_database_status.status_code_mr                  ? 
_pdbx_database_status.entry_id                        6RW2 
_pdbx_database_status.recvd_initial_deposition_date   2019-06-03 
_pdbx_database_status.SG_entry                        N 
_pdbx_database_status.deposit_site                    PDBE 
_pdbx_database_status.process_site                    PDBE 
_pdbx_database_status.status_code_cs                  ? 
_pdbx_database_status.methods_development_category    ? 
_pdbx_database_status.pdb_format_compatible           Y 
_pdbx_database_status.status_code_nmr_data            ? 
# 
loop_
_audit_author.name 
_audit_author.pdbx_ordinal 
_audit_author.identifier_ORCID 
'Brown, D.G.'   1 0000-0003-4605-4779 
'Schroeder, S.' 2 0000-0003-1703-9158 
'Chen, L.'      3 0000-0003-1776-3146 
# 
_citation.abstract                  ? 
_citation.abstract_id_CAS           ? 
_citation.book_id_ISBN              ? 
_citation.book_publisher            ? 
_citation.book_publisher_city       ? 
_citation.book_title                ? 
_citation.coordinate_linkage        ? 
_citation.country                   US 
_citation.database_id_Medline       ? 
_citation.details                   ? 
_citation.id                        primary 
_citation.journal_abbrev            J.Med.Chem. 
_citation.journal_id_ASTM           JMCMAR 
_citation.journal_id_CSD            0151 
_citation.journal_id_ISSN           0022-2623 
_citation.journal_full              ? 
_citation.journal_issue             ? 
_citation.journal_volume            63 
_citation.language                  ? 
_citation.page_first                4107 
_citation.page_last                 4116 
_citation.title                     
'Identification and Optimization of EphA2-Selective Bicycles for the Delivery of Cytotoxic Payloads.' 
_citation.year                      2020 
_citation.database_id_CSD           ? 
_citation.pdbx_database_id_DOI      10.1021/acs.jmedchem.9b02129 
_citation.pdbx_database_id_PubMed   32202781 
_citation.unpublished_flag          ? 
# 
loop_
_citation_author.citation_id 
_citation_author.name 
_citation_author.ordinal 
_citation_author.identifier_ORCID 
primary 'Mudd, G.E.'          1  ? 
primary 'Brown, A.'           2  ? 
primary 'Chen, L.'            3  ? 
primary 'van Rietschoten, K.' 4  ? 
primary 'Watcham, S.'         5  ? 
primary 'Teufel, D.P.'        6  ? 
primary 'Pavan, S.'           7  ? 
primary 'Lani, R.'            8  ? 
primary 'Huxley, P.'          9  ? 
primary 'Bennett, G.S.'       10 ? 
# 
loop_
_entity.id 
_entity.type 
_entity.src_method 
_entity.pdbx_description 
_entity.formula_weight 
_entity.pdbx_number_of_molecules 
_entity.pdbx_ec 
_entity.pdbx_mutation 
_entity.pdbx_fragment 
_entity.details 
1 polymer     man 'Ephrin type-A receptor 2'                                              22006.697 1  2.7.10.1 ? ? ? 
2 polymer     syn ALA-ARG-ASP-CYS-PRO-LEU-VAL-ASN-PRO-LEU-CYS-LEU-HIS-PRO-GLY-TRP-THR-CYS 1997.366  1  ?        ? ? ? 
3 non-polymer syn GLYCEROL                                                                92.094    1  ?        ? ? ? 
4 non-polymer syn "1,1',1''-(1,3,5-triazinane-1,3,5-triyl)tripropan-1-one"                255.313   1  ?        ? ? ? 
5 water       nat water                                                                   18.015    43 ?        ? ? ? 
# 
_entity_name_com.entity_id   1 
_entity_name_com.name        'Epithelial cell kinase,Tyrosine-protein kinase receptor ECK' 
# 
loop_
_entity_poly.entity_id 
_entity_poly.type 
_entity_poly.nstd_linkage 
_entity_poly.nstd_monomer 
_entity_poly.pdbx_seq_one_letter_code 
_entity_poly.pdbx_seq_one_letter_code_can 
_entity_poly.pdbx_strand_id 
_entity_poly.pdbx_target_identifier 
1 'polypeptide(L)' no no 
;ASRGSHHHHHHGASDDDDKEVVLLDFAAAGGELGWLTHPYGKGWDLMQNIMNDMPIYMYSVCNVMSGDQDNWLRTNWVYR
GEAERIFIELKFTVRDCNSFPGGASSCKETFNLYYAESDLDYGTNFQKRLFTKIDTIAPDEITVSSDFEARHVKLNVEER
SVGPLTRKGFYLAFQDIGACVALLSVRVYYKKC
;
;ASRGSHHHHHHGASDDDDKEVVLLDFAAAGGELGWLTHPYGKGWDLMQNIMNDMPIYMYSVCNVMSGDQDNWLRTNWVYR
GEAERIFIELKFTVRDCNSFPGGASSCKETFNLYYAESDLDYGTNFQKRLFTKIDTIAPDEITVSSDFEARHVKLNVEER
SVGPLTRKGFYLAFQDIGACVALLSVRVYYKKC
;
A ? 
2 'polypeptide(L)' no no ARDCPLVNPLCLHPGWTC ARDCPLVNPLCLHPGWTC B ? 
# 
loop_
_pdbx_entity_nonpoly.entity_id 
_pdbx_entity_nonpoly.name 
_pdbx_entity_nonpoly.comp_id 
3 GLYCEROL                                                 GOL 
4 "1,1',1''-(1,3,5-triazinane-1,3,5-triyl)tripropan-1-one" 29N 
5 water                                                    HOH 
# 
loop_
_entity_poly_seq.entity_id 
_entity_poly_seq.num 
_entity_poly_seq.mon_id 
_entity_poly_seq.hetero 
1 1   ALA n 
1 2   SER n 
1 3   ARG n 
1 4   GLY n 
1 5   SER n 
1 6   HIS n 
1 7   HIS n 
1 8   HIS n 
1 9   HIS n 
1 10  HIS n 
1 11  HIS n 
1 12  GLY n 
1 13  ALA n 
1 14  SER n 
1 15  ASP n 
1 16  ASP n 
1 17  ASP n 
1 18  ASP n 
1 19  LYS n 
1 20  GLU n 
1 21  VAL n 
1 22  VAL n 
1 23  LEU n 
1 24  LEU n 
1 25  ASP n 
1 26  PHE n 
1 27  ALA n 
1 28  ALA n 
1 29  ALA n 
1 30  GLY n 
1 31  GLY n 
1 32  GLU n 
1 33  LEU n 
1 34  GLY n 
1 35  TRP n 
1 36  LEU n 
1 37  THR n 
1 38  HIS n 
1 39  PRO n 
1 40  TYR n 
1 41  GLY n 
1 42  LYS n 
1 43  GLY n 
1 44  TRP n 
1 45  ASP n 
1 46  LEU n 
1 47  MET n 
1 48  GLN n 
1 49  ASN n 
1 50  ILE n 
1 51  MET n 
1 52  ASN n 
1 53  ASP n 
1 54  MET n 
1 55  PRO n 
1 56  ILE n 
1 57  TYR n 
1 58  MET n 
1 59  TYR n 
1 60  SER n 
1 61  VAL n 
1 62  CYS n 
1 63  ASN n 
1 64  VAL n 
1 65  MET n 
1 66  SER n 
1 67  GLY n 
1 68  ASP n 
1 69  GLN n 
1 70  ASP n 
1 71  ASN n 
1 72  TRP n 
1 73  LEU n 
1 74  ARG n 
1 75  THR n 
1 76  ASN n 
1 77  TRP n 
1 78  VAL n 
1 79  TYR n 
1 80  ARG n 
1 81  GLY n 
1 82  GLU n 
1 83  ALA n 
1 84  GLU n 
1 85  ARG n 
1 86  ILE n 
1 87  PHE n 
1 88  ILE n 
1 89  GLU n 
1 90  LEU n 
1 91  LYS n 
1 92  PHE n 
1 93  THR n 
1 94  VAL n 
1 95  ARG n 
1 96  ASP n 
1 97  CYS n 
1 98  ASN n 
1 99  SER n 
1 100 PHE n 
1 101 PRO n 
1 102 GLY n 
1 103 GLY n 
1 104 ALA n 
1 105 SER n 
1 106 SER n 
1 107 CYS n 
1 108 LYS n 
1 109 GLU n 
1 110 THR n 
1 111 PHE n 
1 112 ASN n 
1 113 LEU n 
1 114 TYR n 
1 115 TYR n 
1 116 ALA n 
1 117 GLU n 
1 118 SER n 
1 119 ASP n 
1 120 LEU n 
1 121 ASP n 
1 122 TYR n 
1 123 GLY n 
1 124 THR n 
1 125 ASN n 
1 126 PHE n 
1 127 GLN n 
1 128 LYS n 
1 129 ARG n 
1 130 LEU n 
1 131 PHE n 
1 132 THR n 
1 133 LYS n 
1 134 ILE n 
1 135 ASP n 
1 136 THR n 
1 137 ILE n 
1 138 ALA n 
1 139 PRO n 
1 140 ASP n 
1 141 GLU n 
1 142 ILE n 
1 143 THR n 
1 144 VAL n 
1 145 SER n 
1 146 SER n 
1 147 ASP n 
1 148 PHE n 
1 149 GLU n 
1 150 ALA n 
1 151 ARG n 
1 152 HIS n 
1 153 VAL n 
1 154 LYS n 
1 155 LEU n 
1 156 ASN n 
1 157 VAL n 
1 158 GLU n 
1 159 GLU n 
1 160 ARG n 
1 161 SER n 
1 162 VAL n 
1 163 GLY n 
1 164 PRO n 
1 165 LEU n 
1 166 THR n 
1 167 ARG n 
1 168 LYS n 
1 169 GLY n 
1 170 PHE n 
1 171 TYR n 
1 172 LEU n 
1 173 ALA n 
1 174 PHE n 
1 175 GLN n 
1 176 ASP n 
1 177 ILE n 
1 178 GLY n 
1 179 ALA n 
1 180 CYS n 
1 181 VAL n 
1 182 ALA n 
1 183 LEU n 
1 184 LEU n 
1 185 SER n 
1 186 VAL n 
1 187 ARG n 
1 188 VAL n 
1 189 TYR n 
1 190 TYR n 
1 191 LYS n 
1 192 LYS n 
1 193 CYS n 
2 1   ALA n 
2 2   ARG n 
2 3   ASP n 
2 4   CYS n 
2 5   PRO n 
2 6   LEU n 
2 7   VAL n 
2 8   ASN n 
2 9   PRO n 
2 10  LEU n 
2 11  CYS n 
2 12  LEU n 
2 13  HIS n 
2 14  PRO n 
2 15  GLY n 
2 16  TRP n 
2 17  THR n 
2 18  CYS n 
# 
_entity_src_gen.entity_id                          1 
_entity_src_gen.pdbx_src_id                        1 
_entity_src_gen.pdbx_alt_source_flag               sample 
_entity_src_gen.pdbx_seq_type                      'Biological sequence' 
_entity_src_gen.pdbx_beg_seq_num                   1 
_entity_src_gen.pdbx_end_seq_num                   193 
_entity_src_gen.gene_src_common_name               Human 
_entity_src_gen.gene_src_genus                     ? 
_entity_src_gen.pdbx_gene_src_gene                 'EPHA2, ECK' 
_entity_src_gen.gene_src_species                   ? 
_entity_src_gen.gene_src_strain                    ? 
_entity_src_gen.gene_src_tissue                    ? 
_entity_src_gen.gene_src_tissue_fraction           ? 
_entity_src_gen.gene_src_details                   ? 
_entity_src_gen.pdbx_gene_src_fragment             ? 
_entity_src_gen.pdbx_gene_src_scientific_name      'Homo sapiens' 
_entity_src_gen.pdbx_gene_src_ncbi_taxonomy_id     9606 
_entity_src_gen.pdbx_gene_src_variant              ? 
_entity_src_gen.pdbx_gene_src_cell_line            ? 
_entity_src_gen.pdbx_gene_src_atcc                 ? 
_entity_src_gen.pdbx_gene_src_organ                ? 
_entity_src_gen.pdbx_gene_src_organelle            ? 
_entity_src_gen.pdbx_gene_src_cell                 ? 
_entity_src_gen.pdbx_gene_src_cellular_location    ? 
_entity_src_gen.host_org_common_name               ? 
_entity_src_gen.pdbx_host_org_scientific_name      'Escherichia coli' 
_entity_src_gen.pdbx_host_org_ncbi_taxonomy_id     562 
_entity_src_gen.host_org_genus                     ? 
_entity_src_gen.pdbx_host_org_gene                 ? 
_entity_src_gen.pdbx_host_org_organ                ? 
_entity_src_gen.host_org_species                   ? 
_entity_src_gen.pdbx_host_org_tissue               ? 
_entity_src_gen.pdbx_host_org_tissue_fraction      ? 
_entity_src_gen.pdbx_host_org_strain               ? 
_entity_src_gen.pdbx_host_org_variant              ? 
_entity_src_gen.pdbx_host_org_cell_line            ? 
_entity_src_gen.pdbx_host_org_atcc                 ? 
_entity_src_gen.pdbx_host_org_culture_collection   ? 
_entity_src_gen.pdbx_host_org_cell                 ? 
_entity_src_gen.pdbx_host_org_organelle            ? 
_entity_src_gen.pdbx_host_org_cellular_location    ? 
_entity_src_gen.pdbx_host_org_vector_type          ? 
_entity_src_gen.pdbx_host_org_vector               ? 
_entity_src_gen.host_org_details                   ? 
_entity_src_gen.expression_system_id               ? 
_entity_src_gen.plasmid_name                       ? 
_entity_src_gen.plasmid_details                    ? 
_entity_src_gen.pdbx_description                   ? 
# 
_pdbx_entity_src_syn.entity_id              2 
_pdbx_entity_src_syn.pdbx_src_id            1 
_pdbx_entity_src_syn.pdbx_alt_source_flag   sample 
_pdbx_entity_src_syn.pdbx_beg_seq_num       1 
_pdbx_entity_src_syn.pdbx_end_seq_num       18 
_pdbx_entity_src_syn.organism_scientific    'synthetic construct' 
_pdbx_entity_src_syn.organism_common_name   ? 
_pdbx_entity_src_syn.ncbi_taxonomy_id       32630 
_pdbx_entity_src_syn.details                ? 
# 
loop_
_chem_comp.id 
_chem_comp.type 
_chem_comp.mon_nstd_flag 
_chem_comp.name 
_chem_comp.pdbx_synonyms 
_chem_comp.formula 
_chem_comp.formula_weight 
29N non-polymer         . "1,1',1''-(1,3,5-triazinane-1,3,5-triyl)tripropan-1-one" 
;1,1',1''-(1,3,5-triazinane-1,3,5-triyl)triprop-2-en-1-one, bound form
;
'C12 H21 N3 O3'  255.313 
ALA 'L-peptide linking' y ALANINE                                                  ? 'C3 H7 N O2'     89.093  
ARG 'L-peptide linking' y ARGININE                                                 ? 'C6 H15 N4 O2 1' 175.209 
ASN 'L-peptide linking' y ASPARAGINE                                               ? 'C4 H8 N2 O3'    132.118 
ASP 'L-peptide linking' y 'ASPARTIC ACID'                                          ? 'C4 H7 N O4'     133.103 
CYS 'L-peptide linking' y CYSTEINE                                                 ? 'C3 H7 N O2 S'   121.158 
GLN 'L-peptide linking' y GLUTAMINE                                                ? 'C5 H10 N2 O3'   146.144 
GLU 'L-peptide linking' y 'GLUTAMIC ACID'                                          ? 'C5 H9 N O4'     147.129 
GLY 'peptide linking'   y GLYCINE                                                  ? 'C2 H5 N O2'     75.067  
GOL non-polymer         . GLYCEROL                                                 'GLYCERIN; PROPANE-1,2,3-TRIOL' 'C3 H8 O3' 
92.094  
HIS 'L-peptide linking' y HISTIDINE                                                ? 'C6 H10 N3 O2 1' 156.162 
HOH non-polymer         . WATER                                                    ? 'H2 O'           18.015  
ILE 'L-peptide linking' y ISOLEUCINE                                               ? 'C6 H13 N O2'    131.173 
LEU 'L-peptide linking' y LEUCINE                                                  ? 'C6 H13 N O2'    131.173 
LYS 'L-peptide linking' y LYSINE                                                   ? 'C6 H15 N2 O2 1' 147.195 
MET 'L-peptide linking' y METHIONINE                                               ? 'C5 H11 N O2 S'  149.211 
PHE 'L-peptide linking' y PHENYLALANINE                                            ? 'C9 H11 N O2'    165.189 
PRO 'L-peptide linking' y PROLINE                                                  ? 'C5 H9 N O2'     115.130 
SER 'L-peptide linking' y SERINE                                                   ? 'C3 H7 N O3'     105.093 
THR 'L-peptide linking' y THREONINE                                                ? 'C4 H9 N O3'     119.119 
TRP 'L-peptide linking' y TRYPTOPHAN                                               ? 'C11 H12 N2 O2'  204.225 
TYR 'L-peptide linking' y TYROSINE                                                 ? 'C9 H11 N O3'    181.189 
VAL 'L-peptide linking' y VALINE                                                   ? 'C5 H11 N O2'    117.146 
# 
loop_
_pdbx_poly_seq_scheme.asym_id 
_pdbx_poly_seq_scheme.entity_id 
_pdbx_poly_seq_scheme.seq_id 
_pdbx_poly_seq_scheme.mon_id 
_pdbx_poly_seq_scheme.ndb_seq_num 
_pdbx_poly_seq_scheme.pdb_seq_num 
_pdbx_poly_seq_scheme.auth_seq_num 
_pdbx_poly_seq_scheme.pdb_mon_id 
_pdbx_poly_seq_scheme.auth_mon_id 
_pdbx_poly_seq_scheme.pdb_strand_id 
_pdbx_poly_seq_scheme.pdb_ins_code 
_pdbx_poly_seq_scheme.hetero 
A 1 1   ALA 1   9   ?   ?   ?   A . n 
A 1 2   SER 2   10  ?   ?   ?   A . n 
A 1 3   ARG 3   11  ?   ?   ?   A . n 
A 1 4   GLY 4   12  ?   ?   ?   A . n 
A 1 5   SER 5   13  ?   ?   ?   A . n 
A 1 6   HIS 6   14  ?   ?   ?   A . n 
A 1 7   HIS 7   15  ?   ?   ?   A . n 
A 1 8   HIS 8   16  ?   ?   ?   A . n 
A 1 9   HIS 9   17  ?   ?   ?   A . n 
A 1 10  HIS 10  18  ?   ?   ?   A . n 
A 1 11  HIS 11  19  ?   ?   ?   A . n 
A 1 12  GLY 12  20  ?   ?   ?   A . n 
A 1 13  ALA 13  21  ?   ?   ?   A . n 
A 1 14  SER 14  22  ?   ?   ?   A . n 
A 1 15  ASP 15  23  ?   ?   ?   A . n 
A 1 16  ASP 16  24  ?   ?   ?   A . n 
A 1 17  ASP 17  25  ?   ?   ?   A . n 
A 1 18  ASP 18  26  ?   ?   ?   A . n 
A 1 19  LYS 19  27  27  LYS LYS A . n 
A 1 20  GLU 20  28  28  GLU GLU A . n 
A 1 21  VAL 21  29  29  VAL VAL A . n 
A 1 22  VAL 22  30  30  VAL VAL A . n 
A 1 23  LEU 23  31  31  LEU LEU A . n 
A 1 24  LEU 24  32  32  LEU LEU A . n 
A 1 25  ASP 25  33  33  ASP ASP A . n 
A 1 26  PHE 26  34  34  PHE PHE A . n 
A 1 27  ALA 27  35  35  ALA ALA A . n 
A 1 28  ALA 28  36  36  ALA ALA A . n 
A 1 29  ALA 29  37  37  ALA ALA A . n 
A 1 30  GLY 30  38  38  GLY GLY A . n 
A 1 31  GLY 31  39  39  GLY GLY A . n 
A 1 32  GLU 32  40  40  GLU GLU A . n 
A 1 33  LEU 33  41  41  LEU LEU A . n 
A 1 34  GLY 34  42  42  GLY GLY A . n 
A 1 35  TRP 35  43  43  TRP TRP A . n 
A 1 36  LEU 36  44  44  LEU LEU A . n 
A 1 37  THR 37  45  45  THR THR A . n 
A 1 38  HIS 38  46  46  HIS HIS A . n 
A 1 39  PRO 39  47  47  PRO PRO A . n 
A 1 40  TYR 40  48  48  TYR TYR A . n 
A 1 41  GLY 41  49  49  GLY GLY A . n 
A 1 42  LYS 42  50  50  LYS LYS A . n 
A 1 43  GLY 43  51  51  GLY GLY A . n 
A 1 44  TRP 44  52  52  TRP TRP A . n 
A 1 45  ASP 45  53  53  ASP ASP A . n 
A 1 46  LEU 46  54  54  LEU LEU A . n 
A 1 47  MET 47  55  55  MET MET A . n 
A 1 48  GLN 48  56  56  GLN GLN A . n 
A 1 49  ASN 49  57  57  ASN ASN A . n 
A 1 50  ILE 50  58  58  ILE ILE A . n 
A 1 51  MET 51  59  59  MET MET A . n 
A 1 52  ASN 52  60  60  ASN ASN A . n 
A 1 53  ASP 53  61  61  ASP ASP A . n 
A 1 54  MET 54  62  62  MET MET A . n 
A 1 55  PRO 55  63  63  PRO PRO A . n 
A 1 56  ILE 56  64  64  ILE ILE A . n 
A 1 57  TYR 57  65  65  TYR TYR A . n 
A 1 58  MET 58  66  66  MET MET A . n 
A 1 59  TYR 59  67  67  TYR TYR A . n 
A 1 60  SER 60  68  68  SER SER A . n 
A 1 61  VAL 61  69  69  VAL VAL A . n 
A 1 62  CYS 62  70  70  CYS CYS A . n 
A 1 63  ASN 63  71  71  ASN ASN A . n 
A 1 64  VAL 64  72  72  VAL VAL A . n 
A 1 65  MET 65  73  73  MET MET A . n 
A 1 66  SER 66  74  74  SER SER A . n 
A 1 67  GLY 67  75  75  GLY GLY A . n 
A 1 68  ASP 68  76  76  ASP ASP A . n 
A 1 69  GLN 69  77  77  GLN GLN A . n 
A 1 70  ASP 70  78  78  ASP ASP A . n 
A 1 71  ASN 71  79  79  ASN ASN A . n 
A 1 72  TRP 72  80  80  TRP TRP A . n 
A 1 73  LEU 73  81  81  LEU LEU A . n 
A 1 74  ARG 74  82  82  ARG ARG A . n 
A 1 75  THR 75  83  83  THR THR A . n 
A 1 76  ASN 76  84  84  ASN ASN A . n 
A 1 77  TRP 77  85  85  TRP TRP A . n 
A 1 78  VAL 78  86  86  VAL VAL A . n 
A 1 79  TYR 79  87  87  TYR TYR A . n 
A 1 80  ARG 80  88  88  ARG ARG A . n 
A 1 81  GLY 81  89  89  GLY GLY A . n 
A 1 82  GLU 82  90  90  GLU GLU A . n 
A 1 83  ALA 83  91  91  ALA ALA A . n 
A 1 84  GLU 84  92  92  GLU GLU A . n 
A 1 85  ARG 85  93  93  ARG ARG A . n 
A 1 86  ILE 86  94  94  ILE ILE A . n 
A 1 87  PHE 87  95  95  PHE PHE A . n 
A 1 88  ILE 88  96  96  ILE ILE A . n 
A 1 89  GLU 89  97  97  GLU GLU A . n 
A 1 90  LEU 90  98  98  LEU LEU A . n 
A 1 91  LYS 91  99  99  LYS LYS A . n 
A 1 92  PHE 92  100 100 PHE PHE A . n 
A 1 93  THR 93  101 101 THR THR A . n 
A 1 94  VAL 94  102 102 VAL VAL A . n 
A 1 95  ARG 95  103 103 ARG ARG A . n 
A 1 96  ASP 96  104 104 ASP ASP A . n 
A 1 97  CYS 97  105 105 CYS CYS A . n 
A 1 98  ASN 98  106 106 ASN ASN A . n 
A 1 99  SER 99  107 107 SER SER A . n 
A 1 100 PHE 100 108 108 PHE PHE A . n 
A 1 101 PRO 101 109 109 PRO PRO A . n 
A 1 102 GLY 102 110 110 GLY GLY A . n 
A 1 103 GLY 103 111 111 GLY GLY A . n 
A 1 104 ALA 104 112 112 ALA ALA A . n 
A 1 105 SER 105 113 113 SER SER A . n 
A 1 106 SER 106 114 114 SER SER A . n 
A 1 107 CYS 107 115 115 CYS CYS A . n 
A 1 108 LYS 108 116 116 LYS LYS A . n 
A 1 109 GLU 109 117 117 GLU GLU A . n 
A 1 110 THR 110 118 118 THR THR A . n 
A 1 111 PHE 111 119 119 PHE PHE A . n 
A 1 112 ASN 112 120 120 ASN ASN A . n 
A 1 113 LEU 113 121 121 LEU LEU A . n 
A 1 114 TYR 114 122 122 TYR TYR A . n 
A 1 115 TYR 115 123 123 TYR TYR A . n 
A 1 116 ALA 116 124 124 ALA ALA A . n 
A 1 117 GLU 117 125 125 GLU GLU A . n 
A 1 118 SER 118 126 126 SER SER A . n 
A 1 119 ASP 119 127 127 ASP ASP A . n 
A 1 120 LEU 120 128 128 LEU LEU A . n 
A 1 121 ASP 121 129 129 ASP ASP A . n 
A 1 122 TYR 122 130 130 TYR TYR A . n 
A 1 123 GLY 123 131 131 GLY GLY A . n 
A 1 124 THR 124 132 132 THR THR A . n 
A 1 125 ASN 125 133 133 ASN ASN A . n 
A 1 126 PHE 126 134 134 PHE PHE A . n 
A 1 127 GLN 127 135 135 GLN GLN A . n 
A 1 128 LYS 128 136 136 LYS LYS A . n 
A 1 129 ARG 129 137 137 ARG ARG A . n 
A 1 130 LEU 130 138 138 LEU LEU A . n 
A 1 131 PHE 131 139 139 PHE PHE A . n 
A 1 132 THR 132 140 140 THR THR A . n 
A 1 133 LYS 133 141 141 LYS LYS A . n 
A 1 134 ILE 134 142 142 ILE ILE A . n 
A 1 135 ASP 135 143 143 ASP ASP A . n 
A 1 136 THR 136 144 144 THR THR A . n 
A 1 137 ILE 137 145 145 ILE ILE A . n 
A 1 138 ALA 138 146 146 ALA ALA A . n 
A 1 139 PRO 139 147 147 PRO PRO A . n 
A 1 140 ASP 140 148 148 ASP ASP A . n 
A 1 141 GLU 141 149 149 GLU GLU A . n 
A 1 142 ILE 142 150 150 ILE ILE A . n 
A 1 143 THR 143 151 151 THR THR A . n 
A 1 144 VAL 144 152 152 VAL VAL A . n 
A 1 145 SER 145 153 153 SER SER A . n 
A 1 146 SER 146 154 154 SER SER A . n 
A 1 147 ASP 147 155 155 ASP ASP A . n 
A 1 148 PHE 148 156 156 PHE PHE A . n 
A 1 149 GLU 149 157 157 GLU GLU A . n 
A 1 150 ALA 150 158 158 ALA ALA A . n 
A 1 151 ARG 151 159 159 ARG ARG A . n 
A 1 152 HIS 152 160 160 HIS HIS A . n 
A 1 153 VAL 153 161 161 VAL VAL A . n 
A 1 154 LYS 154 162 162 LYS LYS A . n 
A 1 155 LEU 155 163 163 LEU LEU A . n 
A 1 156 ASN 156 164 164 ASN ASN A . n 
A 1 157 VAL 157 165 165 VAL VAL A . n 
A 1 158 GLU 158 166 166 GLU GLU A . n 
A 1 159 GLU 159 167 167 GLU GLU A . n 
A 1 160 ARG 160 168 168 ARG ARG A . n 
A 1 161 SER 161 169 169 SER SER A . n 
A 1 162 VAL 162 170 170 VAL VAL A . n 
A 1 163 GLY 163 171 171 GLY GLY A . n 
A 1 164 PRO 164 172 172 PRO PRO A . n 
A 1 165 LEU 165 173 173 LEU LEU A . n 
A 1 166 THR 166 174 174 THR THR A . n 
A 1 167 ARG 167 175 175 ARG ARG A . n 
A 1 168 LYS 168 176 176 LYS LYS A . n 
A 1 169 GLY 169 177 177 GLY GLY A . n 
A 1 170 PHE 170 178 178 PHE PHE A . n 
A 1 171 TYR 171 179 179 TYR TYR A . n 
A 1 172 LEU 172 180 180 LEU LEU A . n 
A 1 173 ALA 173 181 181 ALA ALA A . n 
A 1 174 PHE 174 182 182 PHE PHE A . n 
A 1 175 GLN 175 183 183 GLN GLN A . n 
A 1 176 ASP 176 184 184 ASP ASP A . n 
A 1 177 ILE 177 185 185 ILE ILE A . n 
A 1 178 GLY 178 186 186 GLY GLY A . n 
A 1 179 ALA 179 187 187 ALA ALA A . n 
A 1 180 CYS 180 188 188 CYS CYS A . n 
A 1 181 VAL 181 189 189 VAL VAL A . n 
A 1 182 ALA 182 190 190 ALA ALA A . n 
A 1 183 LEU 183 191 191 LEU LEU A . n 
A 1 184 LEU 184 192 192 LEU LEU A . n 
A 1 185 SER 185 193 193 SER SER A . n 
A 1 186 VAL 186 194 194 VAL VAL A . n 
A 1 187 ARG 187 195 195 ARG ARG A . n 
A 1 188 VAL 188 196 196 VAL VAL A . n 
A 1 189 TYR 189 197 197 TYR TYR A . n 
A 1 190 TYR 190 198 198 TYR TYR A . n 
A 1 191 LYS 191 199 199 LYS LYS A . n 
A 1 192 LYS 192 200 200 LYS LYS A . n 
A 1 193 CYS 193 201 201 CYS CYS A . n 
B 2 1   ALA 1   -1  -1  ALA ALA B . n 
B 2 2   ARG 2   0   0   ARG ARG B . n 
B 2 3   ASP 3   1   1   ASP ASP B . n 
B 2 4   CYS 4   2   2   CYS CYS B . n 
B 2 5   PRO 5   3   3   PRO PRO B . n 
B 2 6   LEU 6   4   4   LEU LEU B . n 
B 2 7   VAL 7   5   5   VAL VAL B . n 
B 2 8   ASN 8   6   6   ASN ASN B . n 
B 2 9   PRO 9   7   7   PRO PRO B . n 
B 2 10  LEU 10  8   8   LEU LEU B . n 
B 2 11  CYS 11  9   9   CYS CYS B . n 
B 2 12  LEU 12  10  10  LEU LEU B . n 
B 2 13  HIS 13  11  11  HIS HIS B . n 
B 2 14  PRO 14  12  12  PRO PRO B . n 
B 2 15  GLY 15  13  13  GLY GLY B . n 
B 2 16  TRP 16  14  14  TRP TRP B . n 
B 2 17  THR 17  15  15  THR THR B . n 
B 2 18  CYS 18  16  16  CYS CYS B . n 
# 
_pdbx_entity_instance_feature.ordinal        1 
_pdbx_entity_instance_feature.comp_id        29N 
_pdbx_entity_instance_feature.asym_id        ? 
_pdbx_entity_instance_feature.seq_num        ? 
_pdbx_entity_instance_feature.auth_comp_id   29N 
_pdbx_entity_instance_feature.auth_asym_id   ? 
_pdbx_entity_instance_feature.auth_seq_num   ? 
_pdbx_entity_instance_feature.feature_type   'SUBJECT OF INVESTIGATION' 
_pdbx_entity_instance_feature.details        ? 
# 
loop_
_pdbx_nonpoly_scheme.asym_id 
_pdbx_nonpoly_scheme.entity_id 
_pdbx_nonpoly_scheme.mon_id 
_pdbx_nonpoly_scheme.ndb_seq_num 
_pdbx_nonpoly_scheme.pdb_seq_num 
_pdbx_nonpoly_scheme.auth_seq_num 
_pdbx_nonpoly_scheme.pdb_mon_id 
_pdbx_nonpoly_scheme.auth_mon_id 
_pdbx_nonpoly_scheme.pdb_strand_id 
_pdbx_nonpoly_scheme.pdb_ins_code 
C 3 GOL 1  301 1  GOL GOL A . 
D 4 29N 1  101 1  29N DRG B . 
E 5 HOH 1  401 29 HOH HOH A . 
E 5 HOH 2  402 39 HOH HOH A . 
E 5 HOH 3  403 30 HOH HOH A . 
E 5 HOH 4  404 18 HOH HOH A . 
E 5 HOH 5  405 43 HOH HOH A . 
E 5 HOH 6  406 20 HOH HOH A . 
E 5 HOH 7  407 9  HOH HOH A . 
E 5 HOH 8  408 27 HOH HOH A . 
E 5 HOH 9  409 15 HOH HOH A . 
E 5 HOH 10 410 2  HOH HOH A . 
E 5 HOH 11 411 8  HOH HOH A . 
E 5 HOH 12 412 31 HOH HOH A . 
E 5 HOH 13 413 21 HOH HOH A . 
E 5 HOH 14 414 22 HOH HOH A . 
E 5 HOH 15 415 10 HOH HOH A . 
E 5 HOH 16 416 1  HOH HOH A . 
E 5 HOH 17 417 24 HOH HOH A . 
E 5 HOH 18 418 28 HOH HOH A . 
E 5 HOH 19 419 36 HOH HOH A . 
E 5 HOH 20 420 42 HOH HOH A . 
E 5 HOH 21 421 32 HOH HOH A . 
E 5 HOH 22 422 14 HOH HOH A . 
E 5 HOH 23 423 16 HOH HOH A . 
E 5 HOH 24 424 11 HOH HOH A . 
E 5 HOH 25 425 12 HOH HOH A . 
E 5 HOH 26 426 6  HOH HOH A . 
E 5 HOH 27 427 37 HOH HOH A . 
E 5 HOH 28 428 17 HOH HOH A . 
E 5 HOH 29 429 4  HOH HOH A . 
E 5 HOH 30 430 41 HOH HOH A . 
E 5 HOH 31 431 26 HOH HOH A . 
E 5 HOH 32 432 44 HOH HOH A . 
E 5 HOH 33 433 40 HOH HOH A . 
E 5 HOH 34 434 23 HOH HOH A . 
E 5 HOH 35 435 34 HOH HOH A . 
E 5 HOH 36 436 3  HOH HOH A . 
E 5 HOH 37 437 7  HOH HOH A . 
E 5 HOH 38 438 13 HOH HOH A . 
E 5 HOH 39 439 35 HOH HOH A . 
E 5 HOH 40 440 33 HOH HOH A . 
F 5 HOH 1  201 25 HOH HOH B . 
F 5 HOH 2  202 38 HOH HOH B . 
F 5 HOH 3  203 5  HOH HOH B . 
# 
loop_
_software.citation_id 
_software.classification 
_software.compiler_name 
_software.compiler_version 
_software.contact_author 
_software.contact_author_email 
_software.date 
_software.description 
_software.dependencies 
_software.hardware 
_software.language 
_software.location 
_software.mods 
_software.name 
_software.os 
_software.os_version 
_software.type 
_software.version 
_software.pdbx_ordinal 
? refinement        ? ? ? ? ? ? ? ? ? ? ? REFMAC      ? ? ? 5.8.0238 1 
? 'data extraction' ? ? ? ? ? ? ? ? ? ? ? PDB_EXTRACT ? ? ? 3.22     2 
? 'data reduction'  ? ? ? ? ? ? ? ? ? ? ? xia2        ? ? ? .        3 
? 'data scaling'    ? ? ? ? ? ? ? ? ? ? ? Aimless     ? ? ? .        4 
? phasing           ? ? ? ? ? ? ? ? ? ? ? PHASER      ? ? ? .        5 
# 
_cell.angle_alpha                  90.000 
_cell.angle_alpha_esd              ? 
_cell.angle_beta                   90.000 
_cell.angle_beta_esd               ? 
_cell.angle_gamma                  90.000 
_cell.angle_gamma_esd              ? 
_cell.entry_id                     6RW2 
_cell.details                      ? 
_cell.formula_units_Z              ? 
_cell.length_a                     42.090 
_cell.length_a_esd                 ? 
_cell.length_b                     113.680 
_cell.length_b_esd                 ? 
_cell.length_c                     130.960 
_cell.length_c_esd                 ? 
_cell.volume                       ? 
_cell.volume_esd                   ? 
_cell.Z_PDB                        8 
_cell.reciprocal_angle_alpha       ? 
_cell.reciprocal_angle_beta        ? 
_cell.reciprocal_angle_gamma       ? 
_cell.reciprocal_angle_alpha_esd   ? 
_cell.reciprocal_angle_beta_esd    ? 
_cell.reciprocal_angle_gamma_esd   ? 
_cell.reciprocal_length_a          ? 
_cell.reciprocal_length_b          ? 
_cell.reciprocal_length_c          ? 
_cell.reciprocal_length_a_esd      ? 
_cell.reciprocal_length_b_esd      ? 
_cell.reciprocal_length_c_esd      ? 
_cell.pdbx_unique_axis             ? 
# 
_symmetry.entry_id                         6RW2 
_symmetry.cell_setting                     ? 
_symmetry.Int_Tables_number                23 
_symmetry.space_group_name_Hall            ? 
_symmetry.space_group_name_H-M             'I 2 2 2' 
_symmetry.pdbx_full_space_group_name_H-M   ? 
# 
_exptl.absorpt_coefficient_mu     ? 
_exptl.absorpt_correction_T_max   ? 
_exptl.absorpt_correction_T_min   ? 
_exptl.absorpt_correction_type    ? 
_exptl.absorpt_process_details    ? 
_exptl.entry_id                   6RW2 
_exptl.crystals_number            1 
_exptl.details                    ? 
_exptl.method                     'X-RAY DIFFRACTION' 
_exptl.method_details             ? 
# 
_exptl_crystal.colour                      ? 
_exptl_crystal.density_diffrn              ? 
_exptl_crystal.density_Matthews            3.55 
_exptl_crystal.density_method              ? 
_exptl_crystal.density_percent_sol         65.39 
_exptl_crystal.description                 ? 
_exptl_crystal.F_000                       ? 
_exptl_crystal.id                          1 
_exptl_crystal.preparation                 ? 
_exptl_crystal.size_max                    ? 
_exptl_crystal.size_mid                    ? 
_exptl_crystal.size_min                    ? 
_exptl_crystal.size_rad                    ? 
_exptl_crystal.colour_lustre               ? 
_exptl_crystal.colour_modifier             ? 
_exptl_crystal.colour_primary              ? 
_exptl_crystal.density_meas                ? 
_exptl_crystal.density_meas_esd            ? 
_exptl_crystal.density_meas_gt             ? 
_exptl_crystal.density_meas_lt             ? 
_exptl_crystal.density_meas_temp           ? 
_exptl_crystal.density_meas_temp_esd       ? 
_exptl_crystal.density_meas_temp_gt        ? 
_exptl_crystal.density_meas_temp_lt        ? 
_exptl_crystal.pdbx_crystal_image_url      ? 
_exptl_crystal.pdbx_crystal_image_format   ? 
_exptl_crystal.pdbx_mosaicity              ? 
_exptl_crystal.pdbx_mosaicity_esd          ? 
# 
_exptl_crystal_grow.apparatus       ? 
_exptl_crystal_grow.atmosphere      ? 
_exptl_crystal_grow.crystal_id      1 
_exptl_crystal_grow.details         ? 
_exptl_crystal_grow.method          'VAPOR DIFFUSION, HANGING DROP' 
_exptl_crystal_grow.method_ref      ? 
_exptl_crystal_grow.pH              ? 
_exptl_crystal_grow.pressure        ? 
_exptl_crystal_grow.pressure_esd    ? 
_exptl_crystal_grow.seeding         ? 
_exptl_crystal_grow.seeding_ref     ? 
_exptl_crystal_grow.temp            293 
_exptl_crystal_grow.temp_details    ? 
_exptl_crystal_grow.temp_esd        ? 
_exptl_crystal_grow.time            ? 
_exptl_crystal_grow.pdbx_details    
;0.1M sodium acetate
0.2M lithium sulphate
8-10% PEG 6000
;
_exptl_crystal_grow.pdbx_pH_range   5.5-5.75 
# 
_diffrn.ambient_environment              ? 
_diffrn.ambient_temp                     100 
_diffrn.ambient_temp_details             ? 
_diffrn.ambient_temp_esd                 ? 
_diffrn.crystal_id                       1 
_diffrn.crystal_support                  ? 
_diffrn.crystal_treatment                ? 
_diffrn.details                          ? 
_diffrn.id                               1 
_diffrn.ambient_pressure                 ? 
_diffrn.ambient_pressure_esd             ? 
_diffrn.ambient_pressure_gt              ? 
_diffrn.ambient_pressure_lt              ? 
_diffrn.ambient_temp_gt                  ? 
_diffrn.ambient_temp_lt                  ? 
_diffrn.pdbx_serial_crystal_experiment   N 
# 
_diffrn_detector.details                      ? 
_diffrn_detector.detector                     PIXEL 
_diffrn_detector.diffrn_id                    1 
_diffrn_detector.type                         'DECTRIS PILATUS 6M' 
_diffrn_detector.area_resol_mean              ? 
_diffrn_detector.dtime                        ? 
_diffrn_detector.pdbx_frames_total            ? 
_diffrn_detector.pdbx_collection_time_total   ? 
_diffrn_detector.pdbx_collection_date         2017-02-03 
_diffrn_detector.pdbx_frequency               ? 
# 
_diffrn_radiation.collimation                      ? 
_diffrn_radiation.diffrn_id                        1 
_diffrn_radiation.filter_edge                      ? 
_diffrn_radiation.inhomogeneity                    ? 
_diffrn_radiation.monochromator                    ? 
_diffrn_radiation.polarisn_norm                    ? 
_diffrn_radiation.polarisn_ratio                   ? 
_diffrn_radiation.probe                            ? 
_diffrn_radiation.type                             ? 
_diffrn_radiation.xray_symbol                      ? 
_diffrn_radiation.wavelength_id                    1 
_diffrn_radiation.pdbx_monochromatic_or_laue_m_l   M 
_diffrn_radiation.pdbx_wavelength_list             ? 
_diffrn_radiation.pdbx_wavelength                  ? 
_diffrn_radiation.pdbx_diffrn_protocol             'SINGLE WAVELENGTH' 
_diffrn_radiation.pdbx_analyzer                    ? 
_diffrn_radiation.pdbx_scattering_type             x-ray 
# 
_diffrn_radiation_wavelength.id           1 
_diffrn_radiation_wavelength.wavelength   0.9795 
_diffrn_radiation_wavelength.wt           1.0 
# 
_diffrn_source.current                     ? 
_diffrn_source.details                     ? 
_diffrn_source.diffrn_id                   1 
_diffrn_source.power                       ? 
_diffrn_source.size                        ? 
_diffrn_source.source                      SYNCHROTRON 
_diffrn_source.target                      ? 
_diffrn_source.type                        'DIAMOND BEAMLINE I04' 
_diffrn_source.voltage                     ? 
_diffrn_source.take-off_angle              ? 
_diffrn_source.pdbx_wavelength_list        0.9795 
_diffrn_source.pdbx_wavelength             ? 
_diffrn_source.pdbx_synchrotron_beamline   I04 
_diffrn_source.pdbx_synchrotron_site       Diamond 
# 
_reflns.B_iso_Wilson_estimate            ? 
_reflns.entry_id                         6RW2 
_reflns.data_reduction_details           ? 
_reflns.data_reduction_method            ? 
_reflns.d_resolution_high                2.26 
_reflns.d_resolution_low                 58.64 
_reflns.details                          ? 
_reflns.limit_h_max                      ? 
_reflns.limit_h_min                      ? 
_reflns.limit_k_max                      ? 
_reflns.limit_k_min                      ? 
_reflns.limit_l_max                      ? 
_reflns.limit_l_min                      ? 
_reflns.number_all                       ? 
_reflns.number_obs                       15014 
_reflns.observed_criterion               ? 
_reflns.observed_criterion_F_max         ? 
_reflns.observed_criterion_F_min         ? 
_reflns.observed_criterion_I_max         ? 
_reflns.observed_criterion_I_min         ? 
_reflns.observed_criterion_sigma_F       ? 
_reflns.observed_criterion_sigma_I       ? 
_reflns.percent_possible_obs             98.7 
_reflns.R_free_details                   ? 
_reflns.Rmerge_F_all                     ? 
_reflns.Rmerge_F_obs                     ? 
_reflns.Friedel_coverage                 ? 
_reflns.number_gt                        ? 
_reflns.threshold_expression             ? 
_reflns.pdbx_redundancy                  5.8 
_reflns.pdbx_Rmerge_I_obs                0.077 
_reflns.pdbx_Rmerge_I_all                ? 
_reflns.pdbx_Rsym_value                  ? 
_reflns.pdbx_netI_over_av_sigmaI         ? 
_reflns.pdbx_netI_over_sigmaI            15.8 
_reflns.pdbx_res_netI_over_av_sigmaI_2   ? 
_reflns.pdbx_res_netI_over_sigmaI_2      ? 
_reflns.pdbx_chi_squared                 ? 
_reflns.pdbx_scaling_rejects             ? 
_reflns.pdbx_d_res_high_opt              ? 
_reflns.pdbx_d_res_low_opt               ? 
_reflns.pdbx_d_res_opt_method            ? 
_reflns.phase_calculation_details        ? 
_reflns.pdbx_Rrim_I_all                  ? 
_reflns.pdbx_Rpim_I_all                  ? 
_reflns.pdbx_d_opt                       ? 
_reflns.pdbx_number_measured_all         ? 
_reflns.pdbx_diffrn_id                   1 
_reflns.pdbx_ordinal                     1 
_reflns.pdbx_CC_half                     ? 
_reflns.pdbx_R_split                     ? 
# 
_reflns_shell.d_res_high                  2.26 
_reflns_shell.d_res_low                   2.33 
_reflns_shell.meanI_over_sigI_all         ? 
_reflns_shell.meanI_over_sigI_obs         ? 
_reflns_shell.number_measured_all         ? 
_reflns_shell.number_measured_obs         ? 
_reflns_shell.number_possible             ? 
_reflns_shell.number_unique_all           ? 
_reflns_shell.number_unique_obs           667 
_reflns_shell.percent_possible_all        87.6 
_reflns_shell.percent_possible_obs        ? 
_reflns_shell.Rmerge_F_all                ? 
_reflns_shell.Rmerge_F_obs                ? 
_reflns_shell.Rmerge_I_all                ? 
_reflns_shell.Rmerge_I_obs                0.935 
_reflns_shell.meanI_over_sigI_gt          ? 
_reflns_shell.meanI_over_uI_all           ? 
_reflns_shell.meanI_over_uI_gt            ? 
_reflns_shell.number_measured_gt          ? 
_reflns_shell.number_unique_gt            ? 
_reflns_shell.percent_possible_gt         ? 
_reflns_shell.Rmerge_F_gt                 ? 
_reflns_shell.Rmerge_I_gt                 ? 
_reflns_shell.pdbx_redundancy             3.3 
_reflns_shell.pdbx_Rsym_value             ? 
_reflns_shell.pdbx_chi_squared            ? 
_reflns_shell.pdbx_netI_over_sigmaI_all   ? 
_reflns_shell.pdbx_netI_over_sigmaI_obs   ? 
_reflns_shell.pdbx_Rrim_I_all             ? 
_reflns_shell.pdbx_Rpim_I_all             ? 
_reflns_shell.pdbx_rejects                ? 
_reflns_shell.pdbx_ordinal                1 
_reflns_shell.pdbx_diffrn_id              1 
_reflns_shell.pdbx_CC_half                ? 
_reflns_shell.pdbx_R_split                ? 
# 
_refine.aniso_B[1][1]                            -1.2000 
_refine.aniso_B[1][2]                            -0.0000 
_refine.aniso_B[1][3]                            -0.0000 
_refine.aniso_B[2][2]                            1.5500 
_refine.aniso_B[2][3]                            -0.0000 
_refine.aniso_B[3][3]                            -0.3500 
_refine.B_iso_max                                131.320 
_refine.B_iso_mean                               41.7520 
_refine.B_iso_min                                20.170 
_refine.correlation_coeff_Fo_to_Fc               0.9490 
_refine.correlation_coeff_Fo_to_Fc_free          0.9030 
_refine.details                                  
'HYDROGENS HAVE BEEN ADDED IN THE RIDING POSITIONS U VALUES      : REFINED INDIVIDUALLY' 
_refine.diff_density_max                         ? 
_refine.diff_density_max_esd                     ? 
_refine.diff_density_min                         ? 
_refine.diff_density_min_esd                     ? 
_refine.diff_density_rms                         ? 
_refine.diff_density_rms_esd                     ? 
_refine.entry_id                                 6RW2 
_refine.pdbx_refine_id                           'X-RAY DIFFRACTION' 
_refine.ls_abs_structure_details                 ? 
_refine.ls_abs_structure_Flack                   ? 
_refine.ls_abs_structure_Flack_esd               ? 
_refine.ls_abs_structure_Rogers                  ? 
_refine.ls_abs_structure_Rogers_esd              ? 
_refine.ls_d_res_high                            2.2600 
_refine.ls_d_res_low                             56.9000 
_refine.ls_extinction_coef                       ? 
_refine.ls_extinction_coef_esd                   ? 
_refine.ls_extinction_expression                 ? 
_refine.ls_extinction_method                     ? 
_refine.ls_goodness_of_fit_all                   ? 
_refine.ls_goodness_of_fit_all_esd               ? 
_refine.ls_goodness_of_fit_obs                   ? 
_refine.ls_goodness_of_fit_obs_esd               ? 
_refine.ls_hydrogen_treatment                    ? 
_refine.ls_matrix_type                           ? 
_refine.ls_number_constraints                    ? 
_refine.ls_number_parameters                     ? 
_refine.ls_number_reflns_all                     ? 
_refine.ls_number_reflns_obs                     14234 
_refine.ls_number_reflns_R_free                  780 
_refine.ls_number_reflns_R_work                  ? 
_refine.ls_number_restraints                     ? 
_refine.ls_percent_reflns_obs                    98.6800 
_refine.ls_percent_reflns_R_free                 5.2000 
_refine.ls_R_factor_all                          ? 
_refine.ls_R_factor_obs                          0.2138 
_refine.ls_R_factor_R_free                       0.2646 
_refine.ls_R_factor_R_free_error                 ? 
_refine.ls_R_factor_R_free_error_details         ? 
_refine.ls_R_factor_R_work                       0.2110 
_refine.ls_R_Fsqd_factor_obs                     ? 
_refine.ls_R_I_factor_obs                        ? 
_refine.ls_redundancy_reflns_all                 ? 
_refine.ls_redundancy_reflns_obs                 ? 
_refine.ls_restrained_S_all                      ? 
_refine.ls_restrained_S_obs                      ? 
_refine.ls_shift_over_esd_max                    ? 
_refine.ls_shift_over_esd_mean                   ? 
_refine.ls_structure_factor_coef                 ? 
_refine.ls_weighting_details                     ? 
_refine.ls_weighting_scheme                      ? 
_refine.ls_wR_factor_all                         ? 
_refine.ls_wR_factor_obs                         ? 
_refine.ls_wR_factor_R_free                      ? 
_refine.ls_wR_factor_R_work                      ? 
_refine.occupancy_max                            ? 
_refine.occupancy_min                            ? 
_refine.solvent_model_details                    ? 
_refine.solvent_model_param_bsol                 ? 
_refine.solvent_model_param_ksol                 ? 
_refine.ls_R_factor_gt                           ? 
_refine.ls_goodness_of_fit_gt                    ? 
_refine.ls_goodness_of_fit_ref                   ? 
_refine.ls_shift_over_su_max                     ? 
_refine.ls_shift_over_su_max_lt                  ? 
_refine.ls_shift_over_su_mean                    ? 
_refine.ls_shift_over_su_mean_lt                 ? 
_refine.pdbx_ls_sigma_I                          ? 
_refine.pdbx_ls_sigma_F                          0.000 
_refine.pdbx_ls_sigma_Fsqd                       ? 
_refine.pdbx_data_cutoff_high_absF               ? 
_refine.pdbx_data_cutoff_high_rms_absF           ? 
_refine.pdbx_data_cutoff_low_absF                ? 
_refine.pdbx_isotropic_thermal_model             ? 
_refine.pdbx_ls_cross_valid_method               THROUGHOUT 
_refine.pdbx_method_to_determine_struct          'MOLECULAR REPLACEMENT' 
_refine.pdbx_starting_model                      ? 
_refine.pdbx_stereochemistry_target_values       ? 
_refine.pdbx_R_Free_selection_details            RANDOM 
_refine.pdbx_stereochem_target_val_spec_case     ? 
_refine.pdbx_overall_ESU_R                       0.2250 
_refine.pdbx_overall_ESU_R_Free                  0.2070 
_refine.pdbx_solvent_vdw_probe_radii             1.2000 
_refine.pdbx_solvent_ion_probe_radii             0.8000 
_refine.pdbx_solvent_shrinkage_radii             0.8000 
_refine.pdbx_real_space_R                        ? 
_refine.pdbx_density_correlation                 ? 
_refine.pdbx_pd_number_of_powder_patterns        ? 
_refine.pdbx_pd_number_of_points                 ? 
_refine.pdbx_pd_meas_number_of_points            ? 
_refine.pdbx_pd_proc_ls_prof_R_factor            ? 
_refine.pdbx_pd_proc_ls_prof_wR_factor           ? 
_refine.pdbx_pd_Marquardt_correlation_coeff      ? 
_refine.pdbx_pd_Fsqrd_R_factor                   ? 
_refine.pdbx_pd_ls_matrix_band_width             ? 
_refine.pdbx_overall_phase_error                 ? 
_refine.pdbx_overall_SU_R_free_Cruickshank_DPI   ? 
_refine.pdbx_overall_SU_R_free_Blow_DPI          ? 
_refine.pdbx_overall_SU_R_Blow_DPI               ? 
_refine.pdbx_TLS_residual_ADP_flag               ? 
_refine.pdbx_diffrn_id                           1 
_refine.overall_SU_B                             ? 
_refine.overall_SU_ML                            ? 
_refine.overall_SU_R_Cruickshank_DPI             ? 
_refine.overall_SU_R_free                        ? 
_refine.overall_FOM_free_R_set                   ? 
_refine.overall_FOM_work_R_set                   ? 
_refine.pdbx_average_fsc_overall                 ? 
_refine.pdbx_average_fsc_work                    ? 
_refine.pdbx_average_fsc_free                    ? 
# 
_refine_hist.pdbx_refine_id                   'X-RAY DIFFRACTION' 
_refine_hist.cycle_id                         final 
_refine_hist.details                          ? 
_refine_hist.d_res_high                       2.2600 
_refine_hist.d_res_low                        56.9000 
_refine_hist.number_atoms_solvent             43 
_refine_hist.number_atoms_total               1613 
_refine_hist.number_reflns_all                ? 
_refine_hist.number_reflns_obs                ? 
_refine_hist.number_reflns_R_free             ? 
_refine_hist.number_reflns_R_work             ? 
_refine_hist.R_factor_all                     ? 
_refine_hist.R_factor_obs                     ? 
_refine_hist.R_factor_R_free                  ? 
_refine_hist.R_factor_R_work                  ? 
_refine_hist.pdbx_number_residues_total       193 
_refine_hist.pdbx_B_iso_mean_ligand           52.66 
_refine_hist.pdbx_B_iso_mean_solvent          48.04 
_refine_hist.pdbx_number_atoms_protein        1546 
_refine_hist.pdbx_number_atoms_nucleic_acid   0 
_refine_hist.pdbx_number_atoms_ligand         24 
_refine_hist.pdbx_number_atoms_lipid          ? 
_refine_hist.pdbx_number_atoms_carb           ? 
_refine_hist.pdbx_pseudo_atom_details         ? 
# 
loop_
_refine_ls_restr.pdbx_refine_id 
_refine_ls_restr.criterion 
_refine_ls_restr.dev_ideal 
_refine_ls_restr.dev_ideal_target 
_refine_ls_restr.number 
_refine_ls_restr.rejects 
_refine_ls_restr.type 
_refine_ls_restr.weight 
_refine_ls_restr.pdbx_restraint_function 
'X-RAY DIFFRACTION' ? 0.014  0.013  1637 ? r_bond_refined_d       ? ? 
'X-RAY DIFFRACTION' ? 0.035  0.017  1471 ? r_bond_other_d         ? ? 
'X-RAY DIFFRACTION' ? 2.019  1.658  2221 ? r_angle_refined_deg    ? ? 
'X-RAY DIFFRACTION' ? 3.068  1.600  3406 ? r_angle_other_deg      ? ? 
'X-RAY DIFFRACTION' ? 9.582  5.000  195  ? r_dihedral_angle_1_deg ? ? 
'X-RAY DIFFRACTION' ? 34.244 22.045 88   ? r_dihedral_angle_2_deg ? ? 
'X-RAY DIFFRACTION' ? 16.744 15.000 262  ? r_dihedral_angle_3_deg ? ? 
'X-RAY DIFFRACTION' ? 18.963 15.000 10   ? r_dihedral_angle_4_deg ? ? 
'X-RAY DIFFRACTION' ? 0.088  0.200  199  ? r_chiral_restr         ? ? 
'X-RAY DIFFRACTION' ? 0.012  0.020  1848 ? r_gen_planes_refined   ? ? 
'X-RAY DIFFRACTION' ? 0.017  0.020  366  ? r_gen_planes_other     ? ? 
'X-RAY DIFFRACTION' ? 3.644  4.285  780  ? r_mcbond_it            ? ? 
'X-RAY DIFFRACTION' ? 3.644  4.285  779  ? r_mcbond_other         ? ? 
'X-RAY DIFFRACTION' ? 5.627  6.416  975  ? r_mcangle_it           ? ? 
# 
_refine_ls_shell.pdbx_refine_id                   'X-RAY DIFFRACTION' 
_refine_ls_shell.d_res_high                       2.2600 
_refine_ls_shell.d_res_low                        2.3190 
_refine_ls_shell.number_reflns_all                988 
_refine_ls_shell.number_reflns_obs                ? 
_refine_ls_shell.number_reflns_R_free             54 
_refine_ls_shell.number_reflns_R_work             934 
_refine_ls_shell.percent_reflns_obs               88.6100 
_refine_ls_shell.percent_reflns_R_free            ? 
_refine_ls_shell.R_factor_all                     ? 
_refine_ls_shell.R_factor_obs                     ? 
_refine_ls_shell.R_factor_R_free                  0.3410 
_refine_ls_shell.R_factor_R_free_error            ? 
_refine_ls_shell.R_factor_R_work                  0.3400 
_refine_ls_shell.redundancy_reflns_all            ? 
_refine_ls_shell.redundancy_reflns_obs            ? 
_refine_ls_shell.wR_factor_all                    ? 
_refine_ls_shell.wR_factor_obs                    ? 
_refine_ls_shell.wR_factor_R_free                 ? 
_refine_ls_shell.wR_factor_R_work                 ? 
_refine_ls_shell.pdbx_total_number_of_bins_used   20 
_refine_ls_shell.pdbx_phase_error                 ? 
_refine_ls_shell.pdbx_fsc_work                    ? 
_refine_ls_shell.pdbx_fsc_free                    ? 
# 
_struct.entry_id                     6RW2 
_struct.title                        'Bicycle Toxin Conjugate bound to EphA2' 
_struct.pdbx_model_details           ? 
_struct.pdbx_formula_weight          ? 
_struct.pdbx_formula_weight_method   ? 
_struct.pdbx_model_type_details      ? 
_struct.pdbx_CASP_flag               N 
# 
_struct_keywords.entry_id        6RW2 
_struct_keywords.text            'EphA2, inhibitor, complex, SIGNALING PROTEIN' 
_struct_keywords.pdbx_keywords   'SIGNALING PROTEIN' 
# 
loop_
_struct_asym.id 
_struct_asym.pdbx_blank_PDB_chainid_flag 
_struct_asym.pdbx_modified 
_struct_asym.entity_id 
_struct_asym.details 
A N N 1 ? 
B N N 2 ? 
C N N 3 ? 
D N N 4 ? 
E N N 5 ? 
F N N 5 ? 
# 
loop_
_struct_ref.id 
_struct_ref.db_name 
_struct_ref.db_code 
_struct_ref.pdbx_db_accession 
_struct_ref.pdbx_db_isoform 
_struct_ref.entity_id 
_struct_ref.pdbx_seq_one_letter_code 
_struct_ref.pdbx_align_begin 
1 UNP EPHA2_HUMAN P29317 ? 1 
;KEVVLLDFAAAGGELGWLTHPYGKGWDLMQNIMNDMPIYMYSVCNVMSGDQDNWLRTNWVYRGEAERIFIELKFTVRDCN
SFPGGASSCKETFNLYYAESDLDYGTNFQKRLFTKIDTIAPDEITVSSDFEARHVKLNVEERSVGPLTRKGFYLAFQDIG
ACVALLSVRVYYKKC
;
27 
2 PDB 6RW2        6RW2   ? 2 ? 1  
# 
loop_
_struct_ref_seq.align_id 
_struct_ref_seq.ref_id 
_struct_ref_seq.pdbx_PDB_id_code 
_struct_ref_seq.pdbx_strand_id 
_struct_ref_seq.seq_align_beg 
_struct_ref_seq.pdbx_seq_align_beg_ins_code 
_struct_ref_seq.seq_align_end 
_struct_ref_seq.pdbx_seq_align_end_ins_code 
_struct_ref_seq.pdbx_db_accession 
_struct_ref_seq.db_align_beg 
_struct_ref_seq.pdbx_db_align_beg_ins_code 
_struct_ref_seq.db_align_end 
_struct_ref_seq.pdbx_db_align_end_ins_code 
_struct_ref_seq.pdbx_auth_seq_align_beg 
_struct_ref_seq.pdbx_auth_seq_align_end 
1 1 6RW2 A 19 ? 193 ? P29317 27 ? 201 ? 27 201 
2 2 6RW2 B 1  ? 18  ? 6RW2   -1 ? 16  ? -1 16  
# 
loop_
_struct_ref_seq_dif.align_id 
_struct_ref_seq_dif.pdbx_pdb_id_code 
_struct_ref_seq_dif.mon_id 
_struct_ref_seq_dif.pdbx_pdb_strand_id 
_struct_ref_seq_dif.seq_num 
_struct_ref_seq_dif.pdbx_pdb_ins_code 
_struct_ref_seq_dif.pdbx_seq_db_name 
_struct_ref_seq_dif.pdbx_seq_db_accession_code 
_struct_ref_seq_dif.db_mon_id 
_struct_ref_seq_dif.pdbx_seq_db_seq_num 
_struct_ref_seq_dif.details 
_struct_ref_seq_dif.pdbx_auth_seq_num 
_struct_ref_seq_dif.pdbx_ordinal 
1 6RW2 ALA A 1  ? UNP P29317 ? ? 'expression tag' 9  1  
1 6RW2 SER A 2  ? UNP P29317 ? ? 'expression tag' 10 2  
1 6RW2 ARG A 3  ? UNP P29317 ? ? 'expression tag' 11 3  
1 6RW2 GLY A 4  ? UNP P29317 ? ? 'expression tag' 12 4  
1 6RW2 SER A 5  ? UNP P29317 ? ? 'expression tag' 13 5  
1 6RW2 HIS A 6  ? UNP P29317 ? ? 'expression tag' 14 6  
1 6RW2 HIS A 7  ? UNP P29317 ? ? 'expression tag' 15 7  
1 6RW2 HIS A 8  ? UNP P29317 ? ? 'expression tag' 16 8  
1 6RW2 HIS A 9  ? UNP P29317 ? ? 'expression tag' 17 9  
1 6RW2 HIS A 10 ? UNP P29317 ? ? 'expression tag' 18 10 
1 6RW2 HIS A 11 ? UNP P29317 ? ? 'expression tag' 19 11 
1 6RW2 GLY A 12 ? UNP P29317 ? ? 'expression tag' 20 12 
1 6RW2 ALA A 13 ? UNP P29317 ? ? 'expression tag' 21 13 
1 6RW2 SER A 14 ? UNP P29317 ? ? 'expression tag' 22 14 
1 6RW2 ASP A 15 ? UNP P29317 ? ? 'expression tag' 23 15 
1 6RW2 ASP A 16 ? UNP P29317 ? ? 'expression tag' 24 16 
1 6RW2 ASP A 17 ? UNP P29317 ? ? 'expression tag' 25 17 
1 6RW2 ASP A 18 ? UNP P29317 ? ? 'expression tag' 26 18 
# 
_pdbx_struct_assembly.id                   1 
_pdbx_struct_assembly.details              author_and_software_defined_assembly 
_pdbx_struct_assembly.method_details       PISA 
_pdbx_struct_assembly.oligomeric_details   dimeric 
_pdbx_struct_assembly.oligomeric_count     2 
# 
loop_
_pdbx_struct_assembly_prop.biol_id 
_pdbx_struct_assembly_prop.type 
_pdbx_struct_assembly_prop.value 
_pdbx_struct_assembly_prop.details 
1 'ABSA (A^2)' 2050 ? 
1 MORE         -15  ? 
1 'SSA (A^2)'  9810 ? 
# 
_pdbx_struct_assembly_gen.assembly_id       1 
_pdbx_struct_assembly_gen.oper_expression   1 
_pdbx_struct_assembly_gen.asym_id_list      A,B,C,D,E,F 
# 
_pdbx_struct_assembly_auth_evidence.id                     1 
_pdbx_struct_assembly_auth_evidence.assembly_id            1 
_pdbx_struct_assembly_auth_evidence.experimental_support   'gel filtration' 
_pdbx_struct_assembly_auth_evidence.details                ? 
# 
_pdbx_struct_oper_list.id                   1 
_pdbx_struct_oper_list.type                 'identity operation' 
_pdbx_struct_oper_list.name                 1_555 
_pdbx_struct_oper_list.symmetry_operation   x,y,z 
_pdbx_struct_oper_list.matrix[1][1]         1.0000000000 
_pdbx_struct_oper_list.matrix[1][2]         0.0000000000 
_pdbx_struct_oper_list.matrix[1][3]         0.0000000000 
_pdbx_struct_oper_list.vector[1]            0.0000000000 
_pdbx_struct_oper_list.matrix[2][1]         0.0000000000 
_pdbx_struct_oper_list.matrix[2][2]         1.0000000000 
_pdbx_struct_oper_list.matrix[2][3]         0.0000000000 
_pdbx_struct_oper_list.vector[2]            0.0000000000 
_pdbx_struct_oper_list.matrix[3][1]         0.0000000000 
_pdbx_struct_oper_list.matrix[3][2]         0.0000000000 
_pdbx_struct_oper_list.matrix[3][3]         1.0000000000 
_pdbx_struct_oper_list.vector[3]            0.0000000000 
# 
loop_
_struct_conf.conf_type_id 
_struct_conf.id 
_struct_conf.pdbx_PDB_helix_id 
_struct_conf.beg_label_comp_id 
_struct_conf.beg_label_asym_id 
_struct_conf.beg_label_seq_id 
_struct_conf.pdbx_beg_PDB_ins_code 
_struct_conf.end_label_comp_id 
_struct_conf.end_label_asym_id 
_struct_conf.end_label_seq_id 
_struct_conf.pdbx_end_PDB_ins_code 
_struct_conf.beg_auth_comp_id 
_struct_conf.beg_auth_asym_id 
_struct_conf.beg_auth_seq_id 
_struct_conf.end_auth_comp_id 
_struct_conf.end_auth_asym_id 
_struct_conf.end_auth_seq_id 
_struct_conf.pdbx_PDB_helix_class 
_struct_conf.details 
_struct_conf.pdbx_PDB_helix_length 
HELX_P HELX_P1 AA1 ALA A 27  ? ALA A 29  ? ALA A 35  ALA A 37  5 ? 3 
HELX_P HELX_P2 AA2 CYS A 97  ? PHE A 100 ? CYS A 105 PHE A 108 5 ? 4 
HELX_P HELX_P3 AA3 GLN A 127 ? PHE A 131 ? GLN A 135 PHE A 139 5 ? 5 
HELX_P HELX_P4 AA4 VAL A 144 ? ALA A 150 ? VAL A 152 ALA A 158 1 ? 7 
HELX_P HELX_P5 AA5 ASN B 8   ? HIS B 13  ? ASN B 6   HIS B 11  5 ? 6 
# 
_struct_conf_type.id          HELX_P 
_struct_conf_type.criteria    ? 
_struct_conf_type.reference   ? 
# 
loop_
_struct_conn.id 
_struct_conn.conn_type_id 
_struct_conn.pdbx_leaving_atom_flag 
_struct_conn.pdbx_PDB_id 
_struct_conn.ptnr1_label_asym_id 
_struct_conn.ptnr1_label_comp_id 
_struct_conn.ptnr1_label_seq_id 
_struct_conn.ptnr1_label_atom_id 
_struct_conn.pdbx_ptnr1_label_alt_id 
_struct_conn.pdbx_ptnr1_PDB_ins_code 
_struct_conn.pdbx_ptnr1_standard_comp_id 
_struct_conn.ptnr1_symmetry 
_struct_conn.ptnr2_label_asym_id 
_struct_conn.ptnr2_label_comp_id 
_struct_conn.ptnr2_label_seq_id 
_struct_conn.ptnr2_label_atom_id 
_struct_conn.pdbx_ptnr2_label_alt_id 
_struct_conn.pdbx_ptnr2_PDB_ins_code 
_struct_conn.ptnr1_auth_asym_id 
_struct_conn.ptnr1_auth_comp_id 
_struct_conn.ptnr1_auth_seq_id 
_struct_conn.ptnr2_auth_asym_id 
_struct_conn.ptnr2_auth_comp_id 
_struct_conn.ptnr2_auth_seq_id 
_struct_conn.ptnr2_symmetry 
_struct_conn.pdbx_ptnr3_label_atom_id 
_struct_conn.pdbx_ptnr3_label_seq_id 
_struct_conn.pdbx_ptnr3_label_comp_id 
_struct_conn.pdbx_ptnr3_label_asym_id 
_struct_conn.pdbx_ptnr3_label_alt_id 
_struct_conn.pdbx_ptnr3_PDB_ins_code 
_struct_conn.details 
_struct_conn.pdbx_dist_value 
_struct_conn.pdbx_value_order 
_struct_conn.pdbx_role 
disulf1 disulf ?    ? A CYS 62  SG ? ? ? 1_555 A CYS 180 SG  ? ? A CYS 70  A CYS 188 1_555 ? ? ? ? ? ? ? 2.099 ? ? 
disulf2 disulf ?    ? A CYS 97  SG ? ? ? 1_555 A CYS 107 SG  ? ? A CYS 105 A CYS 115 1_555 ? ? ? ? ? ? ? 2.074 ? ? 
disulf3 disulf ?    ? A CYS 193 SG ? ? ? 1_555 A CYS 193 SG  ? ? A CYS 201 A CYS 201 3_555 ? ? ? ? ? ? ? 1.863 ? ? 
covale1 covale none ? B CYS 4   SG ? ? ? 1_555 D 29N .   C16 ? ? B CYS 2   B 29N 101 1_555 ? ? ? ? ? ? ? 1.754 ? ? 
covale2 covale none ? B CYS 11  SG ? ? ? 1_555 D 29N .   C25 ? ? B CYS 9   B 29N 101 1_555 ? ? ? ? ? ? ? 1.762 ? ? 
covale3 covale none ? B CYS 18  SG ? ? ? 1_555 D 29N .   C19 ? ? B CYS 16  B 29N 101 1_555 ? ? ? ? ? ? ? 1.776 ? ? 
# 
loop_
_struct_conn_type.id 
_struct_conn_type.criteria 
_struct_conn_type.reference 
disulf ? ? 
covale ? ? 
# 
loop_
_pdbx_modification_feature.ordinal 
_pdbx_modification_feature.label_comp_id 
_pdbx_modification_feature.label_asym_id 
_pdbx_modification_feature.label_seq_id 
_pdbx_modification_feature.label_alt_id 
_pdbx_modification_feature.modified_residue_label_comp_id 
_pdbx_modification_feature.modified_residue_label_asym_id 
_pdbx_modification_feature.modified_residue_label_seq_id 
_pdbx_modification_feature.modified_residue_label_alt_id 
_pdbx_modification_feature.auth_comp_id 
_pdbx_modification_feature.auth_asym_id 
_pdbx_modification_feature.auth_seq_id 
_pdbx_modification_feature.PDB_ins_code 
_pdbx_modification_feature.symmetry 
_pdbx_modification_feature.modified_residue_auth_comp_id 
_pdbx_modification_feature.modified_residue_auth_asym_id 
_pdbx_modification_feature.modified_residue_auth_seq_id 
_pdbx_modification_feature.modified_residue_PDB_ins_code 
_pdbx_modification_feature.modified_residue_symmetry 
_pdbx_modification_feature.comp_id_linking_atom 
_pdbx_modification_feature.modified_residue_id_linking_atom 
_pdbx_modification_feature.modified_residue_id 
_pdbx_modification_feature.ref_pcm_id 
_pdbx_modification_feature.ref_comp_id 
_pdbx_modification_feature.type 
_pdbx_modification_feature.category 
1 29N D .   ? CYS B 4   ? 29N B 101 ? 1_555 CYS B 2   ? 1_555 C16 SG CYS 1 29N None Crosslinker        
2 29N D .   ? CYS B 18  ? 29N B 101 ? 1_555 CYS B 16  ? 1_555 C19 SG CYS 2 29N None Crosslinker        
3 29N D .   ? CYS B 11  ? 29N B 101 ? 1_555 CYS B 9   ? 1_555 C25 SG CYS 3 29N None Crosslinker        
4 CYS A 62  ? CYS A 180 ? CYS A 70  ? 1_555 CYS A 188 ? 1_555 SG  SG .   . .   None 'Disulfide bridge' 
5 CYS A 97  ? CYS A 107 ? CYS A 105 ? 1_555 CYS A 115 ? 1_555 SG  SG .   . .   None 'Disulfide bridge' 
6 CYS A 193 ? CYS A 193 ? CYS A 201 ? 1_555 CYS A 201 ? 3_555 SG  SG .   . .   None 'Disulfide bridge' 
# 
loop_
_struct_mon_prot_cis.pdbx_id 
_struct_mon_prot_cis.label_comp_id 
_struct_mon_prot_cis.label_seq_id 
_struct_mon_prot_cis.label_asym_id 
_struct_mon_prot_cis.label_alt_id 
_struct_mon_prot_cis.pdbx_PDB_ins_code 
_struct_mon_prot_cis.auth_comp_id 
_struct_mon_prot_cis.auth_seq_id 
_struct_mon_prot_cis.auth_asym_id 
_struct_mon_prot_cis.pdbx_label_comp_id_2 
_struct_mon_prot_cis.pdbx_label_seq_id_2 
_struct_mon_prot_cis.pdbx_label_asym_id_2 
_struct_mon_prot_cis.pdbx_PDB_ins_code_2 
_struct_mon_prot_cis.pdbx_auth_comp_id_2 
_struct_mon_prot_cis.pdbx_auth_seq_id_2 
_struct_mon_prot_cis.pdbx_auth_asym_id_2 
_struct_mon_prot_cis.pdbx_PDB_model_num 
_struct_mon_prot_cis.pdbx_omega_angle 
1 HIS 38  A . ? HIS 46  A PRO 39  A ? PRO 47  A 1 1.21 
2 GLY 163 A . ? GLY 171 A PRO 164 A ? PRO 172 A 1 2.55 
# 
loop_
_struct_sheet.id 
_struct_sheet.type 
_struct_sheet.number_strands 
_struct_sheet.details 
AA1 ? 4 ? 
AA2 ? 5 ? 
AA3 ? 4 ? 
AA4 ? 5 ? 
# 
loop_
_struct_sheet_order.sheet_id 
_struct_sheet_order.range_id_1 
_struct_sheet_order.range_id_2 
_struct_sheet_order.offset 
_struct_sheet_order.sense 
AA1 1 2 ? anti-parallel 
AA1 2 3 ? anti-parallel 
AA1 3 4 ? parallel      
AA2 1 2 ? anti-parallel 
AA2 2 3 ? anti-parallel 
AA2 3 4 ? anti-parallel 
AA2 4 5 ? anti-parallel 
AA3 1 2 ? anti-parallel 
AA3 2 3 ? anti-parallel 
AA3 3 4 ? anti-parallel 
AA4 1 2 ? anti-parallel 
AA4 2 3 ? anti-parallel 
AA4 3 4 ? anti-parallel 
AA4 4 5 ? anti-parallel 
# 
loop_
_struct_sheet_range.sheet_id 
_struct_sheet_range.id 
_struct_sheet_range.beg_label_comp_id 
_struct_sheet_range.beg_label_asym_id 
_struct_sheet_range.beg_label_seq_id 
_struct_sheet_range.pdbx_beg_PDB_ins_code 
_struct_sheet_range.end_label_comp_id 
_struct_sheet_range.end_label_asym_id 
_struct_sheet_range.end_label_seq_id 
_struct_sheet_range.pdbx_end_PDB_ins_code 
_struct_sheet_range.beg_auth_comp_id 
_struct_sheet_range.beg_auth_asym_id 
_struct_sheet_range.beg_auth_seq_id 
_struct_sheet_range.end_auth_comp_id 
_struct_sheet_range.end_auth_asym_id 
_struct_sheet_range.end_auth_seq_id 
AA1 1 GLU A 20  ? ASP A 25  ? GLU A 28  ASP A 33  
AA1 2 CYS A 180 ? LYS A 191 ? CYS A 188 LYS A 199 
AA1 3 ILE A 86  ? ARG A 95  ? ILE A 94  ARG A 103 
AA1 4 ILE A 142 ? THR A 143 ? ILE A 150 THR A 151 
AA2 1 ASP A 45  ? MET A 51  ? ASP A 53  MET A 59  
AA2 2 MET A 54  ? CYS A 62  ? MET A 62  CYS A 70  
AA2 3 CYS A 180 ? LYS A 191 ? CYS A 188 LYS A 199 
AA2 4 ILE A 86  ? ARG A 95  ? ILE A 94  ARG A 103 
AA2 5 ASN A 156 ? VAL A 162 ? ASN A 164 VAL A 170 
AA3 1 LEU A 36  ? HIS A 38  ? LEU A 44  HIS A 46  
AA3 2 ASN A 71  ? ARG A 74  ? ASN A 79  ARG A 82  
AA3 3 GLY A 169 ? ASP A 176 ? GLY A 177 ASP A 184 
AA3 4 VAL A 78  ? TYR A 79  ? VAL A 86  TYR A 87  
AA4 1 LEU A 36  ? HIS A 38  ? LEU A 44  HIS A 46  
AA4 2 ASN A 71  ? ARG A 74  ? ASN A 79  ARG A 82  
AA4 3 GLY A 169 ? ASP A 176 ? GLY A 177 ASP A 184 
AA4 4 PHE A 111 ? SER A 118 ? PHE A 119 SER A 126 
AA4 5 THR A 132 ? ILE A 137 ? THR A 140 ILE A 145 
# 
loop_
_pdbx_struct_sheet_hbond.sheet_id 
_pdbx_struct_sheet_hbond.range_id_1 
_pdbx_struct_sheet_hbond.range_id_2 
_pdbx_struct_sheet_hbond.range_1_label_atom_id 
_pdbx_struct_sheet_hbond.range_1_label_comp_id 
_pdbx_struct_sheet_hbond.range_1_label_asym_id 
_pdbx_struct_sheet_hbond.range_1_label_seq_id 
_pdbx_struct_sheet_hbond.range_1_PDB_ins_code 
_pdbx_struct_sheet_hbond.range_1_auth_atom_id 
_pdbx_struct_sheet_hbond.range_1_auth_comp_id 
_pdbx_struct_sheet_hbond.range_1_auth_asym_id 
_pdbx_struct_sheet_hbond.range_1_auth_seq_id 
_pdbx_struct_sheet_hbond.range_2_label_atom_id 
_pdbx_struct_sheet_hbond.range_2_label_comp_id 
_pdbx_struct_sheet_hbond.range_2_label_asym_id 
_pdbx_struct_sheet_hbond.range_2_label_seq_id 
_pdbx_struct_sheet_hbond.range_2_PDB_ins_code 
_pdbx_struct_sheet_hbond.range_2_auth_atom_id 
_pdbx_struct_sheet_hbond.range_2_auth_comp_id 
_pdbx_struct_sheet_hbond.range_2_auth_asym_id 
_pdbx_struct_sheet_hbond.range_2_auth_seq_id 
AA1 1 2 N LEU A 23  ? N LEU A 31  O VAL A 188 ? O VAL A 196 
AA1 2 3 O ARG A 187 ? O ARG A 195 N GLU A 89  ? N GLU A 97  
AA1 3 4 N VAL A 94  ? N VAL A 102 O THR A 143 ? O THR A 151 
AA2 1 2 N MET A 47  ? N MET A 55  O MET A 58  ? O MET A 66  
AA2 2 3 N TYR A 59  ? N TYR A 67  O LEU A 183 ? O LEU A 191 
AA2 3 4 O ARG A 187 ? O ARG A 195 N GLU A 89  ? N GLU A 97  
AA2 4 5 N LEU A 90  ? N LEU A 98  O GLU A 158 ? O GLU A 166 
AA3 1 2 N HIS A 38  ? N HIS A 46  O TRP A 72  ? O TRP A 80  
AA3 2 3 N ASN A 71  ? N ASN A 79  O ASP A 176 ? O ASP A 184 
AA3 3 4 O PHE A 170 ? O PHE A 178 N VAL A 78  ? N VAL A 86  
AA4 1 2 N HIS A 38  ? N HIS A 46  O TRP A 72  ? O TRP A 80  
AA4 2 3 N ASN A 71  ? N ASN A 79  O ASP A 176 ? O ASP A 184 
AA4 3 4 O GLN A 175 ? O GLN A 183 N ASN A 112 ? N ASN A 120 
AA4 4 5 N TYR A 115 ? N TYR A 123 O THR A 132 ? O THR A 140 
# 
loop_
_struct_site.id 
_struct_site.pdbx_evidence_code 
_struct_site.pdbx_auth_asym_id 
_struct_site.pdbx_auth_comp_id 
_struct_site.pdbx_auth_seq_id 
_struct_site.pdbx_auth_ins_code 
_struct_site.pdbx_num_residues 
_struct_site.details 
AC1 Software A GOL 301 ? 4  'binding site for residue GOL A 301' 
AC2 Software B 29N 101 ? 10 'binding site for residue 29N B 101' 
# 
loop_
_struct_site_gen.id 
_struct_site_gen.site_id 
_struct_site_gen.pdbx_num_res 
_struct_site_gen.label_comp_id 
_struct_site_gen.label_asym_id 
_struct_site_gen.label_seq_id 
_struct_site_gen.pdbx_auth_ins_code 
_struct_site_gen.auth_comp_id 
_struct_site_gen.auth_asym_id 
_struct_site_gen.auth_seq_id 
_struct_site_gen.label_atom_id 
_struct_site_gen.label_alt_id 
_struct_site_gen.symmetry 
_struct_site_gen.details 
1  AC1 4  TYR A 79  ? TYR A 87  . ? 1_655 ? 
2  AC1 4  LYS A 108 ? LYS A 116 . ? 1_555 ? 
3  AC1 4  GLU A 109 ? GLU A 117 . ? 1_555 ? 
4  AC1 4  THR A 110 ? THR A 118 . ? 1_555 ? 
5  AC2 10 MET A 47  ? MET A 55  . ? 1_555 ? 
6  AC2 10 MET A 58  ? MET A 66  . ? 1_555 ? 
7  AC2 10 ARG B 2   ? ARG B 0   . ? 1_555 ? 
8  AC2 10 CYS B 4   ? CYS B 2   . ? 1_555 ? 
9  AC2 10 PRO B 5   ? PRO B 3   . ? 1_555 ? 
10 AC2 10 LEU B 6   ? LEU B 4   . ? 1_555 ? 
11 AC2 10 VAL B 7   ? VAL B 5   . ? 1_555 ? 
12 AC2 10 CYS B 11  ? CYS B 9   . ? 1_555 ? 
13 AC2 10 TRP B 16  ? TRP B 14  . ? 1_555 ? 
14 AC2 10 CYS B 18  ? CYS B 16  . ? 1_555 ? 
# 
_pdbx_entry_details.entry_id                   6RW2 
_pdbx_entry_details.compound_details           ? 
_pdbx_entry_details.source_details             ? 
_pdbx_entry_details.nonpolymer_details         ? 
_pdbx_entry_details.sequence_details           ? 
_pdbx_entry_details.has_ligand_of_interest     ? 
_pdbx_entry_details.has_protein_modification   Y 
# 
_pdbx_validate_close_contact.id               1 
_pdbx_validate_close_contact.PDB_model_num    1 
_pdbx_validate_close_contact.auth_atom_id_1   O 
_pdbx_validate_close_contact.auth_asym_id_1   A 
_pdbx_validate_close_contact.auth_comp_id_1   GLY 
_pdbx_validate_close_contact.auth_seq_id_1    49 
_pdbx_validate_close_contact.PDB_ins_code_1   ? 
_pdbx_validate_close_contact.label_alt_id_1   ? 
_pdbx_validate_close_contact.auth_atom_id_2   O 
_pdbx_validate_close_contact.auth_asym_id_2   A 
_pdbx_validate_close_contact.auth_comp_id_2   HOH 
_pdbx_validate_close_contact.auth_seq_id_2    401 
_pdbx_validate_close_contact.PDB_ins_code_2   ? 
_pdbx_validate_close_contact.label_alt_id_2   ? 
_pdbx_validate_close_contact.dist             2.00 
# 
_pdbx_validate_rmsd_angle.id                         1 
_pdbx_validate_rmsd_angle.PDB_model_num              1 
_pdbx_validate_rmsd_angle.auth_atom_id_1             CB 
_pdbx_validate_rmsd_angle.auth_asym_id_1             A 
_pdbx_validate_rmsd_angle.auth_comp_id_1             ASN 
_pdbx_validate_rmsd_angle.auth_seq_id_1              133 
_pdbx_validate_rmsd_angle.PDB_ins_code_1             ? 
_pdbx_validate_rmsd_angle.label_alt_id_1             ? 
_pdbx_validate_rmsd_angle.auth_atom_id_2             CA 
_pdbx_validate_rmsd_angle.auth_asym_id_2             A 
_pdbx_validate_rmsd_angle.auth_comp_id_2             ASN 
_pdbx_validate_rmsd_angle.auth_seq_id_2              133 
_pdbx_validate_rmsd_angle.PDB_ins_code_2             ? 
_pdbx_validate_rmsd_angle.label_alt_id_2             ? 
_pdbx_validate_rmsd_angle.auth_atom_id_3             C 
_pdbx_validate_rmsd_angle.auth_asym_id_3             A 
_pdbx_validate_rmsd_angle.auth_comp_id_3             ASN 
_pdbx_validate_rmsd_angle.auth_seq_id_3              133 
_pdbx_validate_rmsd_angle.PDB_ins_code_3             ? 
_pdbx_validate_rmsd_angle.label_alt_id_3             ? 
_pdbx_validate_rmsd_angle.angle_value                123.28 
_pdbx_validate_rmsd_angle.angle_target_value         110.40 
_pdbx_validate_rmsd_angle.angle_deviation            12.88 
_pdbx_validate_rmsd_angle.angle_standard_deviation   2.00 
_pdbx_validate_rmsd_angle.linker_flag                N 
# 
loop_
_pdbx_validate_torsion.id 
_pdbx_validate_torsion.PDB_model_num 
_pdbx_validate_torsion.auth_comp_id 
_pdbx_validate_torsion.auth_asym_id 
_pdbx_validate_torsion.auth_seq_id 
_pdbx_validate_torsion.PDB_ins_code 
_pdbx_validate_torsion.label_alt_id 
_pdbx_validate_torsion.phi 
_pdbx_validate_torsion.psi 
1 1 TYR A 48 ? ? 44.90   -94.59 
2 1 CYS A 70 ? ? -154.05 57.18  
3 1 ARG B 0  ? ? 21.56   93.00  
# 
loop_
_pdbx_validate_peptide_omega.id 
_pdbx_validate_peptide_omega.PDB_model_num 
_pdbx_validate_peptide_omega.auth_comp_id_1 
_pdbx_validate_peptide_omega.auth_asym_id_1 
_pdbx_validate_peptide_omega.auth_seq_id_1 
_pdbx_validate_peptide_omega.PDB_ins_code_1 
_pdbx_validate_peptide_omega.label_alt_id_1 
_pdbx_validate_peptide_omega.auth_comp_id_2 
_pdbx_validate_peptide_omega.auth_asym_id_2 
_pdbx_validate_peptide_omega.auth_seq_id_2 
_pdbx_validate_peptide_omega.PDB_ins_code_2 
_pdbx_validate_peptide_omega.label_alt_id_2 
_pdbx_validate_peptide_omega.omega 
1 1 PRO A 47 ? ? TYR A 48 ? ? 147.18 
2 1 GLY A 49 ? ? LYS A 50 ? ? 141.31 
# 
loop_
_pdbx_unobs_or_zero_occ_residues.id 
_pdbx_unobs_or_zero_occ_residues.PDB_model_num 
_pdbx_unobs_or_zero_occ_residues.polymer_flag 
_pdbx_unobs_or_zero_occ_residues.occupancy_flag 
_pdbx_unobs_or_zero_occ_residues.auth_asym_id 
_pdbx_unobs_or_zero_occ_residues.auth_comp_id 
_pdbx_unobs_or_zero_occ_residues.auth_seq_id 
_pdbx_unobs_or_zero_occ_residues.PDB_ins_code 
_pdbx_unobs_or_zero_occ_residues.label_asym_id 
_pdbx_unobs_or_zero_occ_residues.label_comp_id 
_pdbx_unobs_or_zero_occ_residues.label_seq_id 
1  1 Y 1 A ALA 9  ? A ALA 1  
2  1 Y 1 A SER 10 ? A SER 2  
3  1 Y 1 A ARG 11 ? A ARG 3  
4  1 Y 1 A GLY 12 ? A GLY 4  
5  1 Y 1 A SER 13 ? A SER 5  
6  1 Y 1 A HIS 14 ? A HIS 6  
7  1 Y 1 A HIS 15 ? A HIS 7  
8  1 Y 1 A HIS 16 ? A HIS 8  
9  1 Y 1 A HIS 17 ? A HIS 9  
10 1 Y 1 A HIS 18 ? A HIS 10 
11 1 Y 1 A HIS 19 ? A HIS 11 
12 1 Y 1 A GLY 20 ? A GLY 12 
13 1 Y 1 A ALA 21 ? A ALA 13 
14 1 Y 1 A SER 22 ? A SER 14 
15 1 Y 1 A ASP 23 ? A ASP 15 
16 1 Y 1 A ASP 24 ? A ASP 16 
17 1 Y 1 A ASP 25 ? A ASP 17 
18 1 Y 1 A ASP 26 ? A ASP 18 
# 
loop_
_chem_comp_atom.comp_id 
_chem_comp_atom.atom_id 
_chem_comp_atom.type_symbol 
_chem_comp_atom.pdbx_aromatic_flag 
_chem_comp_atom.pdbx_stereo_config 
_chem_comp_atom.pdbx_ordinal 
29N N1   N N N 1   
29N C2   C N N 2   
29N N3   N N N 3   
29N C4   C N N 4   
29N N5   N N N 5   
29N C6   C N N 6   
29N C7   C N N 7   
29N C8   C N N 8   
29N O9   O N N 9   
29N C10  C N N 10  
29N C11  C N N 11  
29N O12  O N N 12  
29N C13  C N N 13  
29N C14  C N N 14  
29N O15  O N N 15  
29N C16  C N N 16  
29N C19  C N N 17  
29N C25  C N N 18  
29N H1   H N N 19  
29N H2   H N N 20  
29N H3   H N N 21  
29N H4   H N N 22  
29N H5   H N N 23  
29N H6   H N N 24  
29N H7   H N N 25  
29N H8   H N N 26  
29N H9   H N N 27  
29N H10  H N N 28  
29N H11  H N N 29  
29N H12  H N N 30  
29N H13  H N N 31  
29N H14  H N N 32  
29N H15  H N N 33  
29N H16  H N N 34  
29N H17  H N N 35  
29N H18  H N N 36  
29N H19  H N N 37  
29N H20  H N N 38  
29N H21  H N N 39  
ALA N    N N N 40  
ALA CA   C N S 41  
ALA C    C N N 42  
ALA O    O N N 43  
ALA CB   C N N 44  
ALA OXT  O N N 45  
ALA H    H N N 46  
ALA H2   H N N 47  
ALA HA   H N N 48  
ALA HB1  H N N 49  
ALA HB2  H N N 50  
ALA HB3  H N N 51  
ALA HXT  H N N 52  
ARG N    N N N 53  
ARG CA   C N S 54  
ARG C    C N N 55  
ARG O    O N N 56  
ARG CB   C N N 57  
ARG CG   C N N 58  
ARG CD   C N N 59  
ARG NE   N N N 60  
ARG CZ   C N N 61  
ARG NH1  N N N 62  
ARG NH2  N N N 63  
ARG OXT  O N N 64  
ARG H    H N N 65  
ARG H2   H N N 66  
ARG HA   H N N 67  
ARG HB2  H N N 68  
ARG HB3  H N N 69  
ARG HG2  H N N 70  
ARG HG3  H N N 71  
ARG HD2  H N N 72  
ARG HD3  H N N 73  
ARG HE   H N N 74  
ARG HH11 H N N 75  
ARG HH12 H N N 76  
ARG HH21 H N N 77  
ARG HH22 H N N 78  
ARG HXT  H N N 79  
ASN N    N N N 80  
ASN CA   C N S 81  
ASN C    C N N 82  
ASN O    O N N 83  
ASN CB   C N N 84  
ASN CG   C N N 85  
ASN OD1  O N N 86  
ASN ND2  N N N 87  
ASN OXT  O N N 88  
ASN H    H N N 89  
ASN H2   H N N 90  
ASN HA   H N N 91  
ASN HB2  H N N 92  
ASN HB3  H N N 93  
ASN HD21 H N N 94  
ASN HD22 H N N 95  
ASN HXT  H N N 96  
ASP N    N N N 97  
ASP CA   C N S 98  
ASP C    C N N 99  
ASP O    O N N 100 
ASP CB   C N N 101 
ASP CG   C N N 102 
ASP OD1  O N N 103 
ASP OD2  O N N 104 
ASP OXT  O N N 105 
ASP H    H N N 106 
ASP H2   H N N 107 
ASP HA   H N N 108 
ASP HB2  H N N 109 
ASP HB3  H N N 110 
ASP HD2  H N N 111 
ASP HXT  H N N 112 
CYS N    N N N 113 
CYS CA   C N R 114 
CYS C    C N N 115 
CYS O    O N N 116 
CYS CB   C N N 117 
CYS SG   S N N 118 
CYS OXT  O N N 119 
CYS H    H N N 120 
CYS H2   H N N 121 
CYS HA   H N N 122 
CYS HB2  H N N 123 
CYS HB3  H N N 124 
CYS HG   H N N 125 
CYS HXT  H N N 126 
GLN N    N N N 127 
GLN CA   C N S 128 
GLN C    C N N 129 
GLN O    O N N 130 
GLN CB   C N N 131 
GLN CG   C N N 132 
GLN CD   C N N 133 
GLN OE1  O N N 134 
GLN NE2  N N N 135 
GLN OXT  O N N 136 
GLN H    H N N 137 
GLN H2   H N N 138 
GLN HA   H N N 139 
GLN HB2  H N N 140 
GLN HB3  H N N 141 
GLN HG2  H N N 142 
GLN HG3  H N N 143 
GLN HE21 H N N 144 
GLN HE22 H N N 145 
GLN HXT  H N N 146 
GLU N    N N N 147 
GLU CA   C N S 148 
GLU C    C N N 149 
GLU O    O N N 150 
GLU CB   C N N 151 
GLU CG   C N N 152 
GLU CD   C N N 153 
GLU OE1  O N N 154 
GLU OE2  O N N 155 
GLU OXT  O N N 156 
GLU H    H N N 157 
GLU H2   H N N 158 
GLU HA   H N N 159 
GLU HB2  H N N 160 
GLU HB3  H N N 161 
GLU HG2  H N N 162 
GLU HG3  H N N 163 
GLU HE2  H N N 164 
GLU HXT  H N N 165 
GLY N    N N N 166 
GLY CA   C N N 167 
GLY C    C N N 168 
GLY O    O N N 169 
GLY OXT  O N N 170 
GLY H    H N N 171 
GLY H2   H N N 172 
GLY HA2  H N N 173 
GLY HA3  H N N 174 
GLY HXT  H N N 175 
GOL C1   C N N 176 
GOL O1   O N N 177 
GOL C2   C N N 178 
GOL O2   O N N 179 
GOL C3   C N N 180 
GOL O3   O N N 181 
GOL H11  H N N 182 
GOL H12  H N N 183 
GOL HO1  H N N 184 
GOL H2   H N N 185 
GOL HO2  H N N 186 
GOL H31  H N N 187 
GOL H32  H N N 188 
GOL HO3  H N N 189 
HIS N    N N N 190 
HIS CA   C N S 191 
HIS C    C N N 192 
HIS O    O N N 193 
HIS CB   C N N 194 
HIS CG   C Y N 195 
HIS ND1  N Y N 196 
HIS CD2  C Y N 197 
HIS CE1  C Y N 198 
HIS NE2  N Y N 199 
HIS OXT  O N N 200 
HIS H    H N N 201 
HIS H2   H N N 202 
HIS HA   H N N 203 
HIS HB2  H N N 204 
HIS HB3  H N N 205 
HIS HD1  H N N 206 
HIS HD2  H N N 207 
HIS HE1  H N N 208 
HIS HE2  H N N 209 
HIS HXT  H N N 210 
HOH O    O N N 211 
HOH H1   H N N 212 
HOH H2   H N N 213 
ILE N    N N N 214 
ILE CA   C N S 215 
ILE C    C N N 216 
ILE O    O N N 217 
ILE CB   C N S 218 
ILE CG1  C N N 219 
ILE CG2  C N N 220 
ILE CD1  C N N 221 
ILE OXT  O N N 222 
ILE H    H N N 223 
ILE H2   H N N 224 
ILE HA   H N N 225 
ILE HB   H N N 226 
ILE HG12 H N N 227 
ILE HG13 H N N 228 
ILE HG21 H N N 229 
ILE HG22 H N N 230 
ILE HG23 H N N 231 
ILE HD11 H N N 232 
ILE HD12 H N N 233 
ILE HD13 H N N 234 
ILE HXT  H N N 235 
LEU N    N N N 236 
LEU CA   C N S 237 
LEU C    C N N 238 
LEU O    O N N 239 
LEU CB   C N N 240 
LEU CG   C N N 241 
LEU CD1  C N N 242 
LEU CD2  C N N 243 
LEU OXT  O N N 244 
LEU H    H N N 245 
LEU H2   H N N 246 
LEU HA   H N N 247 
LEU HB2  H N N 248 
LEU HB3  H N N 249 
LEU HG   H N N 250 
LEU HD11 H N N 251 
LEU HD12 H N N 252 
LEU HD13 H N N 253 
LEU HD21 H N N 254 
LEU HD22 H N N 255 
LEU HD23 H N N 256 
LEU HXT  H N N 257 
LYS N    N N N 258 
LYS CA   C N S 259 
LYS C    C N N 260 
LYS O    O N N 261 
LYS CB   C N N 262 
LYS CG   C N N 263 
LYS CD   C N N 264 
LYS CE   C N N 265 
LYS NZ   N N N 266 
LYS OXT  O N N 267 
LYS H    H N N 268 
LYS H2   H N N 269 
LYS HA   H N N 270 
LYS HB2  H N N 271 
LYS HB3  H N N 272 
LYS HG2  H N N 273 
LYS HG3  H N N 274 
LYS HD2  H N N 275 
LYS HD3  H N N 276 
LYS HE2  H N N 277 
LYS HE3  H N N 278 
LYS HZ1  H N N 279 
LYS HZ2  H N N 280 
LYS HZ3  H N N 281 
LYS HXT  H N N 282 
MET N    N N N 283 
MET CA   C N S 284 
MET C    C N N 285 
MET O    O N N 286 
MET CB   C N N 287 
MET CG   C N N 288 
MET SD   S N N 289 
MET CE   C N N 290 
MET OXT  O N N 291 
MET H    H N N 292 
MET H2   H N N 293 
MET HA   H N N 294 
MET HB2  H N N 295 
MET HB3  H N N 296 
MET HG2  H N N 297 
MET HG3  H N N 298 
MET HE1  H N N 299 
MET HE2  H N N 300 
MET HE3  H N N 301 
MET HXT  H N N 302 
PHE N    N N N 303 
PHE CA   C N S 304 
PHE C    C N N 305 
PHE O    O N N 306 
PHE CB   C N N 307 
PHE CG   C Y N 308 
PHE CD1  C Y N 309 
PHE CD2  C Y N 310 
PHE CE1  C Y N 311 
PHE CE2  C Y N 312 
PHE CZ   C Y N 313 
PHE OXT  O N N 314 
PHE H    H N N 315 
PHE H2   H N N 316 
PHE HA   H N N 317 
PHE HB2  H N N 318 
PHE HB3  H N N 319 
PHE HD1  H N N 320 
PHE HD2  H N N 321 
PHE HE1  H N N 322 
PHE HE2  H N N 323 
PHE HZ   H N N 324 
PHE HXT  H N N 325 
PRO N    N N N 326 
PRO CA   C N S 327 
PRO C    C N N 328 
PRO O    O N N 329 
PRO CB   C N N 330 
PRO CG   C N N 331 
PRO CD   C N N 332 
PRO OXT  O N N 333 
PRO H    H N N 334 
PRO HA   H N N 335 
PRO HB2  H N N 336 
PRO HB3  H N N 337 
PRO HG2  H N N 338 
PRO HG3  H N N 339 
PRO HD2  H N N 340 
PRO HD3  H N N 341 
PRO HXT  H N N 342 
SER N    N N N 343 
SER CA   C N S 344 
SER C    C N N 345 
SER O    O N N 346 
SER CB   C N N 347 
SER OG   O N N 348 
SER OXT  O N N 349 
SER H    H N N 350 
SER H2   H N N 351 
SER HA   H N N 352 
SER HB2  H N N 353 
SER HB3  H N N 354 
SER HG   H N N 355 
SER HXT  H N N 356 
THR N    N N N 357 
THR CA   C N S 358 
THR C    C N N 359 
THR O    O N N 360 
THR CB   C N R 361 
THR OG1  O N N 362 
THR CG2  C N N 363 
THR OXT  O N N 364 
THR H    H N N 365 
THR H2   H N N 366 
THR HA   H N N 367 
THR HB   H N N 368 
THR HG1  H N N 369 
THR HG21 H N N 370 
THR HG22 H N N 371 
THR HG23 H N N 372 
THR HXT  H N N 373 
TRP N    N N N 374 
TRP CA   C N S 375 
TRP C    C N N 376 
TRP O    O N N 377 
TRP CB   C N N 378 
TRP CG   C Y N 379 
TRP CD1  C Y N 380 
TRP CD2  C Y N 381 
TRP NE1  N Y N 382 
TRP CE2  C Y N 383 
TRP CE3  C Y N 384 
TRP CZ2  C Y N 385 
TRP CZ3  C Y N 386 
TRP CH2  C Y N 387 
TRP OXT  O N N 388 
TRP H    H N N 389 
TRP H2   H N N 390 
TRP HA   H N N 391 
TRP HB2  H N N 392 
TRP HB3  H N N 393 
TRP HD1  H N N 394 
TRP HE1  H N N 395 
TRP HE3  H N N 396 
TRP HZ2  H N N 397 
TRP HZ3  H N N 398 
TRP HH2  H N N 399 
TRP HXT  H N N 400 
TYR N    N N N 401 
TYR CA   C N S 402 
TYR C    C N N 403 
TYR O    O N N 404 
TYR CB   C N N 405 
TYR CG   C Y N 406 
TYR CD1  C Y N 407 
TYR CD2  C Y N 408 
TYR CE1  C Y N 409 
TYR CE2  C Y N 410 
TYR CZ   C Y N 411 
TYR OH   O N N 412 
TYR OXT  O N N 413 
TYR H    H N N 414 
TYR H2   H N N 415 
TYR HA   H N N 416 
TYR HB2  H N N 417 
TYR HB3  H N N 418 
TYR HD1  H N N 419 
TYR HD2  H N N 420 
TYR HE1  H N N 421 
TYR HE2  H N N 422 
TYR HH   H N N 423 
TYR HXT  H N N 424 
VAL N    N N N 425 
VAL CA   C N S 426 
VAL C    C N N 427 
VAL O    O N N 428 
VAL CB   C N N 429 
VAL CG1  C N N 430 
VAL CG2  C N N 431 
VAL OXT  O N N 432 
VAL H    H N N 433 
VAL H2   H N N 434 
VAL HA   H N N 435 
VAL HB   H N N 436 
VAL HG11 H N N 437 
VAL HG12 H N N 438 
VAL HG13 H N N 439 
VAL HG21 H N N 440 
VAL HG22 H N N 441 
VAL HG23 H N N 442 
VAL HXT  H N N 443 
# 
loop_
_chem_comp_bond.comp_id 
_chem_comp_bond.atom_id_1 
_chem_comp_bond.atom_id_2 
_chem_comp_bond.value_order 
_chem_comp_bond.pdbx_aromatic_flag 
_chem_comp_bond.pdbx_stereo_config 
_chem_comp_bond.pdbx_ordinal 
29N C25 C14  sing N N 1   
29N O15 C13  doub N N 2   
29N C14 C13  sing N N 3   
29N C13 N3   sing N N 4   
29N C16 C8   sing N N 5   
29N C8  C7   sing N N 6   
29N N3  C2   sing N N 7   
29N N3  C4   sing N N 8   
29N C2  N1   sing N N 9   
29N C7  N1   sing N N 10  
29N C7  O9   doub N N 11  
29N N1  C6   sing N N 12  
29N C4  N5   sing N N 13  
29N C19 C11  sing N N 14  
29N N5  C6   sing N N 15  
29N N5  C10  sing N N 16  
29N C11 C10  sing N N 17  
29N C10 O12  doub N N 18  
29N C2  H1   sing N N 19  
29N C2  H2   sing N N 20  
29N C4  H3   sing N N 21  
29N C4  H4   sing N N 22  
29N C6  H5   sing N N 23  
29N C6  H6   sing N N 24  
29N C8  H7   sing N N 25  
29N C8  H8   sing N N 26  
29N C11 H9   sing N N 27  
29N C11 H10  sing N N 28  
29N C14 H11  sing N N 29  
29N C14 H12  sing N N 30  
29N C16 H13  sing N N 31  
29N C16 H14  sing N N 32  
29N C16 H15  sing N N 33  
29N C19 H16  sing N N 34  
29N C19 H17  sing N N 35  
29N C19 H18  sing N N 36  
29N C25 H19  sing N N 37  
29N C25 H20  sing N N 38  
29N C25 H21  sing N N 39  
ALA N   CA   sing N N 40  
ALA N   H    sing N N 41  
ALA N   H2   sing N N 42  
ALA CA  C    sing N N 43  
ALA CA  CB   sing N N 44  
ALA CA  HA   sing N N 45  
ALA C   O    doub N N 46  
ALA C   OXT  sing N N 47  
ALA CB  HB1  sing N N 48  
ALA CB  HB2  sing N N 49  
ALA CB  HB3  sing N N 50  
ALA OXT HXT  sing N N 51  
ARG N   CA   sing N N 52  
ARG N   H    sing N N 53  
ARG N   H2   sing N N 54  
ARG CA  C    sing N N 55  
ARG CA  CB   sing N N 56  
ARG CA  HA   sing N N 57  
ARG C   O    doub N N 58  
ARG C   OXT  sing N N 59  
ARG CB  CG   sing N N 60  
ARG CB  HB2  sing N N 61  
ARG CB  HB3  sing N N 62  
ARG CG  CD   sing N N 63  
ARG CG  HG2  sing N N 64  
ARG CG  HG3  sing N N 65  
ARG CD  NE   sing N N 66  
ARG CD  HD2  sing N N 67  
ARG CD  HD3  sing N N 68  
ARG NE  CZ   sing N N 69  
ARG NE  HE   sing N N 70  
ARG CZ  NH1  sing N N 71  
ARG CZ  NH2  doub N N 72  
ARG NH1 HH11 sing N N 73  
ARG NH1 HH12 sing N N 74  
ARG NH2 HH21 sing N N 75  
ARG NH2 HH22 sing N N 76  
ARG OXT HXT  sing N N 77  
ASN N   CA   sing N N 78  
ASN N   H    sing N N 79  
ASN N   H2   sing N N 80  
ASN CA  C    sing N N 81  
ASN CA  CB   sing N N 82  
ASN CA  HA   sing N N 83  
ASN C   O    doub N N 84  
ASN C   OXT  sing N N 85  
ASN CB  CG   sing N N 86  
ASN CB  HB2  sing N N 87  
ASN CB  HB3  sing N N 88  
ASN CG  OD1  doub N N 89  
ASN CG  ND2  sing N N 90  
ASN ND2 HD21 sing N N 91  
ASN ND2 HD22 sing N N 92  
ASN OXT HXT  sing N N 93  
ASP N   CA   sing N N 94  
ASP N   H    sing N N 95  
ASP N   H2   sing N N 96  
ASP CA  C    sing N N 97  
ASP CA  CB   sing N N 98  
ASP CA  HA   sing N N 99  
ASP C   O    doub N N 100 
ASP C   OXT  sing N N 101 
ASP CB  CG   sing N N 102 
ASP CB  HB2  sing N N 103 
ASP CB  HB3  sing N N 104 
ASP CG  OD1  doub N N 105 
ASP CG  OD2  sing N N 106 
ASP OD2 HD2  sing N N 107 
ASP OXT HXT  sing N N 108 
CYS N   CA   sing N N 109 
CYS N   H    sing N N 110 
CYS N   H2   sing N N 111 
CYS CA  C    sing N N 112 
CYS CA  CB   sing N N 113 
CYS CA  HA   sing N N 114 
CYS C   O    doub N N 115 
CYS C   OXT  sing N N 116 
CYS CB  SG   sing N N 117 
CYS CB  HB2  sing N N 118 
CYS CB  HB3  sing N N 119 
CYS SG  HG   sing N N 120 
CYS OXT HXT  sing N N 121 
GLN N   CA   sing N N 122 
GLN N   H    sing N N 123 
GLN N   H2   sing N N 124 
GLN CA  C    sing N N 125 
GLN CA  CB   sing N N 126 
GLN CA  HA   sing N N 127 
GLN C   O    doub N N 128 
GLN C   OXT  sing N N 129 
GLN CB  CG   sing N N 130 
GLN CB  HB2  sing N N 131 
GLN CB  HB3  sing N N 132 
GLN CG  CD   sing N N 133 
GLN CG  HG2  sing N N 134 
GLN CG  HG3  sing N N 135 
GLN CD  OE1  doub N N 136 
GLN CD  NE2  sing N N 137 
GLN NE2 HE21 sing N N 138 
GLN NE2 HE22 sing N N 139 
GLN OXT HXT  sing N N 140 
GLU N   CA   sing N N 141 
GLU N   H    sing N N 142 
GLU N   H2   sing N N 143 
GLU CA  C    sing N N 144 
GLU CA  CB   sing N N 145 
GLU CA  HA   sing N N 146 
GLU C   O    doub N N 147 
GLU C   OXT  sing N N 148 
GLU CB  CG   sing N N 149 
GLU CB  HB2  sing N N 150 
GLU CB  HB3  sing N N 151 
GLU CG  CD   sing N N 152 
GLU CG  HG2  sing N N 153 
GLU CG  HG3  sing N N 154 
GLU CD  OE1  doub N N 155 
GLU CD  OE2  sing N N 156 
GLU OE2 HE2  sing N N 157 
GLU OXT HXT  sing N N 158 
GLY N   CA   sing N N 159 
GLY N   H    sing N N 160 
GLY N   H2   sing N N 161 
GLY CA  C    sing N N 162 
GLY CA  HA2  sing N N 163 
GLY CA  HA3  sing N N 164 
GLY C   O    doub N N 165 
GLY C   OXT  sing N N 166 
GLY OXT HXT  sing N N 167 
GOL C1  O1   sing N N 168 
GOL C1  C2   sing N N 169 
GOL C1  H11  sing N N 170 
GOL C1  H12  sing N N 171 
GOL O1  HO1  sing N N 172 
GOL C2  O2   sing N N 173 
GOL C2  C3   sing N N 174 
GOL C2  H2   sing N N 175 
GOL O2  HO2  sing N N 176 
GOL C3  O3   sing N N 177 
GOL C3  H31  sing N N 178 
GOL C3  H32  sing N N 179 
GOL O3  HO3  sing N N 180 
HIS N   CA   sing N N 181 
HIS N   H    sing N N 182 
HIS N   H2   sing N N 183 
HIS CA  C    sing N N 184 
HIS CA  CB   sing N N 185 
HIS CA  HA   sing N N 186 
HIS C   O    doub N N 187 
HIS C   OXT  sing N N 188 
HIS CB  CG   sing N N 189 
HIS CB  HB2  sing N N 190 
HIS CB  HB3  sing N N 191 
HIS CG  ND1  sing Y N 192 
HIS CG  CD2  doub Y N 193 
HIS ND1 CE1  doub Y N 194 
HIS ND1 HD1  sing N N 195 
HIS CD2 NE2  sing Y N 196 
HIS CD2 HD2  sing N N 197 
HIS CE1 NE2  sing Y N 198 
HIS CE1 HE1  sing N N 199 
HIS NE2 HE2  sing N N 200 
HIS OXT HXT  sing N N 201 
HOH O   H1   sing N N 202 
HOH O   H2   sing N N 203 
ILE N   CA   sing N N 204 
ILE N   H    sing N N 205 
ILE N   H2   sing N N 206 
ILE CA  C    sing N N 207 
ILE CA  CB   sing N N 208 
ILE CA  HA   sing N N 209 
ILE C   O    doub N N 210 
ILE C   OXT  sing N N 211 
ILE CB  CG1  sing N N 212 
ILE CB  CG2  sing N N 213 
ILE CB  HB   sing N N 214 
ILE CG1 CD1  sing N N 215 
ILE CG1 HG12 sing N N 216 
ILE CG1 HG13 sing N N 217 
ILE CG2 HG21 sing N N 218 
ILE CG2 HG22 sing N N 219 
ILE CG2 HG23 sing N N 220 
ILE CD1 HD11 sing N N 221 
ILE CD1 HD12 sing N N 222 
ILE CD1 HD13 sing N N 223 
ILE OXT HXT  sing N N 224 
LEU N   CA   sing N N 225 
LEU N   H    sing N N 226 
LEU N   H2   sing N N 227 
LEU CA  C    sing N N 228 
LEU CA  CB   sing N N 229 
LEU CA  HA   sing N N 230 
LEU C   O    doub N N 231 
LEU C   OXT  sing N N 232 
LEU CB  CG   sing N N 233 
LEU CB  HB2  sing N N 234 
LEU CB  HB3  sing N N 235 
LEU CG  CD1  sing N N 236 
LEU CG  CD2  sing N N 237 
LEU CG  HG   sing N N 238 
LEU CD1 HD11 sing N N 239 
LEU CD1 HD12 sing N N 240 
LEU CD1 HD13 sing N N 241 
LEU CD2 HD21 sing N N 242 
LEU CD2 HD22 sing N N 243 
LEU CD2 HD23 sing N N 244 
LEU OXT HXT  sing N N 245 
LYS N   CA   sing N N 246 
LYS N   H    sing N N 247 
LYS N   H2   sing N N 248 
LYS CA  C    sing N N 249 
LYS CA  CB   sing N N 250 
LYS CA  HA   sing N N 251 
LYS C   O    doub N N 252 
LYS C   OXT  sing N N 253 
LYS CB  CG   sing N N 254 
LYS CB  HB2  sing N N 255 
LYS CB  HB3  sing N N 256 
LYS CG  CD   sing N N 257 
LYS CG  HG2  sing N N 258 
LYS CG  HG3  sing N N 259 
LYS CD  CE   sing N N 260 
LYS CD  HD2  sing N N 261 
LYS CD  HD3  sing N N 262 
LYS CE  NZ   sing N N 263 
LYS CE  HE2  sing N N 264 
LYS CE  HE3  sing N N 265 
LYS NZ  HZ1  sing N N 266 
LYS NZ  HZ2  sing N N 267 
LYS NZ  HZ3  sing N N 268 
LYS OXT HXT  sing N N 269 
MET N   CA   sing N N 270 
MET N   H    sing N N 271 
MET N   H2   sing N N 272 
MET CA  C    sing N N 273 
MET CA  CB   sing N N 274 
MET CA  HA   sing N N 275 
MET C   O    doub N N 276 
MET C   OXT  sing N N 277 
MET CB  CG   sing N N 278 
MET CB  HB2  sing N N 279 
MET CB  HB3  sing N N 280 
MET CG  SD   sing N N 281 
MET CG  HG2  sing N N 282 
MET CG  HG3  sing N N 283 
MET SD  CE   sing N N 284 
MET CE  HE1  sing N N 285 
MET CE  HE2  sing N N 286 
MET CE  HE3  sing N N 287 
MET OXT HXT  sing N N 288 
PHE N   CA   sing N N 289 
PHE N   H    sing N N 290 
PHE N   H2   sing N N 291 
PHE CA  C    sing N N 292 
PHE CA  CB   sing N N 293 
PHE CA  HA   sing N N 294 
PHE C   O    doub N N 295 
PHE C   OXT  sing N N 296 
PHE CB  CG   sing N N 297 
PHE CB  HB2  sing N N 298 
PHE CB  HB3  sing N N 299 
PHE CG  CD1  doub Y N 300 
PHE CG  CD2  sing Y N 301 
PHE CD1 CE1  sing Y N 302 
PHE CD1 HD1  sing N N 303 
PHE CD2 CE2  doub Y N 304 
PHE CD2 HD2  sing N N 305 
PHE CE1 CZ   doub Y N 306 
PHE CE1 HE1  sing N N 307 
PHE CE2 CZ   sing Y N 308 
PHE CE2 HE2  sing N N 309 
PHE CZ  HZ   sing N N 310 
PHE OXT HXT  sing N N 311 
PRO N   CA   sing N N 312 
PRO N   CD   sing N N 313 
PRO N   H    sing N N 314 
PRO CA  C    sing N N 315 
PRO CA  CB   sing N N 316 
PRO CA  HA   sing N N 317 
PRO C   O    doub N N 318 
PRO C   OXT  sing N N 319 
PRO CB  CG   sing N N 320 
PRO CB  HB2  sing N N 321 
PRO CB  HB3  sing N N 322 
PRO CG  CD   sing N N 323 
PRO CG  HG2  sing N N 324 
PRO CG  HG3  sing N N 325 
PRO CD  HD2  sing N N 326 
PRO CD  HD3  sing N N 327 
PRO OXT HXT  sing N N 328 
SER N   CA   sing N N 329 
SER N   H    sing N N 330 
SER N   H2   sing N N 331 
SER CA  C    sing N N 332 
SER CA  CB   sing N N 333 
SER CA  HA   sing N N 334 
SER C   O    doub N N 335 
SER C   OXT  sing N N 336 
SER CB  OG   sing N N 337 
SER CB  HB2  sing N N 338 
SER CB  HB3  sing N N 339 
SER OG  HG   sing N N 340 
SER OXT HXT  sing N N 341 
THR N   CA   sing N N 342 
THR N   H    sing N N 343 
THR N   H2   sing N N 344 
THR CA  C    sing N N 345 
THR CA  CB   sing N N 346 
THR CA  HA   sing N N 347 
THR C   O    doub N N 348 
THR C   OXT  sing N N 349 
THR CB  OG1  sing N N 350 
THR CB  CG2  sing N N 351 
THR CB  HB   sing N N 352 
THR OG1 HG1  sing N N 353 
THR CG2 HG21 sing N N 354 
THR CG2 HG22 sing N N 355 
THR CG2 HG23 sing N N 356 
THR OXT HXT  sing N N 357 
TRP N   CA   sing N N 358 
TRP N   H    sing N N 359 
TRP N   H2   sing N N 360 
TRP CA  C    sing N N 361 
TRP CA  CB   sing N N 362 
TRP CA  HA   sing N N 363 
TRP C   O    doub N N 364 
TRP C   OXT  sing N N 365 
TRP CB  CG   sing N N 366 
TRP CB  HB2  sing N N 367 
TRP CB  HB3  sing N N 368 
TRP CG  CD1  doub Y N 369 
TRP CG  CD2  sing Y N 370 
TRP CD1 NE1  sing Y N 371 
TRP CD1 HD1  sing N N 372 
TRP CD2 CE2  doub Y N 373 
TRP CD2 CE3  sing Y N 374 
TRP NE1 CE2  sing Y N 375 
TRP NE1 HE1  sing N N 376 
TRP CE2 CZ2  sing Y N 377 
TRP CE3 CZ3  doub Y N 378 
TRP CE3 HE3  sing N N 379 
TRP CZ2 CH2  doub Y N 380 
TRP CZ2 HZ2  sing N N 381 
TRP CZ3 CH2  sing Y N 382 
TRP CZ3 HZ3  sing N N 383 
TRP CH2 HH2  sing N N 384 
TRP OXT HXT  sing N N 385 
TYR N   CA   sing N N 386 
TYR N   H    sing N N 387 
TYR N   H2   sing N N 388 
TYR CA  C    sing N N 389 
TYR CA  CB   sing N N 390 
TYR CA  HA   sing N N 391 
TYR C   O    doub N N 392 
TYR C   OXT  sing N N 393 
TYR CB  CG   sing N N 394 
TYR CB  HB2  sing N N 395 
TYR CB  HB3  sing N N 396 
TYR CG  CD1  doub Y N 397 
TYR CG  CD2  sing Y N 398 
TYR CD1 CE1  sing Y N 399 
TYR CD1 HD1  sing N N 400 
TYR CD2 CE2  doub Y N 401 
TYR CD2 HD2  sing N N 402 
TYR CE1 CZ   doub Y N 403 
TYR CE1 HE1  sing N N 404 
TYR CE2 CZ   sing Y N 405 
TYR CE2 HE2  sing N N 406 
TYR CZ  OH   sing N N 407 
TYR OH  HH   sing N N 408 
TYR OXT HXT  sing N N 409 
VAL N   CA   sing N N 410 
VAL N   H    sing N N 411 
VAL N   H2   sing N N 412 
VAL CA  C    sing N N 413 
VAL CA  CB   sing N N 414 
VAL CA  HA   sing N N 415 
VAL C   O    doub N N 416 
VAL C   OXT  sing N N 417 
VAL CB  CG1  sing N N 418 
VAL CB  CG2  sing N N 419 
VAL CB  HB   sing N N 420 
VAL CG1 HG11 sing N N 421 
VAL CG1 HG12 sing N N 422 
VAL CG1 HG13 sing N N 423 
VAL CG2 HG21 sing N N 424 
VAL CG2 HG22 sing N N 425 
VAL CG2 HG23 sing N N 426 
VAL OXT HXT  sing N N 427 
# 
_atom_sites.entry_id                    6RW2 
_atom_sites.fract_transf_matrix[1][1]   0.01335151 
_atom_sites.fract_transf_matrix[1][2]   -0.01579674 
_atom_sites.fract_transf_matrix[1][3]   0.01169146 
_atom_sites.fract_transf_matrix[2][1]   -0.00619237 
_atom_sites.fract_transf_matrix[2][2]   -0.00612992 
_atom_sites.fract_transf_matrix[2][3]   -0.00121073 
_atom_sites.fract_transf_matrix[3][1]   0.00331709 
_atom_sites.fract_transf_matrix[3][2]   -0.00205444 
_atom_sites.fract_transf_matrix[3][3]   -0.00656390 
_atom_sites.fract_transf_vector[1]      0.396014 
_atom_sites.fract_transf_vector[2]      0.151697 
_atom_sites.fract_transf_vector[3]      0.150661 
# 
loop_
_atom_type.symbol 
C 
N 
O 
S 
# 
loop_
_atom_site.group_PDB 
_atom_site.id 
_atom_site.type_symbol 
_atom_site.label_atom_id 
_atom_site.label_alt_id 
_atom_site.label_comp_id 
_atom_site.label_asym_id 
_atom_site.label_entity_id 
_atom_site.label_seq_id 
_atom_site.pdbx_PDB_ins_code 
_atom_site.Cartn_x 
_atom_site.Cartn_y 
_atom_site.Cartn_z 
_atom_site.occupancy 
_atom_site.B_iso_or_equiv 
_atom_site.pdbx_formal_charge 
_atom_site.auth_seq_id 
_atom_site.auth_comp_id 
_atom_site.auth_asym_id 
_atom_site.auth_atom_id 
_atom_site.pdbx_PDB_model_num 
ATOM   1    N N   . LYS A 1 19  ? -24.796 5.258   0.466   1.00 60.28  ? 27  LYS A N   1 
ATOM   2    C CA  . LYS A 1 19  ? -24.408 5.963   1.730   1.00 66.31  ? 27  LYS A CA  1 
ATOM   3    C C   . LYS A 1 19  ? -22.893 6.279   1.728   1.00 58.77  ? 27  LYS A C   1 
ATOM   4    O O   . LYS A 1 19  ? -22.523 7.317   2.293   1.00 64.93  ? 27  LYS A O   1 
ATOM   5    C CB  . LYS A 1 19  ? -24.805 5.138   2.962   1.00 77.13  ? 27  LYS A CB  1 
ATOM   6    C CG  . LYS A 1 19  ? -26.302 4.863   3.136   1.00 89.74  ? 27  LYS A CG  1 
ATOM   7    C CD  . LYS A 1 19  ? -27.081 5.820   4.060   1.00 90.36  ? 27  LYS A CD  1 
ATOM   8    C CE  . LYS A 1 19  ? -27.846 6.915   3.337   1.00 91.82  ? 27  LYS A CE  1 
ATOM   9    N NZ  . LYS A 1 19  ? -29.003 6.392   2.569   1.00 92.53  ? 27  LYS A NZ  1 
ATOM   10   N N   . GLU A 1 20  ? -22.049 5.454   1.103   1.00 50.35  ? 28  GLU A N   1 
ATOM   11   C CA  . GLU A 1 20  ? -20.591 5.705   0.954   1.00 48.06  ? 28  GLU A CA  1 
ATOM   12   C C   . GLU A 1 20  ? -20.306 6.200   -0.454  1.00 49.55  ? 28  GLU A C   1 
ATOM   13   O O   . GLU A 1 20  ? -20.705 5.522   -1.384  1.00 56.02  ? 28  GLU A O   1 
ATOM   14   C CB  . GLU A 1 20  ? -19.790 4.448   1.247   1.00 48.06  ? 28  GLU A CB  1 
ATOM   15   C CG  . GLU A 1 20  ? -19.784 4.109   2.725   1.00 45.20  ? 28  GLU A CG  1 
ATOM   16   C CD  . GLU A 1 20  ? -19.084 2.804   3.029   1.00 45.94  ? 28  GLU A CD  1 
ATOM   17   O OE1 . GLU A 1 20  ? -18.500 2.231   2.112   1.00 42.86  ? 28  GLU A OE1 1 
ATOM   18   O OE2 . GLU A 1 20  ? -19.096 2.394   4.194   1.00 52.11  ? 28  GLU A OE2 1 
ATOM   19   N N   . VAL A 1 21  ? -19.696 7.379   -0.576  1.00 45.96  ? 29  VAL A N   1 
ATOM   20   C CA  . VAL A 1 21  ? -19.275 7.977   -1.873  1.00 43.36  ? 29  VAL A CA  1 
ATOM   21   C C   . VAL A 1 21  ? -17.748 7.793   -1.965  1.00 42.01  ? 29  VAL A C   1 
ATOM   22   O O   . VAL A 1 21  ? -16.995 8.394   -1.177  1.00 42.45  ? 29  VAL A O   1 
ATOM   23   C CB  . VAL A 1 21  ? -19.709 9.458   -1.995  1.00 42.79  ? 29  VAL A CB  1 
ATOM   24   C CG1 . VAL A 1 21  ? -19.241 10.101  -3.294  1.00 35.67  ? 29  VAL A CG1 1 
ATOM   25   C CG2 . VAL A 1 21  ? -21.225 9.630   -1.821  1.00 42.11  ? 29  VAL A CG2 1 
ATOM   26   N N   . VAL A 1 22  ? -17.341 6.995   -2.924  1.00 36.95  ? 30  VAL A N   1 
ATOM   27   C CA  . VAL A 1 22  ? -15.964 6.541   -3.181  1.00 37.52  ? 30  VAL A CA  1 
ATOM   28   C C   . VAL A 1 22  ? -15.185 7.626   -3.908  1.00 37.27  ? 30  VAL A C   1 
ATOM   29   O O   . VAL A 1 22  ? -15.554 7.952   -5.035  1.00 39.83  ? 30  VAL A O   1 
ATOM   30   C CB  . VAL A 1 22  ? -16.006 5.224   -3.993  1.00 37.60  ? 30  VAL A CB  1 
ATOM   31   C CG1 . VAL A 1 22  ? -14.619 4.824   -4.459  1.00 38.86  ? 30  VAL A CG1 1 
ATOM   32   C CG2 . VAL A 1 22  ? -16.637 4.103   -3.151  1.00 37.02  ? 30  VAL A CG2 1 
ATOM   33   N N   . LEU A 1 23  ? -14.077 8.065   -3.300  1.00 35.28  ? 31  LEU A N   1 
ATOM   34   C CA  . LEU A 1 23  ? -13.145 9.091   -3.838  1.00 33.85  ? 31  LEU A CA  1 
ATOM   35   C C   . LEU A 1 23  ? -11.945 8.445   -4.521  1.00 33.46  ? 31  LEU A C   1 
ATOM   36   O O   . LEU A 1 23  ? -11.370 9.092   -5.350  1.00 36.47  ? 31  LEU A O   1 
ATOM   37   C CB  . LEU A 1 23  ? -12.677 9.958   -2.665  1.00 35.67  ? 31  LEU A CB  1 
ATOM   38   C CG  . LEU A 1 23  ? -13.752 10.877  -2.095  1.00 35.73  ? 31  LEU A CG  1 
ATOM   39   C CD1 . LEU A 1 23  ? -13.216 11.680  -0.933  1.00 35.58  ? 31  LEU A CD1 1 
ATOM   40   C CD2 . LEU A 1 23  ? -14.309 11.776  -3.213  1.00 36.26  ? 31  LEU A CD2 1 
ATOM   41   N N   . LEU A 1 24  ? -11.529 7.254   -4.107  1.00 33.61  ? 32  LEU A N   1 
ATOM   42   C CA  . LEU A 1 24  ? -10.321 6.568   -4.642  1.00 34.15  ? 32  LEU A CA  1 
ATOM   43   C C   . LEU A 1 24  ? -10.476 5.080   -4.356  1.00 30.40  ? 32  LEU A C   1 
ATOM   44   O O   . LEU A 1 24  ? -10.902 4.707   -3.262  1.00 28.39  ? 32  LEU A O   1 
ATOM   45   C CB  . LEU A 1 24  ? -9.054  7.135   -3.972  1.00 37.26  ? 32  LEU A CB  1 
ATOM   46   C CG  . LEU A 1 24  ? -7.746  6.391   -4.249  1.00 40.20  ? 32  LEU A CG  1 
ATOM   47   C CD1 . LEU A 1 24  ? -7.402  6.463   -5.711  1.00 48.50  ? 32  LEU A CD1 1 
ATOM   48   C CD2 . LEU A 1 24  ? -6.590  6.952   -3.474  1.00 41.12  ? 32  LEU A CD2 1 
ATOM   49   N N   . ASP A 1 25  ? -10.139 4.250   -5.317  1.00 33.37  ? 33  ASP A N   1 
ATOM   50   C CA  . ASP A 1 25  ? -10.364 2.794   -5.215  1.00 34.16  ? 33  ASP A CA  1 
ATOM   51   C C   . ASP A 1 25  ? -9.276  2.113   -6.022  1.00 35.20  ? 33  ASP A C   1 
ATOM   52   O O   . ASP A 1 25  ? -9.478  1.870   -7.235  1.00 38.32  ? 33  ASP A O   1 
ATOM   53   C CB  . ASP A 1 25  ? -11.756 2.364   -5.681  1.00 36.29  ? 33  ASP A CB  1 
ATOM   54   C CG  . ASP A 1 25  ? -12.104 0.926   -5.313  1.00 38.96  ? 33  ASP A CG  1 
ATOM   55   O OD1 . ASP A 1 25  ? -11.252 0.251   -4.753  1.00 44.61  ? 33  ASP A OD1 1 
ATOM   56   O OD2 . ASP A 1 25  ? -13.245 0.486   -5.569  1.00 48.56  ? 33  ASP A OD2 1 
ATOM   57   N N   . PHE A 1 26  ? -8.214  1.736   -5.332  1.00 32.55  ? 34  PHE A N   1 
ATOM   58   C CA  . PHE A 1 26  ? -6.997  1.196   -5.963  1.00 31.84  ? 34  PHE A CA  1 
ATOM   59   C C   . PHE A 1 26  ? -7.270  -0.156  -6.627  1.00 32.68  ? 34  PHE A C   1 
ATOM   60   O O   . PHE A 1 26  ? -6.772  -0.333  -7.714  1.00 31.01  ? 34  PHE A O   1 
ATOM   61   C CB  . PHE A 1 26  ? -5.886  1.012   -4.938  1.00 29.02  ? 34  PHE A CB  1 
ATOM   62   C CG  . PHE A 1 26  ? -4.760  0.170   -5.463  1.00 27.12  ? 34  PHE A CG  1 
ATOM   63   C CD1 . PHE A 1 26  ? -3.868  0.684   -6.374  1.00 28.69  ? 34  PHE A CD1 1 
ATOM   64   C CD2 . PHE A 1 26  ? -4.642  -1.159  -5.103  1.00 27.96  ? 34  PHE A CD2 1 
ATOM   65   C CE1 . PHE A 1 26  ? -2.819  -0.089  -6.847  1.00 29.12  ? 34  PHE A CE1 1 
ATOM   66   C CE2 . PHE A 1 26  ? -3.580  -1.921  -5.563  1.00 27.73  ? 34  PHE A CE2 1 
ATOM   67   C CZ  . PHE A 1 26  ? -2.687  -1.388  -6.447  1.00 27.12  ? 34  PHE A CZ  1 
ATOM   68   N N   . ALA A 1 27  ? -7.997  -1.081  -5.994  1.00 35.30  ? 35  ALA A N   1 
ATOM   69   C CA  . ALA A 1 27  ? -8.199  -2.461  -6.527  1.00 38.05  ? 35  ALA A CA  1 
ATOM   70   C C   . ALA A 1 27  ? -8.940  -2.452  -7.890  1.00 39.73  ? 35  ALA A C   1 
ATOM   71   O O   . ALA A 1 27  ? -8.730  -3.405  -8.682  1.00 43.98  ? 35  ALA A O   1 
ATOM   72   C CB  . ALA A 1 27  ? -8.902  -3.354  -5.509  1.00 34.41  ? 35  ALA A CB  1 
ATOM   73   N N   . ALA A 1 28  ? -9.754  -1.428  -8.161  1.00 40.63  ? 36  ALA A N   1 
ATOM   74   C CA  . ALA A 1 28  ? -10.685 -1.329  -9.315  1.00 42.20  ? 36  ALA A CA  1 
ATOM   75   C C   . ALA A 1 28  ? -10.073 -0.504  -10.434 1.00 44.39  ? 36  ALA A C   1 
ATOM   76   O O   . ALA A 1 28  ? -10.678 -0.486  -11.508 1.00 55.03  ? 36  ALA A O   1 
ATOM   77   C CB  . ALA A 1 28  ? -11.959 -0.668  -8.903  1.00 39.88  ? 36  ALA A CB  1 
ATOM   78   N N   . ALA A 1 29  ? -8.950  0.181   -10.194 1.00 49.95  ? 37  ALA A N   1 
ATOM   79   C CA  . ALA A 1 29  ? -8.503  1.307   -11.046 1.00 52.26  ? 37  ALA A CA  1 
ATOM   80   C C   . ALA A 1 29  ? -7.589  0.812   -12.175 1.00 56.29  ? 37  ALA A C   1 
ATOM   81   O O   . ALA A 1 29  ? -6.916  1.666   -12.788 1.00 61.90  ? 37  ALA A O   1 
ATOM   82   C CB  . ALA A 1 29  ? -7.840  2.348   -10.187 1.00 52.13  ? 37  ALA A CB  1 
ATOM   83   N N   . GLY A 1 30  ? -7.555  -0.509  -12.434 1.00 60.68  ? 38  GLY A N   1 
ATOM   84   C CA  . GLY A 1 30  ? -6.866  -1.161  -13.578 1.00 59.75  ? 38  GLY A CA  1 
ATOM   85   C C   . GLY A 1 30  ? -5.370  -0.850  -13.669 1.00 60.67  ? 38  GLY A C   1 
ATOM   86   O O   . GLY A 1 30  ? -4.781  -1.120  -14.745 1.00 57.42  ? 38  GLY A O   1 
ATOM   87   N N   . GLY A 1 31  ? -4.780  -0.286  -12.603 1.00 59.51  ? 39  GLY A N   1 
ATOM   88   C CA  . GLY A 1 31  ? -3.343  -0.005  -12.473 1.00 61.80  ? 39  GLY A CA  1 
ATOM   89   C C   . GLY A 1 31  ? -2.908  1.272   -13.168 1.00 63.11  ? 39  GLY A C   1 
ATOM   90   O O   . GLY A 1 31  ? -1.688  1.397   -13.399 1.00 64.77  ? 39  GLY A O   1 
ATOM   91   N N   . GLU A 1 32  ? -3.825  2.219   -13.429 1.00 65.63  ? 40  GLU A N   1 
ATOM   92   C CA  . GLU A 1 32  ? -3.587  3.407   -14.313 1.00 63.12  ? 40  GLU A CA  1 
ATOM   93   C C   . GLU A 1 32  ? -3.585  4.734   -13.512 1.00 57.31  ? 40  GLU A C   1 
ATOM   94   O O   . GLU A 1 32  ? -3.600  5.819   -14.137 1.00 52.25  ? 40  GLU A O   1 
ATOM   95   C CB  . GLU A 1 32  ? -4.630  3.402   -15.448 1.00 69.25  ? 40  GLU A CB  1 
ATOM   96   C CG  . GLU A 1 32  ? -4.584  2.134   -16.312 1.00 78.94  ? 40  GLU A CG  1 
ATOM   97   C CD  . GLU A 1 32  ? -5.235  2.161   -17.699 1.00 82.92  ? 40  GLU A CD  1 
ATOM   98   O OE1 . GLU A 1 32  ? -6.429  2.532   -17.792 1.00 86.54  ? 40  GLU A OE1 1 
ATOM   99   O OE2 . GLU A 1 32  ? -4.557  1.777   -18.691 1.00 82.06  ? 40  GLU A OE2 1 
ATOM   100  N N   . LEU A 1 33  ? -3.507  4.706   -12.177 1.00 54.81  ? 41  LEU A N   1 
ATOM   101  C CA  . LEU A 1 33  ? -3.625  5.949   -11.342 1.00 49.42  ? 41  LEU A CA  1 
ATOM   102  C C   . LEU A 1 33  ? -2.347  6.779   -11.355 1.00 44.73  ? 41  LEU A C   1 
ATOM   103  O O   . LEU A 1 33  ? -2.434  7.927   -10.981 1.00 45.95  ? 41  LEU A O   1 
ATOM   104  C CB  . LEU A 1 33  ? -4.000  5.581   -9.906  1.00 48.16  ? 41  LEU A CB  1 
ATOM   105  C CG  . LEU A 1 33  ? -5.351  4.887   -9.786  1.00 46.79  ? 41  LEU A CG  1 
ATOM   106  C CD1 . LEU A 1 33  ? -5.493  4.174   -8.463  1.00 44.25  ? 41  LEU A CD1 1 
ATOM   107  C CD2 . LEU A 1 33  ? -6.499  5.876   -10.055 1.00 48.37  ? 41  LEU A CD2 1 
ATOM   108  N N   . GLY A 1 34  ? -1.211  6.226   -11.769 1.00 48.67  ? 42  GLY A N   1 
ATOM   109  C CA  . GLY A 1 34  ? 0.073   6.955   -11.766 1.00 53.24  ? 42  GLY A CA  1 
ATOM   110  C C   . GLY A 1 34  ? 0.410   7.432   -10.358 1.00 50.76  ? 42  GLY A C   1 
ATOM   111  O O   . GLY A 1 34  ? 0.559   8.632   -10.122 1.00 57.79  ? 42  GLY A O   1 
ATOM   112  N N   . TRP A 1 35  ? 0.407   6.520   -9.406  1.00 43.48  ? 43  TRP A N   1 
ATOM   113  C CA  . TRP A 1 35  ? 0.977   6.805   -8.078  1.00 38.31  ? 43  TRP A CA  1 
ATOM   114  C C   . TRP A 1 35  ? 2.461   7.072   -8.268  1.00 39.83  ? 43  TRP A C   1 
ATOM   115  O O   . TRP A 1 35  ? 3.031   6.664   -9.278  1.00 43.72  ? 43  TRP A O   1 
ATOM   116  C CB  . TRP A 1 35  ? 0.674   5.652   -7.131  1.00 36.90  ? 43  TRP A CB  1 
ATOM   117  C CG  . TRP A 1 35  ? -0.790  5.614   -6.836  1.00 35.05  ? 43  TRP A CG  1 
ATOM   118  C CD1 . TRP A 1 35  ? -1.788  6.238   -7.526  1.00 34.94  ? 43  TRP A CD1 1 
ATOM   119  C CD2 . TRP A 1 35  ? -1.427  4.878   -5.787  1.00 34.29  ? 43  TRP A CD2 1 
ATOM   120  N NE1 . TRP A 1 35  ? -2.998  5.948   -6.965  1.00 35.84  ? 43  TRP A NE1 1 
ATOM   121  C CE2 . TRP A 1 35  ? -2.804  5.105   -5.909  1.00 33.26  ? 43  TRP A CE2 1 
ATOM   122  C CE3 . TRP A 1 35  ? -0.952  4.050   -4.773  1.00 34.83  ? 43  TRP A CE3 1 
ATOM   123  C CZ2 . TRP A 1 35  ? -3.717  4.560   -5.039  1.00 32.33  ? 43  TRP A CZ2 1 
ATOM   124  C CZ3 . TRP A 1 35  ? -1.857  3.541   -3.881  1.00 36.24  ? 43  TRP A CZ3 1 
ATOM   125  C CH2 . TRP A 1 35  ? -3.221  3.775   -4.036  1.00 34.49  ? 43  TRP A CH2 1 
ATOM   126  N N   . LEU A 1 36  ? 3.059   7.764   -7.320  1.00 41.42  ? 44  LEU A N   1 
ATOM   127  C CA  . LEU A 1 36  ? 4.468   8.199   -7.386  1.00 37.87  ? 44  LEU A CA  1 
ATOM   128  C C   . LEU A 1 36  ? 5.214   7.476   -6.281  1.00 35.08  ? 44  LEU A C   1 
ATOM   129  O O   . LEU A 1 36  ? 4.684   7.348   -5.175  1.00 38.61  ? 44  LEU A O   1 
ATOM   130  C CB  . LEU A 1 36  ? 4.456   9.715   -7.231  1.00 41.41  ? 44  LEU A CB  1 
ATOM   131  C CG  . LEU A 1 36  ? 5.823   10.378  -7.225  1.00 50.84  ? 44  LEU A CG  1 
ATOM   132  C CD1 . LEU A 1 36  ? 6.446   10.346  -8.632  1.00 52.49  ? 44  LEU A CD1 1 
ATOM   133  C CD2 . LEU A 1 36  ? 5.691   11.806  -6.682  1.00 53.17  ? 44  LEU A CD2 1 
ATOM   134  N N   . THR A 1 37  ? 6.355   6.911   -6.611  1.00 36.85  ? 45  THR A N   1 
ATOM   135  C CA  . THR A 1 37  ? 7.246   6.197   -5.673  1.00 39.81  ? 45  THR A CA  1 
ATOM   136  C C   . THR A 1 37  ? 8.551   6.973   -5.520  1.00 40.50  ? 45  THR A C   1 
ATOM   137  O O   . THR A 1 37  ? 9.005   7.526   -6.498  1.00 37.79  ? 45  THR A O   1 
ATOM   138  C CB  . THR A 1 37  ? 7.542   4.767   -6.144  1.00 39.28  ? 45  THR A CB  1 
ATOM   139  O OG1 . THR A 1 37  ? 8.023   4.832   -7.486  1.00 40.11  ? 45  THR A OG1 1 
ATOM   140  C CG2 . THR A 1 37  ? 6.308   3.915   -6.039  1.00 37.74  ? 45  THR A CG2 1 
ATOM   141  N N   . HIS A 1 38  ? 9.084   7.014   -4.312  1.00 40.28  ? 46  HIS A N   1 
ATOM   142  C CA  . HIS A 1 38  ? 10.362  7.665   -3.970  1.00 43.82  ? 46  HIS A CA  1 
ATOM   143  C C   . HIS A 1 38  ? 11.053  6.725   -2.995  1.00 44.63  ? 46  HIS A C   1 
ATOM   144  O O   . HIS A 1 38  ? 10.494  6.372   -1.964  1.00 39.19  ? 46  HIS A O   1 
ATOM   145  C CB  . HIS A 1 38  ? 10.156  9.080   -3.415  1.00 48.08  ? 46  HIS A CB  1 
ATOM   146  C CG  . HIS A 1 38  ? 11.447  9.823   -3.244  1.00 58.03  ? 46  HIS A CG  1 
ATOM   147  N ND1 . HIS A 1 38  ? 11.907  10.746  -4.179  1.00 61.94  ? 46  HIS A ND1 1 
ATOM   148  C CD2 . HIS A 1 38  ? 12.401  9.762   -2.274  1.00 62.07  ? 46  HIS A CD2 1 
ATOM   149  C CE1 . HIS A 1 38  ? 13.088  11.214  -3.788  1.00 63.08  ? 46  HIS A CE1 1 
ATOM   150  N NE2 . HIS A 1 38  ? 13.416  10.630  -2.618  1.00 57.89  ? 46  HIS A NE2 1 
ATOM   151  N N   . PRO A 1 39  ? 12.246  6.198   -3.324  1.00 55.97  ? 47  PRO A N   1 
ATOM   152  C CA  . PRO A 1 39  ? 12.927  6.513   -4.582  1.00 58.36  ? 47  PRO A CA  1 
ATOM   153  C C   . PRO A 1 39  ? 12.401  5.706   -5.785  1.00 59.15  ? 47  PRO A C   1 
ATOM   154  O O   . PRO A 1 39  ? 11.884  4.655   -5.556  1.00 54.25  ? 47  PRO A O   1 
ATOM   155  C CB  . PRO A 1 39  ? 14.383  6.140   -4.248  1.00 62.66  ? 47  PRO A CB  1 
ATOM   156  C CG  . PRO A 1 39  ? 14.397  5.695   -2.765  1.00 60.02  ? 47  PRO A CG  1 
ATOM   157  C CD  . PRO A 1 39  ? 12.990  5.221   -2.506  1.00 57.65  ? 47  PRO A CD  1 
ATOM   158  N N   . TYR A 1 40  ? 12.448  6.290   -6.998  1.00 77.62  ? 48  TYR A N   1 
ATOM   159  C CA  . TYR A 1 40  ? 12.665  5.646   -8.338  1.00 87.44  ? 48  TYR A CA  1 
ATOM   160  C C   . TYR A 1 40  ? 11.850  4.354   -8.576  1.00 80.86  ? 48  TYR A C   1 
ATOM   161  O O   . TYR A 1 40  ? 10.729  4.465   -9.073  1.00 78.02  ? 48  TYR A O   1 
ATOM   162  C CB  . TYR A 1 40  ? 14.162  5.360   -8.544  1.00 103.32 ? 48  TYR A CB  1 
ATOM   163  C CG  . TYR A 1 40  ? 15.086  6.548   -8.409  1.00 117.36 ? 48  TYR A CG  1 
ATOM   164  C CD1 . TYR A 1 40  ? 14.720  7.807   -8.871  1.00 124.92 ? 48  TYR A CD1 1 
ATOM   165  C CD2 . TYR A 1 40  ? 16.348  6.408   -7.839  1.00 122.18 ? 48  TYR A CD2 1 
ATOM   166  C CE1 . TYR A 1 40  ? 15.574  8.896   -8.759  1.00 129.63 ? 48  TYR A CE1 1 
ATOM   167  C CE2 . TYR A 1 40  ? 17.213  7.488   -7.717  1.00 124.99 ? 48  TYR A CE2 1 
ATOM   168  C CZ  . TYR A 1 40  ? 16.824  8.736   -8.181  1.00 131.32 ? 48  TYR A CZ  1 
ATOM   169  O OH  . TYR A 1 40  ? 17.652  9.818   -8.071  1.00 121.74 ? 48  TYR A OH  1 
ATOM   170  N N   . GLY A 1 41  ? 12.413  3.164   -8.317  1.00 76.74  ? 49  GLY A N   1 
ATOM   171  C CA  . GLY A 1 41  ? 11.886  1.881   -8.835  1.00 75.60  ? 49  GLY A CA  1 
ATOM   172  C C   . GLY A 1 41  ? 12.418  0.678   -8.062  1.00 84.20  ? 49  GLY A C   1 
ATOM   173  O O   . GLY A 1 41  ? 11.766  -0.413  -8.077  1.00 76.52  ? 49  GLY A O   1 
ATOM   174  N N   . LYS A 1 42  ? 13.575  0.842   -7.412  1.00 81.71  ? 50  LYS A N   1 
ATOM   175  C CA  . LYS A 1 42  ? 13.821  0.245   -6.069  1.00 77.95  ? 50  LYS A CA  1 
ATOM   176  C C   . LYS A 1 42  ? 12.741  0.826   -5.125  1.00 72.73  ? 50  LYS A C   1 
ATOM   177  O O   . LYS A 1 42  ? 12.355  2.017   -5.291  1.00 82.83  ? 50  LYS A O   1 
ATOM   178  C CB  . LYS A 1 42  ? 15.262  0.540   -5.627  1.00 78.78  ? 50  LYS A CB  1 
ATOM   179  C CG  . LYS A 1 42  ? 15.574  2.002   -5.306  1.00 79.26  ? 50  LYS A CG  1 
ATOM   180  C CD  . LYS A 1 42  ? 17.073  2.354   -5.361  1.00 83.51  ? 50  LYS A CD  1 
ATOM   181  C CE  . LYS A 1 42  ? 17.489  3.528   -4.483  1.00 81.16  ? 50  LYS A CE  1 
ATOM   182  N NZ  . LYS A 1 42  ? 17.476  3.177   -3.039  1.00 75.94  ? 50  LYS A NZ  1 
ATOM   183  N N   . GLY A 1 43  ? 12.201  0.029   -4.211  1.00 52.75  ? 51  GLY A N   1 
ATOM   184  C CA  . GLY A 1 43  ? 11.112  0.488   -3.333  1.00 45.77  ? 51  GLY A CA  1 
ATOM   185  C C   . GLY A 1 43  ? 9.778   -0.093  -3.726  1.00 40.83  ? 51  GLY A C   1 
ATOM   186  O O   . GLY A 1 43  ? 9.728   -1.241  -4.156  1.00 33.36  ? 51  GLY A O   1 
ATOM   187  N N   . TRP A 1 44  ? 8.693   0.655   -3.537  1.00 36.40  ? 52  TRP A N   1 
ATOM   188  C CA  . TRP A 1 44  ? 7.350   0.119   -3.851  1.00 35.72  ? 52  TRP A CA  1 
ATOM   189  C C   . TRP A 1 44  ? 7.250   -0.152  -5.343  1.00 35.97  ? 52  TRP A C   1 
ATOM   190  O O   . TRP A 1 44  ? 7.642   0.702   -6.135  1.00 35.07  ? 52  TRP A O   1 
ATOM   191  C CB  . TRP A 1 44  ? 6.243   1.092   -3.452  1.00 37.40  ? 52  TRP A CB  1 
ATOM   192  C CG  . TRP A 1 44  ? 6.039   1.305   -1.992  1.00 34.37  ? 52  TRP A CG  1 
ATOM   193  C CD1 . TRP A 1 44  ? 6.507   2.343   -1.250  1.00 35.87  ? 52  TRP A CD1 1 
ATOM   194  C CD2 . TRP A 1 44  ? 5.150   0.569   -1.148  1.00 33.77  ? 52  TRP A CD2 1 
ATOM   195  N NE1 . TRP A 1 44  ? 5.992   2.276   0.010   1.00 35.65  ? 52  TRP A NE1 1 
ATOM   196  C CE2 . TRP A 1 44  ? 5.170   1.191   0.107   1.00 32.98  ? 52  TRP A CE2 1 
ATOM   197  C CE3 . TRP A 1 44  ? 4.355   -0.572  -1.321  1.00 34.28  ? 52  TRP A CE3 1 
ATOM   198  C CZ2 . TRP A 1 44  ? 4.470   0.682   1.198   1.00 33.04  ? 52  TRP A CZ2 1 
ATOM   199  C CZ3 . TRP A 1 44  ? 3.607   -1.035  -0.262  1.00 32.39  ? 52  TRP A CZ3 1 
ATOM   200  C CH2 . TRP A 1 44  ? 3.669   -0.416  0.982   1.00 31.36  ? 52  TRP A CH2 1 
ATOM   201  N N   . ASP A 1 45  ? 6.594   -1.244  -5.688  1.00 37.74  ? 53  ASP A N   1 
ATOM   202  C CA  . ASP A 1 45  ? 6.543   -1.748  -7.064  1.00 40.68  ? 53  ASP A CA  1 
ATOM   203  C C   . ASP A 1 45  ? 5.098   -2.132  -7.403  1.00 38.28  ? 53  ASP A C   1 
ATOM   204  O O   . ASP A 1 45  ? 4.482   -2.876  -6.623  1.00 36.65  ? 53  ASP A O   1 
ATOM   205  C CB  . ASP A 1 45  ? 7.509   -2.923  -7.112  1.00 46.79  ? 53  ASP A CB  1 
ATOM   206  C CG  . ASP A 1 45  ? 8.039   -3.211  -8.492  1.00 53.82  ? 53  ASP A CG  1 
ATOM   207  O OD1 . ASP A 1 45  ? 7.869   -2.333  -9.382  1.00 55.48  ? 53  ASP A OD1 1 
ATOM   208  O OD2 . ASP A 1 45  ? 8.615   -4.320  -8.646  1.00 65.51  ? 53  ASP A OD2 1 
ATOM   209  N N   . LEU A 1 46  ? 4.573   -1.668  -8.537  1.00 38.03  ? 54  LEU A N   1 
ATOM   210  C CA  . LEU A 1 46  ? 3.190   -2.016  -8.959  1.00 37.99  ? 54  LEU A CA  1 
ATOM   211  C C   . LEU A 1 46  ? 3.250   -3.375  -9.649  1.00 34.77  ? 54  LEU A C   1 
ATOM   212  O O   . LEU A 1 46  ? 3.951   -3.471  -10.589 1.00 36.44  ? 54  LEU A O   1 
ATOM   213  C CB  . LEU A 1 46  ? 2.622   -0.965  -9.915  1.00 39.53  ? 54  LEU A CB  1 
ATOM   214  C CG  . LEU A 1 46  ? 1.249   -1.332  -10.501 1.00 39.80  ? 54  LEU A CG  1 
ATOM   215  C CD1 . LEU A 1 46  ? 0.226   -1.584  -9.393  1.00 39.28  ? 54  LEU A CD1 1 
ATOM   216  C CD2 . LEU A 1 46  ? 0.769   -0.264  -11.445 1.00 38.17  ? 54  LEU A CD2 1 
ATOM   217  N N   . MET A 1 47  ? 2.555   -4.367  -9.126  1.00 36.02  ? 55  MET A N   1 
ATOM   218  C CA  . MET A 1 47  ? 2.545   -5.738  -9.640  1.00 38.13  ? 55  MET A CA  1 
ATOM   219  C C   . MET A 1 47  ? 1.155   -6.016  -10.238 1.00 40.46  ? 55  MET A C   1 
ATOM   220  O O   . MET A 1 47  ? 0.142   -5.676  -9.611  1.00 36.17  ? 55  MET A O   1 
ATOM   221  C CB  . MET A 1 47  ? 2.796   -6.749  -8.522  1.00 40.52  ? 55  MET A CB  1 
ATOM   222  C CG  . MET A 1 47  ? 4.146   -6.649  -7.863  1.00 44.39  ? 55  MET A CG  1 
ATOM   223  S SD  . MET A 1 47  ? 4.340   -7.989  -6.640  1.00 44.40  ? 55  MET A SD  1 
ATOM   224  C CE  . MET A 1 47  ? 6.132   -7.923  -6.618  1.00 44.01  ? 55  MET A CE  1 
ATOM   225  N N   . GLN A 1 48  ? 1.129   -6.646  -11.404 1.00 42.42  ? 56  GLN A N   1 
ATOM   226  C CA  . GLN A 1 48  ? -0.101  -6.956  -12.163 1.00 43.91  ? 56  GLN A CA  1 
ATOM   227  C C   . GLN A 1 48  ? -0.074  -8.430  -12.510 1.00 42.98  ? 56  GLN A C   1 
ATOM   228  O O   . GLN A 1 48  ? 0.951   -8.972  -12.915 1.00 46.49  ? 56  GLN A O   1 
ATOM   229  C CB  . GLN A 1 48  ? -0.200  -6.158  -13.456 1.00 47.62  ? 56  GLN A CB  1 
ATOM   230  C CG  . GLN A 1 48  ? -1.215  -6.744  -14.446 1.00 54.14  ? 56  GLN A CG  1 
ATOM   231  C CD  . GLN A 1 48  ? -0.938  -6.250  -15.844 1.00 52.84  ? 56  GLN A CD  1 
ATOM   232  O OE1 . GLN A 1 48  ? -0.843  -5.042  -16.047 1.00 56.08  ? 56  GLN A OE1 1 
ATOM   233  N NE2 . GLN A 1 48  ? -0.713  -7.173  -16.775 1.00 46.85  ? 56  GLN A NE2 1 
ATOM   234  N N   . ASN A 1 49  ? -1.202  -9.054  -12.342 1.00 43.80  ? 57  ASN A N   1 
ATOM   235  C CA  . ASN A 1 49  ? -1.432  -10.369 -12.930 1.00 45.58  ? 57  ASN A CA  1 
ATOM   236  C C   . ASN A 1 49  ? -2.911  -10.395 -13.335 1.00 48.05  ? 57  ASN A C   1 
ATOM   237  O O   . ASN A 1 49  ? -3.643  -9.381  -13.093 1.00 45.63  ? 57  ASN A O   1 
ATOM   238  C CB  . ASN A 1 49  ? -0.917  -11.460 -11.982 1.00 46.74  ? 57  ASN A CB  1 
ATOM   239  C CG  . ASN A 1 49  ? -0.445  -12.678 -12.768 1.00 50.36  ? 57  ASN A CG  1 
ATOM   240  O OD1 . ASN A 1 49  ? -1.018  -12.921 -13.837 1.00 39.67  ? 57  ASN A OD1 1 
ATOM   241  N ND2 . ASN A 1 49  ? 0.599   -13.386 -12.300 1.00 42.66  ? 57  ASN A ND2 1 
ATOM   242  N N   . ILE A 1 50  ? -3.331  -11.486 -13.963 1.00 43.35  ? 58  ILE A N   1 
ATOM   243  C CA  . ILE A 1 50  ? -4.758  -11.747 -14.224 1.00 44.52  ? 58  ILE A CA  1 
ATOM   244  C C   . ILE A 1 50  ? -5.101  -13.008 -13.448 1.00 42.75  ? 58  ILE A C   1 
ATOM   245  O O   . ILE A 1 50  ? -4.384  -13.963 -13.596 1.00 46.16  ? 58  ILE A O   1 
ATOM   246  C CB  . ILE A 1 50  ? -4.976  -11.842 -15.749 1.00 41.98  ? 58  ILE A CB  1 
ATOM   247  C CG1 . ILE A 1 50  ? -4.668  -10.493 -16.400 1.00 41.51  ? 58  ILE A CG1 1 
ATOM   248  C CG2 . ILE A 1 50  ? -6.392  -12.293 -16.065 1.00 40.64  ? 58  ILE A CG2 1 
ATOM   249  C CD1 . ILE A 1 50  ? -4.099  -10.598 -17.770 1.00 47.01  ? 58  ILE A CD1 1 
ATOM   250  N N   . MET A 1 51  ? -6.121  -12.977 -12.602 1.00 47.91  ? 59  MET A N   1 
ATOM   251  C CA  . MET A 1 51  ? -6.603  -14.196 -11.907 1.00 54.18  ? 59  MET A CA  1 
ATOM   252  C C   . MET A 1 51  ? -8.115  -14.262 -12.039 1.00 47.59  ? 59  MET A C   1 
ATOM   253  O O   . MET A 1 51  ? -8.740  -13.194 -11.934 1.00 48.05  ? 59  MET A O   1 
ATOM   254  C CB  . MET A 1 51  ? -6.192  -14.197 -10.431 1.00 60.53  ? 59  MET A CB  1 
ATOM   255  C CG  . MET A 1 51  ? -4.674  -14.312 -10.260 1.00 67.76  ? 59  MET A CG  1 
ATOM   256  S SD  . MET A 1 51  ? -4.109  -14.195 -8.535  1.00 72.88  ? 59  MET A SD  1 
ATOM   257  C CE  . MET A 1 51  ? -5.455  -15.062 -7.719  1.00 73.77  ? 59  MET A CE  1 
ATOM   258  N N   . ASN A 1 52  ? -8.665  -15.446 -12.301 1.00 52.16  ? 60  ASN A N   1 
ATOM   259  C CA  . ASN A 1 52  ? -10.129 -15.621 -12.562 1.00 60.23  ? 60  ASN A CA  1 
ATOM   260  C C   . ASN A 1 52  ? -10.566 -14.642 -13.685 1.00 54.78  ? 60  ASN A C   1 
ATOM   261  O O   . ASN A 1 52  ? -11.611 -13.960 -13.534 1.00 53.95  ? 60  ASN A O   1 
ATOM   262  C CB  . ASN A 1 52  ? -10.885 -15.530 -11.220 1.00 61.07  ? 60  ASN A CB  1 
ATOM   263  C CG  . ASN A 1 52  ? -10.488 -16.672 -10.288 1.00 70.58  ? 60  ASN A CG  1 
ATOM   264  O OD1 . ASN A 1 52  ? -10.327 -16.481 -9.084  1.00 71.66  ? 60  ASN A OD1 1 
ATOM   265  N ND2 . ASN A 1 52  ? -10.283 -17.870 -10.829 1.00 65.97  ? 60  ASN A ND2 1 
ATOM   266  N N   . ASP A 1 53  ? -9.741  -14.512 -14.733 1.00 48.54  ? 61  ASP A N   1 
ATOM   267  C CA  . ASP A 1 53  ? -9.944  -13.610 -15.903 1.00 54.11  ? 61  ASP A CA  1 
ATOM   268  C C   . ASP A 1 53  ? -10.384 -12.215 -15.455 1.00 53.26  ? 61  ASP A C   1 
ATOM   269  O O   . ASP A 1 53  ? -11.135 -11.558 -16.162 1.00 50.95  ? 61  ASP A O   1 
ATOM   270  C CB  . ASP A 1 53  ? -10.821 -14.290 -16.956 1.00 54.85  ? 61  ASP A CB  1 
ATOM   271  C CG  . ASP A 1 53  ? -9.950  -15.073 -17.944 1.00 56.93  ? 61  ASP A CG  1 
ATOM   272  O OD1 . ASP A 1 53  ? -9.002  -14.433 -18.619 1.00 50.11  ? 61  ASP A OD1 1 
ATOM   273  O OD2 . ASP A 1 53  ? -10.193 -16.299 -18.039 1.00 56.33  ? 61  ASP A OD2 1 
ATOM   274  N N   . MET A 1 54  ? -9.782  -11.771 -14.356 1.00 56.18  ? 62  MET A N   1 
ATOM   275  C CA  . MET A 1 54  ? -9.921  -10.447 -13.708 1.00 56.61  ? 62  MET A CA  1 
ATOM   276  C C   . MET A 1 54  ? -8.510  -9.928  -13.423 1.00 49.29  ? 62  MET A C   1 
ATOM   277  O O   . MET A 1 54  ? -7.752  -10.544 -12.678 1.00 44.66  ? 62  MET A O   1 
ATOM   278  C CB  . MET A 1 54  ? -10.703 -10.604 -12.398 1.00 66.64  ? 62  MET A CB  1 
ATOM   279  C CG  . MET A 1 54  ? -11.399 -9.337  -11.921 1.00 74.96  ? 62  MET A CG  1 
ATOM   280  S SD  . MET A 1 54  ? -13.202 -9.492  -12.036 1.00 86.12  ? 62  MET A SD  1 
ATOM   281  C CE  . MET A 1 54  ? -13.650 -7.782  -12.369 1.00 80.00  ? 62  MET A CE  1 
ATOM   282  N N   . PRO A 1 55  ? -8.103  -8.779  -13.993 1.00 45.79  ? 63  PRO A N   1 
ATOM   283  C CA  . PRO A 1 55  ? -6.834  -8.161  -13.633 1.00 43.85  ? 63  PRO A CA  1 
ATOM   284  C C   . PRO A 1 55  ? -6.748  -7.937  -12.113 1.00 41.70  ? 63  PRO A C   1 
ATOM   285  O O   . PRO A 1 55  ? -7.760  -7.774  -11.438 1.00 40.18  ? 63  PRO A O   1 
ATOM   286  C CB  . PRO A 1 55  ? -6.774  -6.821  -14.387 1.00 46.61  ? 63  PRO A CB  1 
ATOM   287  C CG  . PRO A 1 55  ? -8.018  -6.775  -15.284 1.00 48.18  ? 63  PRO A CG  1 
ATOM   288  C CD  . PRO A 1 55  ? -8.880  -7.977  -14.944 1.00 47.54  ? 63  PRO A CD  1 
ATOM   289  N N   . ILE A 1 56  ? -5.537  -8.049  -11.569 1.00 43.44  ? 64  ILE A N   1 
ATOM   290  C CA  . ILE A 1 56  ? -5.286  -7.898  -10.105 1.00 40.86  ? 64  ILE A CA  1 
ATOM   291  C C   . ILE A 1 56  ? -3.976  -7.137  -9.912  1.00 39.36  ? 64  ILE A C   1 
ATOM   292  O O   . ILE A 1 56  ? -2.982  -7.461  -10.621 1.00 36.28  ? 64  ILE A O   1 
ATOM   293  C CB  . ILE A 1 56  ? -5.285  -9.245  -9.404  1.00 42.36  ? 64  ILE A CB  1 
ATOM   294  C CG1 . ILE A 1 56  ? -5.178  -9.060  -7.898  1.00 45.72  ? 64  ILE A CG1 1 
ATOM   295  C CG2 . ILE A 1 56  ? -4.181  -10.138 -9.925  1.00 45.69  ? 64  ILE A CG2 1 
ATOM   296  C CD1 . ILE A 1 56  ? -5.830  -10.192 -7.143  1.00 49.86  ? 64  ILE A CD1 1 
ATOM   297  N N   . TYR A 1 57  ? -4.027  -6.123  -9.041  1.00 36.77  ? 65  TYR A N   1 
ATOM   298  C CA  . TYR A 1 57  ? -2.932  -5.186  -8.725  1.00 37.66  ? 65  TYR A CA  1 
ATOM   299  C C   . TYR A 1 57  ? -2.573  -5.322  -7.235  1.00 36.04  ? 65  TYR A C   1 
ATOM   300  O O   . TYR A 1 57  ? -3.459  -5.557  -6.416  1.00 36.05  ? 65  TYR A O   1 
ATOM   301  C CB  . TYR A 1 57  ? -3.368  -3.798  -9.204  1.00 41.51  ? 65  TYR A CB  1 
ATOM   302  C CG  . TYR A 1 57  ? -3.694  -3.797  -10.674 1.00 45.12  ? 65  TYR A CG  1 
ATOM   303  C CD1 . TYR A 1 57  ? -2.679  -3.777  -11.619 1.00 46.03  ? 65  TYR A CD1 1 
ATOM   304  C CD2 . TYR A 1 57  ? -5.004  -3.926  -11.125 1.00 49.31  ? 65  TYR A CD2 1 
ATOM   305  C CE1 . TYR A 1 57  ? -2.953  -3.824  -12.974 1.00 50.12  ? 65  TYR A CE1 1 
ATOM   306  C CE2 . TYR A 1 57  ? -5.300  -3.983  -12.477 1.00 49.88  ? 65  TYR A CE2 1 
ATOM   307  C CZ  . TYR A 1 57  ? -4.270  -3.932  -13.407 1.00 53.94  ? 65  TYR A CZ  1 
ATOM   308  O OH  . TYR A 1 57  ? -4.527  -3.988  -14.753 1.00 57.67  ? 65  TYR A OH  1 
ATOM   309  N N   . MET A 1 58  ? -1.280  -5.325  -6.947  1.00 35.70  ? 66  MET A N   1 
ATOM   310  C CA  . MET A 1 58  ? -0.664  -5.246  -5.595  1.00 36.69  ? 66  MET A CA  1 
ATOM   311  C C   . MET A 1 58  ? 0.432   -4.191  -5.693  1.00 34.01  ? 66  MET A C   1 
ATOM   312  O O   . MET A 1 58  ? 1.232   -4.307  -6.627  1.00 32.41  ? 66  MET A O   1 
ATOM   313  C CB  . MET A 1 58  ? 0.033   -6.530  -5.137  1.00 37.98  ? 66  MET A CB  1 
ATOM   314  C CG  . MET A 1 58  ? -0.818  -7.672  -5.145  1.00 42.25  ? 66  MET A CG  1 
ATOM   315  S SD  . MET A 1 58  ? -0.177  -9.071  -4.239  1.00 41.35  ? 66  MET A SD  1 
ATOM   316  C CE  . MET A 1 58  ? 1.370   -9.428  -5.079  1.00 38.84  ? 66  MET A CE  1 
ATOM   317  N N   . TYR A 1 59  ? 0.473   -3.243  -4.765  1.00 33.46  ? 67  TYR A N   1 
ATOM   318  C CA  . TYR A 1 59  ? 1.657   -2.366  -4.550  1.00 35.75  ? 67  TYR A CA  1 
ATOM   319  C C   . TYR A 1 59  ? 2.488   -3.069  -3.485  1.00 33.96  ? 67  TYR A C   1 
ATOM   320  O O   . TYR A 1 59  ? 1.916   -3.341  -2.415  1.00 33.99  ? 67  TYR A O   1 
ATOM   321  C CB  . TYR A 1 59  ? 1.255   -0.927  -4.175  1.00 37.88  ? 67  TYR A CB  1 
ATOM   322  C CG  . TYR A 1 59  ? 1.510   0.054   -5.291  1.00 35.03  ? 67  TYR A CG  1 
ATOM   323  C CD1 . TYR A 1 59  ? 2.790   0.209   -5.812  1.00 33.99  ? 67  TYR A CD1 1 
ATOM   324  C CD2 . TYR A 1 59  ? 0.476   0.748   -5.877  1.00 33.75  ? 67  TYR A CD2 1 
ATOM   325  C CE1 . TYR A 1 59  ? 3.046   1.086   -6.854  1.00 33.59  ? 67  TYR A CE1 1 
ATOM   326  C CE2 . TYR A 1 59  ? 0.717   1.602   -6.946  1.00 34.43  ? 67  TYR A CE2 1 
ATOM   327  C CZ  . TYR A 1 59  ? 1.997   1.772   -7.431  1.00 33.99  ? 67  TYR A CZ  1 
ATOM   328  O OH  . TYR A 1 59  ? 2.230   2.651   -8.449  1.00 42.55  ? 67  TYR A OH  1 
ATOM   329  N N   . SER A 1 60  ? 3.716   -3.456  -3.812  1.00 30.59  ? 68  SER A N   1 
ATOM   330  C CA  . SER A 1 60  ? 4.487   -4.422  -2.997  1.00 32.88  ? 68  SER A CA  1 
ATOM   331  C C   . SER A 1 60  ? 5.851   -3.848  -2.710  1.00 33.29  ? 68  SER A C   1 
ATOM   332  O O   . SER A 1 60  ? 6.419   -3.247  -3.647  1.00 29.83  ? 68  SER A O   1 
ATOM   333  C CB  . SER A 1 60  ? 4.680   -5.730  -3.708  1.00 35.66  ? 68  SER A CB  1 
ATOM   334  O OG  . SER A 1 60  ? 3.455   -6.406  -3.775  1.00 36.87  ? 68  SER A OG  1 
ATOM   335  N N   . VAL A 1 61  ? 6.372   -4.123  -1.516  1.00 33.67  ? 69  VAL A N   1 
ATOM   336  C CA  . VAL A 1 61  ? 7.821   -3.890  -1.234  1.00 33.18  ? 69  VAL A CA  1 
ATOM   337  C C   . VAL A 1 61  ? 8.271   -4.893  -0.161  1.00 33.19  ? 69  VAL A C   1 
ATOM   338  O O   . VAL A 1 61  ? 7.496   -5.226  0.723   1.00 28.06  ? 69  VAL A O   1 
ATOM   339  C CB  . VAL A 1 61  ? 8.094   -2.427  -0.849  1.00 34.73  ? 69  VAL A CB  1 
ATOM   340  C CG1 . VAL A 1 61  ? 7.409   -2.018  0.443   1.00 35.14  ? 69  VAL A CG1 1 
ATOM   341  C CG2 . VAL A 1 61  ? 9.570   -2.130  -0.799  1.00 34.32  ? 69  VAL A CG2 1 
ATOM   342  N N   . CYS A 1 62  ? 9.476   -5.421  -0.340  1.00 33.36  ? 70  CYS A N   1 
ATOM   343  C CA  . CYS A 1 62  ? 10.049  -6.459  0.504   1.00 33.88  ? 70  CYS A CA  1 
ATOM   344  C C   . CYS A 1 62  ? 11.569  -6.389  0.463   1.00 32.60  ? 70  CYS A C   1 
ATOM   345  O O   . CYS A 1 62  ? 12.170  -7.352  0.090   1.00 36.33  ? 70  CYS A O   1 
ATOM   346  C CB  . CYS A 1 62  ? 9.522   -7.792  0.019   1.00 35.48  ? 70  CYS A CB  1 
ATOM   347  S SG  . CYS A 1 62  ? 9.880   -9.092  1.211   1.00 37.25  ? 70  CYS A SG  1 
ATOM   348  N N   . ASN A 1 63  ? 12.138  -5.254  0.812   1.00 34.81  ? 71  ASN A N   1 
ATOM   349  C CA  . ASN A 1 63  ? 13.598  -5.053  0.959   1.00 37.75  ? 71  ASN A CA  1 
ATOM   350  C C   . ASN A 1 63  ? 13.970  -5.299  2.426   1.00 38.57  ? 71  ASN A C   1 
ATOM   351  O O   . ASN A 1 63  ? 14.332  -4.337  3.123   1.00 45.54  ? 71  ASN A O   1 
ATOM   352  C CB  . ASN A 1 63  ? 13.996  -3.648  0.511   1.00 39.88  ? 71  ASN A CB  1 
ATOM   353  C CG  . ASN A 1 63  ? 13.796  -3.407  -0.974  1.00 43.97  ? 71  ASN A CG  1 
ATOM   354  O OD1 . ASN A 1 63  ? 13.791  -2.253  -1.424  1.00 46.14  ? 71  ASN A OD1 1 
ATOM   355  N ND2 . ASN A 1 63  ? 13.640  -4.474  -1.748  1.00 46.70  ? 71  ASN A ND2 1 
ATOM   356  N N   . VAL A 1 64  ? 13.801  -6.524  2.906   1.00 39.19  ? 72  VAL A N   1 
ATOM   357  C CA  . VAL A 1 64  ? 14.032  -6.897  4.336   1.00 41.12  ? 72  VAL A CA  1 
ATOM   358  C C   . VAL A 1 64  ? 15.504  -7.260  4.563   1.00 43.46  ? 72  VAL A C   1 
ATOM   359  O O   . VAL A 1 64  ? 15.825  -7.386  5.738   1.00 37.71  ? 72  VAL A O   1 
ATOM   360  C CB  . VAL A 1 64  ? 13.136  -8.053  4.795   1.00 36.22  ? 72  VAL A CB  1 
ATOM   361  C CG1 . VAL A 1 64  ? 11.684  -7.670  4.728   1.00 44.11  ? 72  VAL A CG1 1 
ATOM   362  C CG2 . VAL A 1 64  ? 13.358  -9.285  3.973   1.00 35.99  ? 72  VAL A CG2 1 
ATOM   363  N N   . MET A 1 65  ? 16.328  -7.396  3.508   1.00 50.76  ? 73  MET A N   1 
ATOM   364  C CA  . MET A 1 65  ? 17.735  -7.900  3.582   1.00 59.63  ? 73  MET A CA  1 
ATOM   365  C C   . MET A 1 65  ? 18.689  -6.733  3.852   1.00 59.15  ? 73  MET A C   1 
ATOM   366  O O   . MET A 1 65  ? 19.519  -6.877  4.757   1.00 73.59  ? 73  MET A O   1 
ATOM   367  C CB  . MET A 1 65  ? 18.184  -8.629  2.308   1.00 62.84  ? 73  MET A CB  1 
ATOM   368  C CG  . MET A 1 65  ? 17.455  -9.945  2.041   1.00 72.65  ? 73  MET A CG  1 
ATOM   369  S SD  . MET A 1 65  ? 17.318  -11.075 3.490   1.00 95.41  ? 73  MET A SD  1 
ATOM   370  C CE  . MET A 1 65  ? 16.226  -12.303 2.762   1.00 88.48  ? 73  MET A CE  1 
ATOM   371  N N   . SER A 1 66  ? 18.534  -5.613  3.147   1.00 62.87  ? 74  SER A N   1 
ATOM   372  C CA  . SER A 1 66  ? 19.381  -4.392  3.273   1.00 62.38  ? 74  SER A CA  1 
ATOM   373  C C   . SER A 1 66  ? 18.699  -3.413  4.218   1.00 55.10  ? 74  SER A C   1 
ATOM   374  O O   . SER A 1 66  ? 17.434  -3.368  4.207   1.00 58.32  ? 74  SER A O   1 
ATOM   375  C CB  . SER A 1 66  ? 19.628  -3.751  1.924   1.00 69.11  ? 74  SER A CB  1 
ATOM   376  O OG  . SER A 1 66  ? 18.475  -3.845  1.093   1.00 66.81  ? 74  SER A OG  1 
ATOM   377  N N   . GLY A 1 67  ? 19.478  -2.659  4.994   1.00 49.39  ? 75  GLY A N   1 
ATOM   378  C CA  . GLY A 1 67  ? 18.922  -1.808  6.070   1.00 48.49  ? 75  GLY A CA  1 
ATOM   379  C C   . GLY A 1 67  ? 18.539  -0.447  5.550   1.00 47.42  ? 75  GLY A C   1 
ATOM   380  O O   . GLY A 1 67  ? 18.708  -0.222  4.352   1.00 52.99  ? 75  GLY A O   1 
ATOM   381  N N   . ASP A 1 68  ? 18.062  0.449   6.410   1.00 51.83  ? 76  ASP A N   1 
ATOM   382  C CA  . ASP A 1 68  ? 17.909  1.894   6.071   1.00 52.86  ? 76  ASP A CA  1 
ATOM   383  C C   . ASP A 1 68  ? 16.938  2.026   4.883   1.00 50.65  ? 76  ASP A C   1 
ATOM   384  O O   . ASP A 1 68  ? 17.280  2.658   3.861   1.00 49.81  ? 76  ASP A O   1 
ATOM   385  C CB  . ASP A 1 68  ? 19.299  2.505   5.819   1.00 59.83  ? 76  ASP A CB  1 
ATOM   386  C CG  . ASP A 1 68  ? 20.164  2.518   7.082   1.00 68.43  ? 76  ASP A CG  1 
ATOM   387  O OD1 . ASP A 1 68  ? 19.725  3.183   8.039   1.00 77.09  ? 76  ASP A OD1 1 
ATOM   388  O OD2 . ASP A 1 68  ? 21.247  1.821   7.130   1.00 58.97  ? 76  ASP A OD2 1 
ATOM   389  N N   . GLN A 1 69  ? 15.770  1.394   4.982   1.00 47.68  ? 77  GLN A N   1 
ATOM   390  C CA  . GLN A 1 69  ? 14.718  1.433   3.935   1.00 44.58  ? 77  GLN A CA  1 
ATOM   391  C C   . GLN A 1 69  ? 13.861  2.649   4.263   1.00 39.30  ? 77  GLN A C   1 
ATOM   392  O O   . GLN A 1 69  ? 13.443  2.749   5.406   1.00 35.60  ? 77  GLN A O   1 
ATOM   393  C CB  . GLN A 1 69  ? 13.887  0.143   3.905   1.00 42.44  ? 77  GLN A CB  1 
ATOM   394  C CG  . GLN A 1 69  ? 14.596  -1.006  3.235   1.00 42.04  ? 77  GLN A CG  1 
ATOM   395  C CD  . GLN A 1 69  ? 15.125  -0.630  1.867   1.00 46.07  ? 77  GLN A CD  1 
ATOM   396  O OE1 . GLN A 1 69  ? 14.364  -0.272  0.952   1.00 42.36  ? 77  GLN A OE1 1 
ATOM   397  N NE2 . GLN A 1 69  ? 16.439  -0.777  1.700   1.00 47.08  ? 77  GLN A NE2 1 
ATOM   398  N N   . ASP A 1 70  ? 13.684  3.560   3.313   1.00 38.08  ? 78  ASP A N   1 
ATOM   399  C CA  . ASP A 1 70  ? 12.704  4.657   3.480   1.00 37.85  ? 78  ASP A CA  1 
ATOM   400  C C   . ASP A 1 70  ? 11.922  4.803   2.162   1.00 36.02  ? 78  ASP A C   1 
ATOM   401  O O   . ASP A 1 70  ? 12.225  5.693   1.379   1.00 36.50  ? 78  ASP A O   1 
ATOM   402  C CB  . ASP A 1 70  ? 13.404  5.904   3.998   1.00 37.86  ? 78  ASP A CB  1 
ATOM   403  C CG  . ASP A 1 70  ? 12.437  6.949   4.507   1.00 42.75  ? 78  ASP A CG  1 
ATOM   404  O OD1 . ASP A 1 70  ? 11.259  6.606   4.777   1.00 44.21  ? 78  ASP A OD1 1 
ATOM   405  O OD2 . ASP A 1 70  ? 12.862  8.110   4.652   1.00 50.55  ? 78  ASP A OD2 1 
ATOM   406  N N   . ASN A 1 71  ? 10.947  3.926   1.938   1.00 34.00  ? 79  ASN A N   1 
ATOM   407  C CA  . ASN A 1 71  ? 10.246  3.764   0.628   1.00 35.23  ? 79  ASN A CA  1 
ATOM   408  C C   . ASN A 1 71  ? 8.872   4.415   0.700   1.00 31.72  ? 79  ASN A C   1 
ATOM   409  O O   . ASN A 1 71  ? 8.055   3.937   1.436   1.00 32.38  ? 79  ASN A O   1 
ATOM   410  C CB  . ASN A 1 71  ? 10.125  2.294   0.228   1.00 32.44  ? 79  ASN A CB  1 
ATOM   411  C CG  . ASN A 1 71  ? 11.508  1.672   0.152   1.00 33.09  ? 79  ASN A CG  1 
ATOM   412  O OD1 . ASN A 1 71  ? 12.390  2.232   -0.518  1.00 30.36  ? 79  ASN A OD1 1 
ATOM   413  N ND2 . ASN A 1 71  ? 11.731  0.598   0.900   1.00 30.42  ? 79  ASN A ND2 1 
ATOM   414  N N   . TRP A 1 72  ? 8.661   5.435   -0.101  1.00 29.16  ? 80  TRP A N   1 
ATOM   415  C CA  . TRP A 1 72  ? 7.393   6.182   -0.157  1.00 30.50  ? 80  TRP A CA  1 
ATOM   416  C C   . TRP A 1 72  ? 6.609   5.904   -1.431  1.00 30.29  ? 80  TRP A C   1 
ATOM   417  O O   . TRP A 1 72  ? 7.214   5.821   -2.507  1.00 31.19  ? 80  TRP A O   1 
ATOM   418  C CB  . TRP A 1 72  ? 7.701   7.656   -0.019  1.00 31.11  ? 80  TRP A CB  1 
ATOM   419  C CG  . TRP A 1 72  ? 8.130   8.004   1.374   1.00 29.22  ? 80  TRP A CG  1 
ATOM   420  C CD1 . TRP A 1 72  ? 9.339   7.760   1.932   1.00 29.26  ? 80  TRP A CD1 1 
ATOM   421  C CD2 . TRP A 1 72  ? 7.359   8.674   2.371   1.00 29.82  ? 80  TRP A CD2 1 
ATOM   422  N NE1 . TRP A 1 72  ? 9.371   8.222   3.213   1.00 29.88  ? 80  TRP A NE1 1 
ATOM   423  C CE2 . TRP A 1 72  ? 8.180   8.808   3.506   1.00 28.24  ? 80  TRP A CE2 1 
ATOM   424  C CE3 . TRP A 1 72  ? 6.051   9.154   2.429   1.00 30.72  ? 80  TRP A CE3 1 
ATOM   425  C CZ2 . TRP A 1 72  ? 7.749   9.420   4.673   1.00 28.24  ? 80  TRP A CZ2 1 
ATOM   426  C CZ3 . TRP A 1 72  ? 5.613   9.739   3.587   1.00 32.09  ? 80  TRP A CZ3 1 
ATOM   427  C CH2 . TRP A 1 72  ? 6.460   9.877   4.702   1.00 30.15  ? 80  TRP A CH2 1 
ATOM   428  N N   . LEU A 1 73  ? 5.290   5.842   -1.265  1.00 30.97  ? 81  LEU A N   1 
ATOM   429  C CA  . LEU A 1 73  ? 4.252   5.646   -2.296  1.00 29.82  ? 81  LEU A CA  1 
ATOM   430  C C   . LEU A 1 73  ? 3.237   6.745   -2.089  1.00 29.32  ? 81  LEU A C   1 
ATOM   431  O O   . LEU A 1 73  ? 2.700   6.817   -1.010  1.00 29.01  ? 81  LEU A O   1 
ATOM   432  C CB  . LEU A 1 73  ? 3.570   4.287   -2.063  1.00 29.74  ? 81  LEU A CB  1 
ATOM   433  C CG  . LEU A 1 73  ? 2.419   3.902   -3.016  1.00 29.65  ? 81  LEU A CG  1 
ATOM   434  C CD1 . LEU A 1 73  ? 2.865   3.984   -4.458  1.00 30.45  ? 81  LEU A CD1 1 
ATOM   435  C CD2 . LEU A 1 73  ? 1.938   2.466   -2.761  1.00 31.45  ? 81  LEU A CD2 1 
ATOM   436  N N   . ARG A 1 74  ? 2.959   7.550   -3.095  1.00 33.27  ? 82  ARG A N   1 
ATOM   437  C CA  . ARG A 1 74  ? 1.976   8.644   -2.973  1.00 32.33  ? 82  ARG A CA  1 
ATOM   438  C C   . ARG A 1 74  ? 0.831   8.411   -3.965  1.00 34.23  ? 82  ARG A C   1 
ATOM   439  O O   . ARG A 1 74  ? 1.122   8.107   -5.112  1.00 28.10  ? 82  ARG A O   1 
ATOM   440  C CB  . ARG A 1 74  ? 2.600   9.976   -3.341  1.00 33.99  ? 82  ARG A CB  1 
ATOM   441  C CG  . ARG A 1 74  ? 1.728   11.154  -2.936  1.00 40.03  ? 82  ARG A CG  1 
ATOM   442  C CD  . ARG A 1 74  ? 2.252   12.427  -3.549  1.00 39.79  ? 82  ARG A CD  1 
ATOM   443  N NE  . ARG A 1 74  ? 2.006   12.539  -4.981  1.00 47.85  ? 82  ARG A NE  1 
ATOM   444  C CZ  . ARG A 1 74  ? 2.696   13.363  -5.790  1.00 54.39  ? 82  ARG A CZ  1 
ATOM   445  N NH1 . ARG A 1 74  ? 3.724   14.075  -5.327  1.00 53.24  ? 82  ARG A NH1 1 
ATOM   446  N NH2 . ARG A 1 74  ? 2.351   13.448  -7.057  1.00 50.87  ? 82  ARG A NH2 1 
ATOM   447  N N   . THR A 1 75  ? -0.408  8.670   -3.540  1.00 32.24  ? 83  THR A N   1 
ATOM   448  C CA  . THR A 1 75  ? -1.584  8.527   -4.396  1.00 31.30  ? 83  THR A CA  1 
ATOM   449  C C   . THR A 1 75  ? -1.563  9.677   -5.412  1.00 30.86  ? 83  THR A C   1 
ATOM   450  O O   . THR A 1 75  ? -0.801  10.634  -5.208  1.00 29.74  ? 83  THR A O   1 
ATOM   451  C CB  . THR A 1 75  ? -2.872  8.467   -3.563  1.00 28.23  ? 83  THR A CB  1 
ATOM   452  O OG1 . THR A 1 75  ? -3.083  9.723   -2.907  1.00 30.27  ? 83  THR A OG1 1 
ATOM   453  C CG2 . THR A 1 75  ? -2.831  7.320   -2.589  1.00 28.68  ? 83  THR A CG2 1 
ATOM   454  N N   . ASN A 1 76  ? -2.385  9.542   -6.453  1.00 29.77  ? 84  ASN A N   1 
ATOM   455  C CA  . ASN A 1 76  ? -2.893  10.662  -7.256  1.00 34.01  ? 84  ASN A CA  1 
ATOM   456  C C   . ASN A 1 76  ? -3.504  11.694  -6.289  1.00 33.90  ? 84  ASN A C   1 
ATOM   457  O O   . ASN A 1 76  ? -3.895  11.345  -5.162  1.00 30.59  ? 84  ASN A O   1 
ATOM   458  C CB  . ASN A 1 76  ? -3.900  10.158  -8.311  1.00 35.39  ? 84  ASN A CB  1 
ATOM   459  C CG  . ASN A 1 76  ? -5.050  9.368   -7.716  1.00 36.38  ? 84  ASN A CG  1 
ATOM   460  O OD1 . ASN A 1 76  ? -4.905  8.216   -7.305  1.00 36.69  ? 84  ASN A OD1 1 
ATOM   461  N ND2 . ASN A 1 76  ? -6.207  9.985   -7.668  1.00 34.74  ? 84  ASN A ND2 1 
ATOM   462  N N   . TRP A 1 77  ? -3.555  12.941  -6.707  1.00 34.34  ? 85  TRP A N   1 
ATOM   463  C CA  . TRP A 1 77  ? -4.344  13.994  -6.014  1.00 37.96  ? 85  TRP A CA  1 
ATOM   464  C C   . TRP A 1 77  ? -5.855  13.683  -6.071  1.00 35.38  ? 85  TRP A C   1 
ATOM   465  O O   . TRP A 1 77  ? -6.388  13.405  -7.164  1.00 33.43  ? 85  TRP A O   1 
ATOM   466  C CB  . TRP A 1 77  ? -4.027  15.322  -6.670  1.00 37.34  ? 85  TRP A CB  1 
ATOM   467  C CG  . TRP A 1 77  ? -4.378  16.511  -5.859  1.00 41.45  ? 85  TRP A CG  1 
ATOM   468  C CD1 . TRP A 1 77  ? -3.695  17.035  -4.804  1.00 49.12  ? 85  TRP A CD1 1 
ATOM   469  C CD2 . TRP A 1 77  ? -5.478  17.380  -6.097  1.00 43.66  ? 85  TRP A CD2 1 
ATOM   470  N NE1 . TRP A 1 77  ? -4.303  18.186  -4.367  1.00 49.60  ? 85  TRP A NE1 1 
ATOM   471  C CE2 . TRP A 1 77  ? -5.389  18.426  -5.155  1.00 46.94  ? 85  TRP A CE2 1 
ATOM   472  C CE3 . TRP A 1 77  ? -6.531  17.358  -7.010  1.00 46.11  ? 85  TRP A CE3 1 
ATOM   473  C CZ2 . TRP A 1 77  ? -6.325  19.455  -5.088  1.00 51.00  ? 85  TRP A CZ2 1 
ATOM   474  C CZ3 . TRP A 1 77  ? -7.464  18.371  -6.936  1.00 52.93  ? 85  TRP A CZ3 1 
ATOM   475  C CH2 . TRP A 1 77  ? -7.363  19.398  -5.989  1.00 51.81  ? 85  TRP A CH2 1 
ATOM   476  N N   . VAL A 1 78  ? -6.531  13.769  -4.930  1.00 34.69  ? 86  VAL A N   1 
ATOM   477  C CA  . VAL A 1 78  ? -7.993  13.495  -4.827  1.00 35.83  ? 86  VAL A CA  1 
ATOM   478  C C   . VAL A 1 78  ? -8.757  14.781  -4.538  1.00 33.42  ? 86  VAL A C   1 
ATOM   479  O O   . VAL A 1 78  ? -8.459  15.437  -3.556  1.00 32.79  ? 86  VAL A O   1 
ATOM   480  C CB  . VAL A 1 78  ? -8.285  12.424  -3.778  1.00 36.19  ? 86  VAL A CB  1 
ATOM   481  C CG1 . VAL A 1 78  ? -9.781  12.180  -3.695  1.00 35.30  ? 86  VAL A CG1 1 
ATOM   482  C CG2 . VAL A 1 78  ? -7.525  11.144  -4.097  1.00 35.82  ? 86  VAL A CG2 1 
ATOM   483  N N   . TYR A 1 79  ? -9.708  15.111  -5.398  1.00 34.46  ? 87  TYR A N   1 
ATOM   484  C CA  . TYR A 1 79  ? -10.573 16.302  -5.269  1.00 36.98  ? 87  TYR A CA  1 
ATOM   485  C C   . TYR A 1 79  ? -11.565 15.914  -4.180  1.00 38.07  ? 87  TYR A C   1 
ATOM   486  O O   . TYR A 1 79  ? -12.197 14.892  -4.290  1.00 41.77  ? 87  TYR A O   1 
ATOM   487  C CB  . TYR A 1 79  ? -11.131 16.711  -6.633  1.00 38.85  ? 87  TYR A CB  1 
ATOM   488  C CG  . TYR A 1 79  ? -12.135 17.848  -6.618  1.00 45.80  ? 87  TYR A CG  1 
ATOM   489  C CD1 . TYR A 1 79  ? -13.505 17.628  -6.401  1.00 44.90  ? 87  TYR A CD1 1 
ATOM   490  C CD2 . TYR A 1 79  ? -11.743 19.154  -6.922  1.00 48.55  ? 87  TYR A CD2 1 
ATOM   491  C CE1 . TYR A 1 79  ? -14.422 18.664  -6.408  1.00 40.79  ? 87  TYR A CE1 1 
ATOM   492  C CE2 . TYR A 1 79  ? -12.660 20.205  -6.944  1.00 43.48  ? 87  TYR A CE2 1 
ATOM   493  C CZ  . TYR A 1 79  ? -13.990 19.954  -6.672  1.00 43.85  ? 87  TYR A CZ  1 
ATOM   494  O OH  . TYR A 1 79  ? -14.872 20.996  -6.709  1.00 52.73  ? 87  TYR A OH  1 
ATOM   495  N N   . ARG A 1 80  ? -11.568 16.675  -3.104  1.00 37.24  ? 88  ARG A N   1 
ATOM   496  C CA  . ARG A 1 80  ? -12.334 16.445  -1.858  1.00 40.63  ? 88  ARG A CA  1 
ATOM   497  C C   . ARG A 1 80  ? -13.827 16.685  -2.073  1.00 39.59  ? 88  ARG A C   1 
ATOM   498  O O   . ARG A 1 80  ? -14.628 15.890  -1.554  1.00 39.39  ? 88  ARG A O   1 
ATOM   499  C CB  . ARG A 1 80  ? -11.826 17.488  -0.861  1.00 41.75  ? 88  ARG A CB  1 
ATOM   500  C CG  . ARG A 1 80  ? -12.669 17.659  0.371   1.00 39.69  ? 88  ARG A CG  1 
ATOM   501  C CD  . ARG A 1 80  ? -11.983 18.576  1.328   1.00 37.38  ? 88  ARG A CD  1 
ATOM   502  N NE  . ARG A 1 80  ? -12.367 19.955  1.175   1.00 37.67  ? 88  ARG A NE  1 
ATOM   503  C CZ  . ARG A 1 80  ? -13.563 20.489  1.514   1.00 38.30  ? 88  ARG A CZ  1 
ATOM   504  N NH1 . ARG A 1 80  ? -14.542 19.745  1.989   1.00 38.46  ? 88  ARG A NH1 1 
ATOM   505  N NH2 . ARG A 1 80  ? -13.794 21.777  1.355   1.00 34.95  ? 88  ARG A NH2 1 
ATOM   506  N N   . GLY A 1 81  ? -14.176 17.764  -2.777  1.00 39.85  ? 89  GLY A N   1 
ATOM   507  C CA  . GLY A 1 81  ? -15.580 18.103  -3.098  1.00 38.59  ? 89  GLY A CA  1 
ATOM   508  C C   . GLY A 1 81  ? -16.360 18.415  -1.829  1.00 39.34  ? 89  GLY A C   1 
ATOM   509  O O   . GLY A 1 81  ? -15.971 19.329  -1.108  1.00 41.25  ? 89  GLY A O   1 
ATOM   510  N N   . GLU A 1 82  ? -17.396 17.637  -1.541  1.00 42.13  ? 90  GLU A N   1 
ATOM   511  C CA  . GLU A 1 82  ? -18.272 17.782  -0.348  1.00 49.04  ? 90  GLU A CA  1 
ATOM   512  C C   . GLU A 1 82  ? -17.615 17.141  0.875   1.00 43.44  ? 90  GLU A C   1 
ATOM   513  O O   . GLU A 1 82  ? -18.007 17.488  1.999   1.00 41.71  ? 90  GLU A O   1 
ATOM   514  C CB  . GLU A 1 82  ? -19.577 17.014  -0.533  1.00 54.43  ? 90  GLU A CB  1 
ATOM   515  C CG  . GLU A 1 82  ? -20.530 17.667  -1.508  1.00 65.69  ? 90  GLU A CG  1 
ATOM   516  C CD  . GLU A 1 82  ? -21.780 16.815  -1.663  1.00 70.39  ? 90  GLU A CD  1 
ATOM   517  O OE1 . GLU A 1 82  ? -22.890 17.391  -1.633  1.00 68.82  ? 90  GLU A OE1 1 
ATOM   518  O OE2 . GLU A 1 82  ? -21.636 15.559  -1.756  1.00 73.65  ? 90  GLU A OE2 1 
ATOM   519  N N   . ALA A 1 83  ? -16.688 16.210  0.650   1.00 38.31  ? 91  ALA A N   1 
ATOM   520  C CA  . ALA A 1 83  ? -16.143 15.342  1.715   1.00 36.99  ? 91  ALA A CA  1 
ATOM   521  C C   . ALA A 1 83  ? -15.515 16.227  2.779   1.00 33.38  ? 91  ALA A C   1 
ATOM   522  O O   . ALA A 1 83  ? -14.709 17.062  2.405   1.00 29.04  ? 91  ALA A O   1 
ATOM   523  C CB  . ALA A 1 83  ? -15.128 14.365  1.179   1.00 35.83  ? 91  ALA A CB  1 
ATOM   524  N N   . GLU A 1 84  ? -15.847 16.009  4.047   1.00 33.04  ? 92  GLU A N   1 
ATOM   525  C CA  . GLU A 1 84  ? -15.173 16.735  5.165   1.00 38.57  ? 92  GLU A CA  1 
ATOM   526  C C   . GLU A 1 84  ? -14.463 15.745  6.064   1.00 35.89  ? 92  GLU A C   1 
ATOM   527  O O   . GLU A 1 84  ? -13.496 16.118  6.621   1.00 39.59  ? 92  GLU A O   1 
ATOM   528  C CB  . GLU A 1 84  ? -16.134 17.611  5.982   1.00 38.10  ? 92  GLU A CB  1 
ATOM   529  C CG  . GLU A 1 84  ? -16.769 18.701  5.144   1.00 41.64  ? 92  GLU A CG  1 
ATOM   530  C CD  . GLU A 1 84  ? -17.706 19.653  5.877   1.00 44.97  ? 92  GLU A CD  1 
ATOM   531  O OE1 . GLU A 1 84  ? -17.712 20.839  5.509   1.00 41.98  ? 92  GLU A OE1 1 
ATOM   532  O OE2 . GLU A 1 84  ? -18.379 19.217  6.859   1.00 48.13  ? 92  GLU A OE2 1 
ATOM   533  N N   . ARG A 1 85  ? -15.002 14.555  6.265   1.00 40.13  ? 93  ARG A N   1 
ATOM   534  C CA  . ARG A 1 85  ? -14.261 13.453  6.935   1.00 37.86  ? 93  ARG A CA  1 
ATOM   535  C C   . ARG A 1 85  ? -14.129 12.342  5.903   1.00 37.84  ? 93  ARG A C   1 
ATOM   536  O O   . ARG A 1 85  ? -15.151 12.044  5.243   1.00 38.43  ? 93  ARG A O   1 
ATOM   537  C CB  . ARG A 1 85  ? -14.956 13.007  8.210   1.00 34.98  ? 93  ARG A CB  1 
ATOM   538  C CG  . ARG A 1 85  ? -14.210 11.920  8.944   1.00 36.74  ? 93  ARG A CG  1 
ATOM   539  C CD  . ARG A 1 85  ? -14.734 11.747  10.339  1.00 35.43  ? 93  ARG A CD  1 
ATOM   540  N NE  . ARG A 1 85  ? -14.125 12.786  11.130  1.00 38.25  ? 93  ARG A NE  1 
ATOM   541  C CZ  . ARG A 1 85  ? -12.895 12.769  11.657  1.00 39.80  ? 93  ARG A CZ  1 
ATOM   542  N NH1 . ARG A 1 85  ? -12.455 13.853  12.286  1.00 37.56  ? 93  ARG A NH1 1 
ATOM   543  N NH2 . ARG A 1 85  ? -12.087 11.731  11.484  1.00 36.29  ? 93  ARG A NH2 1 
ATOM   544  N N   . ILE A 1 86  ? -12.908 11.836  5.699   1.00 34.52  ? 94  ILE A N   1 
ATOM   545  C CA  . ILE A 1 86  ? -12.688 10.659  4.814   1.00 33.09  ? 94  ILE A CA  1 
ATOM   546  C C   . ILE A 1 86  ? -12.402 9.410   5.648   1.00 34.07  ? 94  ILE A C   1 
ATOM   547  O O   . ILE A 1 86  ? -11.942 9.523   6.799   1.00 35.93  ? 94  ILE A O   1 
ATOM   548  C CB  . ILE A 1 86  ? -11.572 10.942  3.806   1.00 33.86  ? 94  ILE A CB  1 
ATOM   549  C CG1 . ILE A 1 86  ? -10.243 11.205  4.512   1.00 32.45  ? 94  ILE A CG1 1 
ATOM   550  C CG2 . ILE A 1 86  ? -11.995 12.071  2.861   1.00 35.41  ? 94  ILE A CG2 1 
ATOM   551  C CD1 . ILE A 1 86  ? -9.048  11.272  3.597   1.00 32.99  ? 94  ILE A CD1 1 
ATOM   552  N N   . PHE A 1 87  ? -12.678 8.249   5.059   1.00 34.79  ? 95  PHE A N   1 
ATOM   553  C CA  . PHE A 1 87  ? -12.464 6.904   5.644   1.00 34.00  ? 95  PHE A CA  1 
ATOM   554  C C   . PHE A 1 87  ? -11.492 6.209   4.697   1.00 34.48  ? 95  PHE A C   1 
ATOM   555  O O   . PHE A 1 87  ? -11.757 6.244   3.505   1.00 33.62  ? 95  PHE A O   1 
ATOM   556  C CB  . PHE A 1 87  ? -13.806 6.184   5.822   1.00 35.16  ? 95  PHE A CB  1 
ATOM   557  C CG  . PHE A 1 87  ? -14.631 6.823   6.894   1.00 36.70  ? 95  PHE A CG  1 
ATOM   558  C CD1 . PHE A 1 87  ? -14.439 6.487   8.227   1.00 38.19  ? 95  PHE A CD1 1 
ATOM   559  C CD2 . PHE A 1 87  ? -15.504 7.856   6.577   1.00 40.10  ? 95  PHE A CD2 1 
ATOM   560  C CE1 . PHE A 1 87  ? -15.129 7.174   9.219   1.00 40.17  ? 95  PHE A CE1 1 
ATOM   561  C CE2 . PHE A 1 87  ? -16.192 8.536   7.569   1.00 39.52  ? 95  PHE A CE2 1 
ATOM   562  C CZ  . PHE A 1 87  ? -15.978 8.213   8.892   1.00 38.99  ? 95  PHE A CZ  1 
ATOM   563  N N   . ILE A 1 88  ? -10.356 5.726   5.202   1.00 33.97  ? 96  ILE A N   1 
ATOM   564  C CA  . ILE A 1 88  ? -9.308  5.037   4.393   1.00 32.66  ? 96  ILE A CA  1 
ATOM   565  C C   . ILE A 1 88  ? -9.326  3.584   4.814   1.00 31.67  ? 96  ILE A C   1 
ATOM   566  O O   . ILE A 1 88  ? -8.947  3.286   5.948   1.00 33.74  ? 96  ILE A O   1 
ATOM   567  C CB  . ILE A 1 88  ? -7.941  5.681   4.620   1.00 32.08  ? 96  ILE A CB  1 
ATOM   568  C CG1 . ILE A 1 88  ? -8.001  7.198   4.371   1.00 35.39  ? 96  ILE A CG1 1 
ATOM   569  C CG2 . ILE A 1 88  ? -6.899  4.962   3.790   1.00 30.93  ? 96  ILE A CG2 1 
ATOM   570  C CD1 . ILE A 1 88  ? -6.972  8.025   5.138   1.00 34.06  ? 96  ILE A CD1 1 
ATOM   571  N N   . GLU A 1 89  ? -9.846  2.732   3.960   1.00 34.37  ? 97  GLU A N   1 
ATOM   572  C CA  . GLU A 1 89  ? -9.830  1.261   4.159   1.00 33.14  ? 97  GLU A CA  1 
ATOM   573  C C   . GLU A 1 89  ? -8.652  0.642   3.403   1.00 31.28  ? 97  GLU A C   1 
ATOM   574  O O   . GLU A 1 89  ? -8.541  0.861   2.198   1.00 31.06  ? 97  GLU A O   1 
ATOM   575  C CB  . GLU A 1 89  ? -11.130 0.704   3.649   1.00 35.49  ? 97  GLU A CB  1 
ATOM   576  C CG  . GLU A 1 89  ? -11.411 -0.673  4.178   1.00 42.04  ? 97  GLU A CG  1 
ATOM   577  C CD  . GLU A 1 89  ? -12.558 -1.330  3.426   1.00 46.80  ? 97  GLU A CD  1 
ATOM   578  O OE1 . GLU A 1 89  ? -12.528 -1.317  2.148   1.00 46.37  ? 97  GLU A OE1 1 
ATOM   579  O OE2 . GLU A 1 89  ? -13.466 -1.854  4.111   1.00 58.70  ? 97  GLU A OE2 1 
ATOM   580  N N   . LEU A 1 90  ? -7.795  -0.099  4.096   1.00 31.14  ? 98  LEU A N   1 
ATOM   581  C CA  . LEU A 1 90  ? -6.625  -0.774  3.470   1.00 29.57  ? 98  LEU A CA  1 
ATOM   582  C C   . LEU A 1 90  ? -6.768  -2.286  3.651   1.00 30.38  ? 98  LEU A C   1 
ATOM   583  O O   . LEU A 1 90  ? -7.166  -2.727  4.724   1.00 31.24  ? 98  LEU A O   1 
ATOM   584  C CB  . LEU A 1 90  ? -5.323  -0.323  4.119   1.00 29.39  ? 98  LEU A CB  1 
ATOM   585  C CG  . LEU A 1 90  ? -5.138  1.151   4.402   1.00 28.40  ? 98  LEU A CG  1 
ATOM   586  C CD1 . LEU A 1 90  ? -3.919  1.300   5.255   1.00 29.16  ? 98  LEU A CD1 1 
ATOM   587  C CD2 . LEU A 1 90  ? -4.974  1.894   3.094   1.00 29.98  ? 98  LEU A CD2 1 
ATOM   588  N N   . LYS A 1 91  ? -6.399  -3.035  2.633   1.00 31.90  ? 99  LYS A N   1 
ATOM   589  C CA  . LYS A 1 91  ? -6.229  -4.493  2.729   1.00 33.85  ? 99  LYS A CA  1 
ATOM   590  C C   . LYS A 1 91  ? -4.835  -4.783  2.229   1.00 31.57  ? 99  LYS A C   1 
ATOM   591  O O   . LYS A 1 91  ? -4.408  -4.262  1.140   1.00 30.10  ? 99  LYS A O   1 
ATOM   592  C CB  . LYS A 1 91  ? -7.255  -5.205  1.864   1.00 35.54  ? 99  LYS A CB  1 
ATOM   593  C CG  . LYS A 1 91  ? -8.671  -4.762  2.164   1.00 37.53  ? 99  LYS A CG  1 
ATOM   594  C CD  . LYS A 1 91  ? -9.733  -5.475  1.336   1.00 36.73  ? 99  LYS A CD  1 
ATOM   595  C CE  . LYS A 1 91  ? -11.119 -5.027  1.773   1.00 39.19  ? 99  LYS A CE  1 
ATOM   596  N NZ  . LYS A 1 91  ? -12.139 -5.529  0.819   1.00 45.44  ? 99  LYS A NZ  1 
ATOM   597  N N   . PHE A 1 92  ? -4.135  -5.558  3.015   1.00 32.38  ? 100 PHE A N   1 
ATOM   598  C CA  . PHE A 1 92  ? -2.700  -5.776  2.780   1.00 31.38  ? 100 PHE A CA  1 
ATOM   599  C C   . PHE A 1 92  ? -2.315  -7.097  3.401   1.00 30.34  ? 100 PHE A C   1 
ATOM   600  O O   . PHE A 1 92  ? -3.075  -7.637  4.220   1.00 30.85  ? 100 PHE A O   1 
ATOM   601  C CB  . PHE A 1 92  ? -1.926  -4.607  3.388   1.00 31.86  ? 100 PHE A CB  1 
ATOM   602  C CG  . PHE A 1 92  ? -2.179  -4.429  4.855   1.00 30.82  ? 100 PHE A CG  1 
ATOM   603  C CD1 . PHE A 1 92  ? -3.285  -3.715  5.299   1.00 32.03  ? 100 PHE A CD1 1 
ATOM   604  C CD2 . PHE A 1 92  ? -1.258  -4.908  5.780   1.00 31.60  ? 100 PHE A CD2 1 
ATOM   605  C CE1 . PHE A 1 92  ? -3.503  -3.538  6.658   1.00 32.52  ? 100 PHE A CE1 1 
ATOM   606  C CE2 . PHE A 1 92  ? -1.481  -4.742  7.137   1.00 32.53  ? 100 PHE A CE2 1 
ATOM   607  C CZ  . PHE A 1 92  ? -2.609  -4.052  7.568   1.00 33.61  ? 100 PHE A CZ  1 
ATOM   608  N N   . THR A 1 93  ? -1.124  -7.545  3.029   1.00 30.16  ? 101 THR A N   1 
ATOM   609  C CA  . THR A 1 93  ? -0.447  -8.691  3.653   1.00 30.93  ? 101 THR A CA  1 
ATOM   610  C C   . THR A 1 93  ? 0.832   -8.142  4.284   1.00 32.51  ? 101 THR A C   1 
ATOM   611  O O   . THR A 1 93  ? 1.425   -7.160  3.717   1.00 29.58  ? 101 THR A O   1 
ATOM   612  C CB  . THR A 1 93  ? -0.231  -9.805  2.622   1.00 29.59  ? 101 THR A CB  1 
ATOM   613  O OG1 . THR A 1 93  ? 0.661   -9.347  1.598   1.00 27.19  ? 101 THR A OG1 1 
ATOM   614  C CG2 . THR A 1 93  ? -1.530  -10.272 1.983   1.00 30.63  ? 101 THR A CG2 1 
ATOM   615  N N   . VAL A 1 94  ? 1.251   -8.780  5.370   1.00 33.61  ? 102 VAL A N   1 
ATOM   616  C CA  . VAL A 1 94  ? 2.589   -8.557  5.972   1.00 35.48  ? 102 VAL A CA  1 
ATOM   617  C C   . VAL A 1 94  ? 3.235   -9.912  6.277   1.00 37.27  ? 102 VAL A C   1 
ATOM   618  O O   . VAL A 1 94  ? 2.559   -10.804 6.880   1.00 36.80  ? 102 VAL A O   1 
ATOM   619  C CB  . VAL A 1 94  ? 2.561   -7.673  7.213   1.00 34.90  ? 102 VAL A CB  1 
ATOM   620  C CG1 . VAL A 1 94  ? 3.959   -7.619  7.836   1.00 35.39  ? 102 VAL A CG1 1 
ATOM   621  C CG2 . VAL A 1 94  ? 2.070   -6.273  6.889   1.00 36.57  ? 102 VAL A CG2 1 
ATOM   622  N N   . ARG A 1 95  ? 4.485   -10.055 5.859   1.00 32.59  ? 103 ARG A N   1 
ATOM   623  C CA  . ARG A 1 95  ? 5.216   -11.339 6.025   1.00 36.26  ? 103 ARG A CA  1 
ATOM   624  C C   . ARG A 1 95  ? 6.110   -11.301 7.286   1.00 36.42  ? 103 ARG A C   1 
ATOM   625  O O   . ARG A 1 95  ? 6.683   -10.242 7.657   1.00 38.92  ? 103 ARG A O   1 
ATOM   626  C CB  . ARG A 1 95  ? 5.917   -11.640 4.710   1.00 35.84  ? 103 ARG A CB  1 
ATOM   627  C CG  . ARG A 1 95  ? 6.723   -12.914 4.717   1.00 41.53  ? 103 ARG A CG  1 
ATOM   628  C CD  . ARG A 1 95  ? 7.084   -13.409 3.336   1.00 39.90  ? 103 ARG A CD  1 
ATOM   629  N NE  . ARG A 1 95  ? 7.962   -14.527 3.613   1.00 39.38  ? 103 ARG A NE  1 
ATOM   630  C CZ  . ARG A 1 95  ? 8.707   -15.107 2.723   1.00 38.09  ? 103 ARG A CZ  1 
ATOM   631  N NH1 . ARG A 1 95  ? 8.758   -14.621 1.502   1.00 40.24  ? 103 ARG A NH1 1 
ATOM   632  N NH2 . ARG A 1 95  ? 9.454   -16.126 3.065   1.00 42.62  ? 103 ARG A NH2 1 
ATOM   633  N N   . ASP A 1 96  ? 6.060   -12.405 8.006   1.00 37.65  ? 104 ASP A N   1 
ATOM   634  C CA  . ASP A 1 96  ? 6.708   -12.690 9.297   1.00 36.10  ? 104 ASP A CA  1 
ATOM   635  C C   . ASP A 1 96  ? 8.209   -12.482 9.113   1.00 35.56  ? 104 ASP A C   1 
ATOM   636  O O   . ASP A 1 96  ? 8.792   -13.139 8.239   1.00 33.87  ? 104 ASP A O   1 
ATOM   637  C CB  . ASP A 1 96  ? 6.393   -14.147 9.636   1.00 43.43  ? 104 ASP A CB  1 
ATOM   638  C CG  . ASP A 1 96  ? 7.148   -14.686 10.841  1.00 48.79  ? 104 ASP A CG  1 
ATOM   639  O OD1 . ASP A 1 96  ? 7.566   -13.875 11.680  1.00 42.43  ? 104 ASP A OD1 1 
ATOM   640  O OD2 . ASP A 1 96  ? 7.366   -15.926 10.878  1.00 63.83  ? 104 ASP A OD2 1 
ATOM   641  N N   . CYS A 1 97  ? 8.823   -11.599 9.886   1.00 35.65  ? 105 CYS A N   1 
ATOM   642  C CA  . CYS A 1 97  ? 10.295  -11.356 9.845   1.00 39.19  ? 105 CYS A CA  1 
ATOM   643  C C   . CYS A 1 97  ? 11.111  -12.620 10.125  1.00 37.53  ? 105 CYS A C   1 
ATOM   644  O O   . CYS A 1 97  ? 12.172  -12.721 9.551   1.00 38.47  ? 105 CYS A O   1 
ATOM   645  C CB  . CYS A 1 97  ? 10.693  -10.184 10.722  1.00 39.70  ? 105 CYS A CB  1 
ATOM   646  S SG  . CYS A 1 97  ? 10.025  -8.638  10.025  1.00 40.48  ? 105 CYS A SG  1 
ATOM   647  N N   . ASN A 1 98  ? 10.614  -13.642 10.809  1.00 41.03  ? 106 ASN A N   1 
ATOM   648  C CA  . ASN A 1 98  ? 11.450  -14.876 10.978  1.00 40.04  ? 106 ASN A CA  1 
ATOM   649  C C   . ASN A 1 98  ? 11.373  -15.865 9.817   1.00 39.68  ? 106 ASN A C   1 
ATOM   650  O O   . ASN A 1 98  ? 12.007  -16.908 9.935   1.00 39.65  ? 106 ASN A O   1 
ATOM   651  C CB  . ASN A 1 98  ? 11.074  -15.683 12.217  1.00 41.45  ? 106 ASN A CB  1 
ATOM   652  C CG  . ASN A 1 98  ? 11.632  -14.998 13.430  1.00 39.58  ? 106 ASN A CG  1 
ATOM   653  O OD1 . ASN A 1 98  ? 10.870  -14.626 14.313  1.00 44.03  ? 106 ASN A OD1 1 
ATOM   654  N ND2 . ASN A 1 98  ? 12.933  -14.758 13.419  1.00 34.18  ? 106 ASN A ND2 1 
ATOM   655  N N   . SER A 1 99  ? 10.566  -15.604 8.799   1.00 39.27  ? 107 SER A N   1 
ATOM   656  C CA  . SER A 1 99  ? 10.245  -16.537 7.698   1.00 38.81  ? 107 SER A CA  1 
ATOM   657  C C   . SER A 1 99  ? 11.279  -16.364 6.590   1.00 40.37  ? 107 SER A C   1 
ATOM   658  O O   . SER A 1 99  ? 11.093  -16.987 5.556   1.00 42.08  ? 107 SER A O   1 
ATOM   659  C CB  . SER A 1 99  ? 8.880   -16.255 7.174   1.00 36.74  ? 107 SER A CB  1 
ATOM   660  O OG  . SER A 1 99  ? 8.954   -15.126 6.313   1.00 44.37  ? 107 SER A OG  1 
ATOM   661  N N   . PHE A 1 100 ? 12.290  -15.517 6.779   1.00 43.56  ? 108 PHE A N   1 
ATOM   662  C CA  . PHE A 1 100 ? 13.315  -15.224 5.736   1.00 52.35  ? 108 PHE A CA  1 
ATOM   663  C C   . PHE A 1 100 ? 14.570  -16.070 5.964   1.00 63.03  ? 108 PHE A C   1 
ATOM   664  O O   . PHE A 1 100 ? 15.375  -15.765 6.852   1.00 62.59  ? 108 PHE A O   1 
ATOM   665  C CB  . PHE A 1 100 ? 13.639  -13.729 5.693   1.00 43.00  ? 108 PHE A CB  1 
ATOM   666  C CG  . PHE A 1 100 ? 12.461  -12.924 5.220   1.00 42.01  ? 108 PHE A CG  1 
ATOM   667  C CD1 . PHE A 1 100 ? 12.096  -12.915 3.881   1.00 39.64  ? 108 PHE A CD1 1 
ATOM   668  C CD2 . PHE A 1 100 ? 11.671  -12.232 6.127   1.00 40.20  ? 108 PHE A CD2 1 
ATOM   669  C CE1 . PHE A 1 100 ? 10.974  -12.218 3.479   1.00 38.63  ? 108 PHE A CE1 1 
ATOM   670  C CE2 . PHE A 1 100 ? 10.563  -11.528 5.711   1.00 37.16  ? 108 PHE A CE2 1 
ATOM   671  C CZ  . PHE A 1 100 ? 10.208  -11.536 4.387   1.00 37.40  ? 108 PHE A CZ  1 
ATOM   672  N N   . PRO A 1 101 ? 14.790  -17.131 5.147   1.00 76.92  ? 109 PRO A N   1 
ATOM   673  C CA  . PRO A 1 101 ? 16.009  -17.944 5.243   1.00 79.98  ? 109 PRO A CA  1 
ATOM   674  C C   . PRO A 1 101 ? 17.184  -17.026 4.882   1.00 88.43  ? 109 PRO A C   1 
ATOM   675  O O   . PRO A 1 101 ? 17.143  -16.458 3.775   1.00 84.15  ? 109 PRO A O   1 
ATOM   676  C CB  . PRO A 1 101 ? 15.822  -19.078 4.225   1.00 83.15  ? 109 PRO A CB  1 
ATOM   677  C CG  . PRO A 1 101 ? 14.357  -18.991 3.772   1.00 83.12  ? 109 PRO A CG  1 
ATOM   678  C CD  . PRO A 1 101 ? 13.912  -17.566 4.048   1.00 79.59  ? 109 PRO A CD  1 
ATOM   679  N N   . GLY A 1 102 ? 18.142  -16.868 5.814   1.00 86.57  ? 110 GLY A N   1 
ATOM   680  C CA  . GLY A 1 102 ? 18.969  -15.652 5.984   1.00 87.83  ? 110 GLY A CA  1 
ATOM   681  C C   . GLY A 1 102 ? 18.289  -14.702 6.966   1.00 95.86  ? 110 GLY A C   1 
ATOM   682  O O   . GLY A 1 102 ? 18.315  -15.012 8.192   1.00 99.54  ? 110 GLY A O   1 
ATOM   683  N N   . GLY A 1 103 ? 17.705  -13.600 6.455   1.00 95.93  ? 111 GLY A N   1 
ATOM   684  C CA  . GLY A 1 103 ? 16.636  -12.791 7.090   1.00 94.97  ? 111 GLY A CA  1 
ATOM   685  C C   . GLY A 1 103 ? 17.140  -11.789 8.120   1.00 94.29  ? 111 GLY A C   1 
ATOM   686  O O   . GLY A 1 103 ? 17.614  -12.237 9.209   1.00 87.63  ? 111 GLY A O   1 
ATOM   687  N N   . ALA A 1 104 ? 16.998  -10.483 7.845   1.00 81.44  ? 112 ALA A N   1 
ATOM   688  C CA  . ALA A 1 104 ? 17.759  -9.443  8.573   1.00 85.04  ? 112 ALA A CA  1 
ATOM   689  C C   . ALA A 1 104 ? 16.993  -8.881  9.786   1.00 88.91  ? 112 ALA A C   1 
ATOM   690  O O   . ALA A 1 104 ? 15.734  -9.105  9.971   1.00 66.69  ? 112 ALA A O   1 
ATOM   691  C CB  . ALA A 1 104 ? 18.228  -8.338  7.645   1.00 83.29  ? 112 ALA A CB  1 
ATOM   692  N N   . SER A 1 105 ? 17.793  -8.177  10.602  1.00 88.53  ? 113 SER A N   1 
ATOM   693  C CA  . SER A 1 105 ? 17.408  -7.379  11.792  1.00 82.32  ? 113 SER A CA  1 
ATOM   694  C C   . SER A 1 105 ? 17.026  -5.955  11.357  1.00 77.51  ? 113 SER A C   1 
ATOM   695  O O   . SER A 1 105 ? 16.867  -5.091  12.228  1.00 76.46  ? 113 SER A O   1 
ATOM   696  C CB  . SER A 1 105 ? 18.539  -7.385  12.789  1.00 87.44  ? 113 SER A CB  1 
ATOM   697  O OG  . SER A 1 105 ? 19.741  -6.915  12.189  1.00 89.17  ? 113 SER A OG  1 
ATOM   698  N N   . SER A 1 106 ? 16.885  -5.728  10.047  1.00 72.35  ? 114 SER A N   1 
ATOM   699  C CA  . SER A 1 106 ? 16.284  -4.512  9.431   1.00 65.90  ? 114 SER A CA  1 
ATOM   700  C C   . SER A 1 106 ? 14.785  -4.767  9.115   1.00 56.61  ? 114 SER A C   1 
ATOM   701  O O   . SER A 1 106 ? 14.028  -3.801  8.862   1.00 62.69  ? 114 SER A O   1 
ATOM   702  C CB  . SER A 1 106 ? 17.103  -4.188  8.225   1.00 64.04  ? 114 SER A CB  1 
ATOM   703  O OG  . SER A 1 106 ? 17.522  -5.418  7.615   1.00 69.48  ? 114 SER A OG  1 
ATOM   704  N N   . CYS A 1 107 ? 14.329  -6.012  9.214   1.00 43.06  ? 115 CYS A N   1 
ATOM   705  C CA  . CYS A 1 107 ? 12.933  -6.414  8.922   1.00 40.29  ? 115 CYS A CA  1 
ATOM   706  C C   . CYS A 1 107 ? 11.974  -5.822  9.958   1.00 39.03  ? 115 CYS A C   1 
ATOM   707  O O   . CYS A 1 107 ? 12.246  -5.828  11.218  1.00 37.12  ? 115 CYS A O   1 
ATOM   708  C CB  . CYS A 1 107 ? 12.757  -7.924  8.812   1.00 39.59  ? 115 CYS A CB  1 
ATOM   709  S SG  . CYS A 1 107 ? 11.105  -8.433  8.266   1.00 41.24  ? 115 CYS A SG  1 
ATOM   710  N N   . LYS A 1 108 ? 10.827  -5.398  9.450   1.00 35.96  ? 116 LYS A N   1 
ATOM   711  C CA  . LYS A 1 108 ? 9.737   -4.828  10.284  1.00 38.76  ? 116 LYS A CA  1 
ATOM   712  C C   . LYS A 1 108 ? 8.432   -5.465  9.816   1.00 34.41  ? 116 LYS A C   1 
ATOM   713  O O   . LYS A 1 108 ? 8.413   -6.077  8.731   1.00 31.83  ? 116 LYS A O   1 
ATOM   714  C CB  . LYS A 1 108 ? 9.751   -3.283  10.219  1.00 40.23  ? 116 LYS A CB  1 
ATOM   715  C CG  . LYS A 1 108 ? 10.843  -2.648  11.082  1.00 48.38  ? 116 LYS A CG  1 
ATOM   716  C CD  . LYS A 1 108 ? 10.635  -1.197  11.466  1.00 59.54  ? 116 LYS A CD  1 
ATOM   717  C CE  . LYS A 1 108 ? 9.608   -0.926  12.562  1.00 69.36  ? 116 LYS A CE  1 
ATOM   718  N NZ  . LYS A 1 108 ? 10.211  -0.613  13.899  1.00 70.12  ? 116 LYS A NZ  1 
ATOM   719  N N   . GLU A 1 109 ? 7.388   -5.266  10.596  1.00 33.28  ? 117 GLU A N   1 
ATOM   720  C CA  . GLU A 1 109 ? 6.036   -5.834  10.399  1.00 34.46  ? 117 GLU A CA  1 
ATOM   721  C C   . GLU A 1 109 ? 4.993   -4.728  10.478  1.00 31.75  ? 117 GLU A C   1 
ATOM   722  O O   . GLU A 1 109 ? 3.837   -5.024  10.651  1.00 36.59  ? 117 GLU A O   1 
ATOM   723  C CB  . GLU A 1 109 ? 5.828   -6.921  11.453  1.00 34.99  ? 117 GLU A CB  1 
ATOM   724  C CG  . GLU A 1 109 ? 6.729   -8.119  11.197  1.00 38.90  ? 117 GLU A CG  1 
ATOM   725  C CD  . GLU A 1 109 ? 6.452   -9.366  12.053  1.00 42.10  ? 117 GLU A CD  1 
ATOM   726  O OE1 . GLU A 1 109 ? 5.685   -9.273  12.987  1.00 39.21  ? 117 GLU A OE1 1 
ATOM   727  O OE2 . GLU A 1 109 ? 7.020   -10.430 11.765  1.00 44.58  ? 117 GLU A OE2 1 
ATOM   728  N N   . THR A 1 110 ? 5.374   -3.483  10.304  1.00 32.64  ? 118 THR A N   1 
ATOM   729  C CA  . THR A 1 110 ? 4.414   -2.347  10.254  1.00 32.01  ? 118 THR A CA  1 
ATOM   730  C C   . THR A 1 110 ? 4.835   -1.475  9.076   1.00 31.64  ? 118 THR A C   1 
ATOM   731  O O   . THR A 1 110 ? 5.969   -1.662  8.591   1.00 29.50  ? 118 THR A O   1 
ATOM   732  C CB  . THR A 1 110 ? 4.450   -1.570  11.581  1.00 31.51  ? 118 THR A CB  1 
ATOM   733  O OG1 . THR A 1 110 ? 5.780   -1.068  11.689  1.00 30.67  ? 118 THR A OG1 1 
ATOM   734  C CG2 . THR A 1 110 ? 4.170   -2.405  12.825  1.00 30.66  ? 118 THR A CG2 1 
ATOM   735  N N   . PHE A 1 111 ? 3.981   -0.513  8.715   1.00 32.96  ? 119 PHE A N   1 
ATOM   736  C CA  . PHE A 1 111 ? 4.238   0.555   7.721   1.00 31.23  ? 119 PHE A CA  1 
ATOM   737  C C   . PHE A 1 111 ? 3.436   1.740   8.206   1.00 30.03  ? 119 PHE A C   1 
ATOM   738  O O   . PHE A 1 111 ? 2.611   1.515   9.092   1.00 27.48  ? 119 PHE A O   1 
ATOM   739  C CB  . PHE A 1 111 ? 3.842   0.157   6.287   1.00 33.83  ? 119 PHE A CB  1 
ATOM   740  C CG  . PHE A 1 111 ? 2.406   -0.212  6.020   1.00 33.42  ? 119 PHE A CG  1 
ATOM   741  C CD1 . PHE A 1 111 ? 1.948   -1.513  6.220   1.00 34.94  ? 119 PHE A CD1 1 
ATOM   742  C CD2 . PHE A 1 111 ? 1.535   0.692   5.452   1.00 35.14  ? 119 PHE A CD2 1 
ATOM   743  C CE1 . PHE A 1 111 ? 0.636   -1.878  5.940   1.00 32.72  ? 119 PHE A CE1 1 
ATOM   744  C CE2 . PHE A 1 111 ? 0.218   0.334   5.163   1.00 32.31  ? 119 PHE A CE2 1 
ATOM   745  C CZ  . PHE A 1 111 ? -0.226  -0.945  5.405   1.00 31.82  ? 119 PHE A CZ  1 
ATOM   746  N N   . ASN A 1 112 ? 3.698   2.928   7.664   1.00 30.15  ? 120 ASN A N   1 
ATOM   747  C CA  . ASN A 1 112 ? 3.069   4.203   8.110   1.00 29.80  ? 120 ASN A CA  1 
ATOM   748  C C   . ASN A 1 112 ? 2.167   4.757   6.999   1.00 30.48  ? 120 ASN A C   1 
ATOM   749  O O   . ASN A 1 112 ? 2.534   4.670   5.800   1.00 31.60  ? 120 ASN A O   1 
ATOM   750  C CB  . ASN A 1 112 ? 4.149   5.190   8.488   1.00 30.46  ? 120 ASN A CB  1 
ATOM   751  C CG  . ASN A 1 112 ? 4.963   4.695   9.669   1.00 31.93  ? 120 ASN A CG  1 
ATOM   752  O OD1 . ASN A 1 112 ? 4.417   4.121   10.596  1.00 32.12  ? 120 ASN A OD1 1 
ATOM   753  N ND2 . ASN A 1 112 ? 6.257   4.920   9.633   1.00 29.06  ? 120 ASN A ND2 1 
ATOM   754  N N   . LEU A 1 113 ? 1.033   5.280   7.430   1.00 28.76  ? 121 LEU A N   1 
ATOM   755  C CA  . LEU A 1 113 ? 0.029   5.983   6.630   1.00 29.45  ? 121 LEU A CA  1 
ATOM   756  C C   . LEU A 1 113 ? 0.097   7.477   6.954   1.00 30.28  ? 121 LEU A C   1 
ATOM   757  O O   . LEU A 1 113 ? 0.127   7.850   8.132   1.00 28.78  ? 121 LEU A O   1 
ATOM   758  C CB  . LEU A 1 113 ? -1.321  5.385   7.008   1.00 31.31  ? 121 LEU A CB  1 
ATOM   759  C CG  . LEU A 1 113 ? -2.541  5.940   6.284   1.00 30.85  ? 121 LEU A CG  1 
ATOM   760  C CD1 . LEU A 1 113 ? -2.362  5.851   4.791   1.00 29.52  ? 121 LEU A CD1 1 
ATOM   761  C CD2 . LEU A 1 113 ? -3.781  5.212   6.728   1.00 31.45  ? 121 LEU A CD2 1 
ATOM   762  N N   . TYR A 1 114 ? 0.137   8.295   5.908   1.00 31.73  ? 122 TYR A N   1 
ATOM   763  C CA  . TYR A 1 114 ? 0.239   9.770   5.945   1.00 30.78  ? 122 TYR A CA  1 
ATOM   764  C C   . TYR A 1 114 ? -0.845  10.350  5.026   1.00 31.44  ? 122 TYR A C   1 
ATOM   765  O O   . TYR A 1 114 ? -1.340  9.663   4.128   1.00 29.18  ? 122 TYR A O   1 
ATOM   766  C CB  . TYR A 1 114 ? 1.609   10.234  5.449   1.00 33.23  ? 122 TYR A CB  1 
ATOM   767  C CG  . TYR A 1 114 ? 2.806   9.882   6.308   1.00 35.31  ? 122 TYR A CG  1 
ATOM   768  C CD1 . TYR A 1 114 ? 3.377   8.619   6.252   1.00 34.87  ? 122 TYR A CD1 1 
ATOM   769  C CD2 . TYR A 1 114 ? 3.430   10.840  7.094   1.00 36.80  ? 122 TYR A CD2 1 
ATOM   770  C CE1 . TYR A 1 114 ? 4.441   8.280   7.058   1.00 35.80  ? 122 TYR A CE1 1 
ATOM   771  C CE2 . TYR A 1 114 ? 4.483   10.516  7.929   1.00 38.34  ? 122 TYR A CE2 1 
ATOM   772  C CZ  . TYR A 1 114 ? 4.990   9.228   7.896   1.00 39.28  ? 122 TYR A CZ  1 
ATOM   773  O OH  . TYR A 1 114 ? 6.080   8.894   8.624   1.00 40.77  ? 122 TYR A OH  1 
ATOM   774  N N   . TYR A 1 115 ? -1.173  11.625  5.217   1.00 31.15  ? 123 TYR A N   1 
ATOM   775  C CA  . TYR A 1 115 ? -1.921  12.413  4.216   1.00 33.56  ? 123 TYR A CA  1 
ATOM   776  C C   . TYR A 1 115 ? -1.317  13.821  4.105   1.00 32.55  ? 123 TYR A C   1 
ATOM   777  O O   . TYR A 1 115 ? -0.556  14.314  5.004   1.00 32.79  ? 123 TYR A O   1 
ATOM   778  C CB  . TYR A 1 115 ? -3.419  12.349  4.555   1.00 32.57  ? 123 TYR A CB  1 
ATOM   779  C CG  . TYR A 1 115 ? -3.865  13.272  5.640   1.00 32.74  ? 123 TYR A CG  1 
ATOM   780  C CD1 . TYR A 1 115 ? -3.398  13.103  6.923   1.00 36.48  ? 123 TYR A CD1 1 
ATOM   781  C CD2 . TYR A 1 115 ? -4.684  14.363  5.381   1.00 35.33  ? 123 TYR A CD2 1 
ATOM   782  C CE1 . TYR A 1 115 ? -3.761  13.959  7.940   1.00 34.15  ? 123 TYR A CE1 1 
ATOM   783  C CE2 . TYR A 1 115 ? -5.061  15.242  6.381   1.00 35.81  ? 123 TYR A CE2 1 
ATOM   784  C CZ  . TYR A 1 115 ? -4.595  15.031  7.672   1.00 40.25  ? 123 TYR A CZ  1 
ATOM   785  O OH  . TYR A 1 115 ? -4.939  15.841  8.727   1.00 44.24  ? 123 TYR A OH  1 
ATOM   786  N N   . ALA A 1 116 ? -1.717  14.512  3.057   1.00 30.32  ? 124 ALA A N   1 
ATOM   787  C CA  . ALA A 1 116 ? -1.449  15.957  2.895   1.00 32.97  ? 124 ALA A CA  1 
ATOM   788  C C   . ALA A 1 116 ? -2.623  16.593  2.167   1.00 31.80  ? 124 ALA A C   1 
ATOM   789  O O   . ALA A 1 116 ? -3.037  16.034  1.143   1.00 35.04  ? 124 ALA A O   1 
ATOM   790  C CB  . ALA A 1 116 ? -0.152  16.157  2.143   1.00 32.24  ? 124 ALA A CB  1 
ATOM   791  N N   . GLU A 1 117 ? -3.154  17.666  2.720   1.00 33.13  ? 125 GLU A N   1 
ATOM   792  C CA  . GLU A 1 117 ? -4.114  18.597  2.072   1.00 36.85  ? 125 GLU A CA  1 
ATOM   793  C C   . GLU A 1 117 ? -3.368  19.606  1.178   1.00 33.44  ? 125 GLU A C   1 
ATOM   794  O O   . GLU A 1 117 ? -2.388  20.139  1.603   1.00 35.63  ? 125 GLU A O   1 
ATOM   795  C CB  . GLU A 1 117 ? -4.886  19.341  3.160   1.00 34.76  ? 125 GLU A CB  1 
ATOM   796  C CG  . GLU A 1 117 ? -5.771  18.421  3.895   1.00 39.15  ? 125 GLU A CG  1 
ATOM   797  C CD  . GLU A 1 117 ? -6.869  19.118  4.658   1.00 41.50  ? 125 GLU A CD  1 
ATOM   798  O OE1 . GLU A 1 117 ? -6.781  19.058  5.912   1.00 45.51  ? 125 GLU A OE1 1 
ATOM   799  O OE2 . GLU A 1 117 ? -7.839  19.620  3.991   1.00 36.34  ? 125 GLU A OE2 1 
ATOM   800  N N   . SER A 1 118 ? -3.846  19.926  -0.007  1.00 34.51  ? 126 SER A N   1 
ATOM   801  C CA  . SER A 1 118 ? -3.369  21.149  -0.691  1.00 34.96  ? 126 SER A CA  1 
ATOM   802  C C   . SER A 1 118 ? -4.409  21.664  -1.659  1.00 35.91  ? 126 SER A C   1 
ATOM   803  O O   . SER A 1 118 ? -5.243  20.881  -2.092  1.00 38.10  ? 126 SER A O   1 
ATOM   804  C CB  . SER A 1 118 ? -2.113  20.891  -1.381  1.00 36.62  ? 126 SER A CB  1 
ATOM   805  O OG  . SER A 1 118 ? -2.341  19.823  -2.277  1.00 49.67  ? 126 SER A OG  1 
ATOM   806  N N   . ASP A 1 119 ? -4.248  22.923  -2.036  1.00 41.28  ? 127 ASP A N   1 
ATOM   807  C CA  . ASP A 1 119 ? -5.067  23.653  -3.034  1.00 44.42  ? 127 ASP A CA  1 
ATOM   808  C C   . ASP A 1 119 ? -4.428  23.408  -4.401  1.00 45.90  ? 127 ASP A C   1 
ATOM   809  O O   . ASP A 1 119 ? -5.088  23.561  -5.409  1.00 52.45  ? 127 ASP A O   1 
ATOM   810  C CB  . ASP A 1 119 ? -5.258  25.087  -2.517  1.00 46.79  ? 127 ASP A CB  1 
ATOM   811  C CG  . ASP A 1 119 ? -6.232  25.111  -1.329  1.00 51.26  ? 127 ASP A CG  1 
ATOM   812  O OD1 . ASP A 1 119 ? -7.229  24.356  -1.361  1.00 44.42  ? 127 ASP A OD1 1 
ATOM   813  O OD2 . ASP A 1 119 ? -5.990  25.853  -0.355  1.00 59.89  ? 127 ASP A OD2 1 
ATOM   814  N N   . LEU A 1 120 ? -3.236  22.829  -4.392  1.00 51.97  ? 128 LEU A N   1 
ATOM   815  C CA  . LEU A 1 120 ? -2.272  22.751  -5.505  1.00 53.28  ? 128 LEU A CA  1 
ATOM   816  C C   . LEU A 1 120 ? -1.832  21.284  -5.697  1.00 51.85  ? 128 LEU A C   1 
ATOM   817  O O   . LEU A 1 120 ? -1.543  20.636  -4.683  1.00 49.52  ? 128 LEU A O   1 
ATOM   818  C CB  . LEU A 1 120 ? -1.111  23.645  -5.029  1.00 62.73  ? 128 LEU A CB  1 
ATOM   819  C CG  . LEU A 1 120 ? -0.449  24.580  -6.044  1.00 63.50  ? 128 LEU A CG  1 
ATOM   820  C CD1 . LEU A 1 120 ? 0.917   24.060  -6.453  1.00 64.53  ? 128 LEU A CD1 1 
ATOM   821  C CD2 . LEU A 1 120 ? -1.332  24.811  -7.268  1.00 63.79  ? 128 LEU A CD2 1 
ATOM   822  N N   . ASP A 1 121 ? -1.784  20.776  -6.933  1.00 55.64  ? 129 ASP A N   1 
ATOM   823  C CA  . ASP A 1 121 ? -1.084  19.513  -7.310  1.00 60.30  ? 129 ASP A CA  1 
ATOM   824  C C   . ASP A 1 121 ? 0.394   19.684  -6.951  1.00 54.06  ? 129 ASP A C   1 
ATOM   825  O O   . ASP A 1 121 ? 0.915   20.738  -7.218  1.00 56.19  ? 129 ASP A O   1 
ATOM   826  C CB  . ASP A 1 121 ? -1.213  19.193  -8.818  1.00 65.63  ? 129 ASP A CB  1 
ATOM   827  C CG  . ASP A 1 121 ? -1.442  17.708  -9.157  1.00 76.34  ? 129 ASP A CG  1 
ATOM   828  O OD1 . ASP A 1 121 ? -0.516  16.875  -8.867  1.00 75.83  ? 129 ASP A OD1 1 
ATOM   829  O OD2 . ASP A 1 121 ? -2.552  17.365  -9.708  1.00 72.13  ? 129 ASP A OD2 1 
ATOM   830  N N   . TYR A 1 122 ? 1.086   18.681  -6.429  1.00 49.92  ? 130 TYR A N   1 
ATOM   831  C CA  . TYR A 1 122 ? 2.571   18.743  -6.355  1.00 51.03  ? 130 TYR A CA  1 
ATOM   832  C C   . TYR A 1 122 ? 3.192   18.352  -7.709  1.00 49.39  ? 130 TYR A C   1 
ATOM   833  O O   . TYR A 1 122 ? 4.412   18.538  -7.880  1.00 46.43  ? 130 TYR A O   1 
ATOM   834  C CB  . TYR A 1 122 ? 3.140   17.851  -5.247  1.00 47.72  ? 130 TYR A CB  1 
ATOM   835  C CG  . TYR A 1 122 ? 2.594   18.073  -3.862  1.00 48.31  ? 130 TYR A CG  1 
ATOM   836  C CD1 . TYR A 1 122 ? 2.006   19.283  -3.488  1.00 48.68  ? 130 TYR A CD1 1 
ATOM   837  C CD2 . TYR A 1 122 ? 2.696   17.066  -2.904  1.00 47.93  ? 130 TYR A CD2 1 
ATOM   838  C CE1 . TYR A 1 122 ? 1.470   19.462  -2.218  1.00 47.55  ? 130 TYR A CE1 1 
ATOM   839  C CE2 . TYR A 1 122 ? 2.218   17.255  -1.614  1.00 47.29  ? 130 TYR A CE2 1 
ATOM   840  C CZ  . TYR A 1 122 ? 1.602   18.451  -1.275  1.00 47.91  ? 130 TYR A CZ  1 
ATOM   841  O OH  . TYR A 1 122 ? 1.130   18.612  -0.013  1.00 47.18  ? 130 TYR A OH  1 
ATOM   842  N N   . GLY A 1 123 ? 2.420   17.758  -8.622  1.00 54.06  ? 131 GLY A N   1 
ATOM   843  C CA  . GLY A 1 123 ? 3.008   16.922  -9.688  1.00 60.04  ? 131 GLY A CA  1 
ATOM   844  C C   . GLY A 1 123 ? 4.055   15.982  -9.096  1.00 63.51  ? 131 GLY A C   1 
ATOM   845  O O   . GLY A 1 123 ? 3.704   15.259  -8.121  1.00 70.52  ? 131 GLY A O   1 
ATOM   846  N N   . THR A 1 124 ? 5.310   16.087  -9.543  1.00 60.37  ? 132 THR A N   1 
ATOM   847  C CA  . THR A 1 124 ? 6.345   15.018  -9.483  1.00 59.84  ? 132 THR A CA  1 
ATOM   848  C C   . THR A 1 124 ? 7.392   15.285  -8.391  1.00 59.95  ? 132 THR A C   1 
ATOM   849  O O   . THR A 1 124 ? 8.145   14.356  -8.065  1.00 58.77  ? 132 THR A O   1 
ATOM   850  C CB  . THR A 1 124 ? 7.005   14.848  -10.857 1.00 59.31  ? 132 THR A CB  1 
ATOM   851  O OG1 . THR A 1 124 ? 7.658   16.069  -11.204 1.00 60.72  ? 132 THR A OG1 1 
ATOM   852  C CG2 . THR A 1 124 ? 6.007   14.520  -11.947 1.00 62.35  ? 132 THR A CG2 1 
ATOM   853  N N   . ASN A 1 125 ? 7.470   16.467  -7.799  1.00 64.73  ? 133 ASN A N   1 
ATOM   854  C CA  . ASN A 1 125 ? 8.361   16.575  -6.613  1.00 74.26  ? 133 ASN A CA  1 
ATOM   855  C C   . ASN A 1 125 ? 7.531   15.972  -5.458  1.00 75.40  ? 133 ASN A C   1 
ATOM   856  O O   . ASN A 1 125 ? 6.312   16.327  -5.316  1.00 70.56  ? 133 ASN A O   1 
ATOM   857  C CB  . ASN A 1 125 ? 9.055   17.953  -6.530  1.00 78.39  ? 133 ASN A CB  1 
ATOM   858  C CG  . ASN A 1 125 ? 10.522  17.938  -6.986  1.00 81.83  ? 133 ASN A CG  1 
ATOM   859  O OD1 . ASN A 1 125 ? 11.321  18.806  -6.611  1.00 74.98  ? 133 ASN A OD1 1 
ATOM   860  N ND2 . ASN A 1 125 ? 10.933  16.951  -7.778  1.00 74.03  ? 133 ASN A ND2 1 
ATOM   861  N N   . PHE A 1 126 ? 8.086   14.954  -4.779  1.00 68.46  ? 134 PHE A N   1 
ATOM   862  C CA  . PHE A 1 126 ? 7.291   14.066  -3.891  1.00 64.08  ? 134 PHE A CA  1 
ATOM   863  C C   . PHE A 1 126 ? 6.835   14.849  -2.669  1.00 57.83  ? 134 PHE A C   1 
ATOM   864  O O   . PHE A 1 126 ? 5.645   14.651  -2.359  1.00 57.55  ? 134 PHE A O   1 
ATOM   865  C CB  . PHE A 1 126 ? 8.018   12.802  -3.427  1.00 63.65  ? 134 PHE A CB  1 
ATOM   866  C CG  . PHE A 1 126 ? 7.156   11.805  -2.686  1.00 63.06  ? 134 PHE A CG  1 
ATOM   867  C CD1 . PHE A 1 126 ? 6.596   12.110  -1.453  1.00 60.79  ? 134 PHE A CD1 1 
ATOM   868  C CD2 . PHE A 1 126 ? 6.904   10.542  -3.229  1.00 66.08  ? 134 PHE A CD2 1 
ATOM   869  C CE1 . PHE A 1 126 ? 5.797   11.192  -0.789  1.00 62.03  ? 134 PHE A CE1 1 
ATOM   870  C CE2 . PHE A 1 126 ? 6.114   9.615   -2.561  1.00 56.84  ? 134 PHE A CE2 1 
ATOM   871  C CZ  . PHE A 1 126 ? 5.574   9.937   -1.334  1.00 60.88  ? 134 PHE A CZ  1 
ATOM   872  N N   . GLN A 1 127 ? 7.742   15.576  -1.986  1.00 50.62  ? 135 GLN A N   1 
ATOM   873  C CA  . GLN A 1 127 ? 7.450   16.428  -0.792  1.00 50.91  ? 135 GLN A CA  1 
ATOM   874  C C   . GLN A 1 127 ? 6.997   15.631  0.451   1.00 42.21  ? 135 GLN A C   1 
ATOM   875  O O   . GLN A 1 127 ? 6.009   16.050  1.114   1.00 42.18  ? 135 GLN A O   1 
ATOM   876  C CB  . GLN A 1 127 ? 6.334   17.448  -1.130  1.00 57.01  ? 135 GLN A CB  1 
ATOM   877  C CG  . GLN A 1 127 ? 6.508   18.208  -2.460  1.00 61.72  ? 135 GLN A CG  1 
ATOM   878  C CD  . GLN A 1 127 ? 7.682   19.173  -2.578  1.00 58.37  ? 135 GLN A CD  1 
ATOM   879  O OE1 . GLN A 1 127 ? 7.906   19.719  -3.659  1.00 64.40  ? 135 GLN A OE1 1 
ATOM   880  N NE2 . GLN A 1 127 ? 8.443   19.394  -1.506  1.00 45.97  ? 135 GLN A NE2 1 
ATOM   881  N N   . LYS A 1 128 ? 7.751   14.656  0.910   1.00 42.27  ? 136 LYS A N   1 
ATOM   882  C CA  . LYS A 1 128 ? 7.421   13.947  2.176   1.00 50.82  ? 136 LYS A CA  1 
ATOM   883  C C   . LYS A 1 128 ? 7.218   14.940  3.337   1.00 45.49  ? 136 LYS A C   1 
ATOM   884  O O   . LYS A 1 128 ? 6.282   14.739  4.156   1.00 42.65  ? 136 LYS A O   1 
ATOM   885  C CB  . LYS A 1 128 ? 8.400   12.793  2.412   1.00 56.41  ? 136 LYS A CB  1 
ATOM   886  C CG  . LYS A 1 128 ? 9.720   13.068  3.104   1.00 67.61  ? 136 LYS A CG  1 
ATOM   887  C CD  . LYS A 1 128 ? 10.619  11.808  3.109   1.00 78.37  ? 136 LYS A CD  1 
ATOM   888  C CE  . LYS A 1 128 ? 11.634  11.711  1.966   1.00 87.72  ? 136 LYS A CE  1 
ATOM   889  N NZ  . LYS A 1 128 ? 11.041  11.479  0.619   1.00 86.56  ? 136 LYS A NZ  1 
ATOM   890  N N   . ARG A 1 129 ? 7.970   16.025  3.382   1.00 47.12  ? 137 ARG A N   1 
ATOM   891  C CA  . ARG A 1 129 ? 7.925   17.017  4.510   1.00 53.23  ? 137 ARG A CA  1 
ATOM   892  C C   . ARG A 1 129 ? 6.512   17.610  4.704   1.00 45.34  ? 137 ARG A C   1 
ATOM   893  O O   . ARG A 1 129 ? 6.222   17.957  5.815   1.00 41.99  ? 137 ARG A O   1 
ATOM   894  C CB  . ARG A 1 129 ? 8.946   18.149  4.290   1.00 66.01  ? 137 ARG A CB  1 
ATOM   895  C CG  . ARG A 1 129 ? 8.897   18.797  2.901   1.00 73.22  ? 137 ARG A CG  1 
ATOM   896  C CD  . ARG A 1 129 ? 9.611   20.144  2.795   1.00 73.49  ? 137 ARG A CD  1 
ATOM   897  N NE  . ARG A 1 129 ? 9.471   20.749  1.459   1.00 74.42  ? 137 ARG A NE  1 
ATOM   898  C CZ  . ARG A 1 129 ? 8.918   21.945  1.182   1.00 70.64  ? 137 ARG A CZ  1 
ATOM   899  N NH1 . ARG A 1 129 ? 8.419   22.710  2.144   1.00 64.47  ? 137 ARG A NH1 1 
ATOM   900  N NH2 . ARG A 1 129 ? 8.852   22.364  -0.073  1.00 70.00  ? 137 ARG A NH2 1 
ATOM   901  N N   . LEU A 1 130 ? 5.642   17.664  3.683   1.00 43.59  ? 138 LEU A N   1 
ATOM   902  C CA  . LEU A 1 130 ? 4.272   18.267  3.789   1.00 39.06  ? 138 LEU A CA  1 
ATOM   903  C C   . LEU A 1 130 ? 3.256   17.229  4.298   1.00 37.60  ? 138 LEU A C   1 
ATOM   904  O O   . LEU A 1 130 ? 2.083   17.598  4.489   1.00 38.07  ? 138 LEU A O   1 
ATOM   905  C CB  . LEU A 1 130 ? 3.862   18.789  2.408   1.00 39.90  ? 138 LEU A CB  1 
ATOM   906  C CG  . LEU A 1 130 ? 4.830   19.769  1.705   1.00 40.44  ? 138 LEU A CG  1 
ATOM   907  C CD1 . LEU A 1 130 ? 4.271   20.218  0.367   1.00 41.18  ? 138 LEU A CD1 1 
ATOM   908  C CD2 . LEU A 1 130 ? 5.140   20.991  2.566   1.00 39.79  ? 138 LEU A CD2 1 
ATOM   909  N N   . PHE A 1 131 ? 3.656   15.967  4.487   1.00 32.63  ? 139 PHE A N   1 
ATOM   910  C CA  . PHE A 1 131 ? 2.724   14.885  4.888   1.00 32.91  ? 139 PHE A CA  1 
ATOM   911  C C   . PHE A 1 131 ? 2.620   14.810  6.407   1.00 34.19  ? 139 PHE A C   1 
ATOM   912  O O   . PHE A 1 131 ? 3.569   15.042  7.148   1.00 36.51  ? 139 PHE A O   1 
ATOM   913  C CB  . PHE A 1 131 ? 3.123   13.554  4.251   1.00 33.30  ? 139 PHE A CB  1 
ATOM   914  C CG  . PHE A 1 131 ? 2.767   13.503  2.786   1.00 30.35  ? 139 PHE A CG  1 
ATOM   915  C CD1 . PHE A 1 131 ? 3.517   14.173  1.851   1.00 30.14  ? 139 PHE A CD1 1 
ATOM   916  C CD2 . PHE A 1 131 ? 1.641   12.840  2.354   1.00 31.94  ? 139 PHE A CD2 1 
ATOM   917  C CE1 . PHE A 1 131 ? 3.136   14.202  0.515   1.00 31.33  ? 139 PHE A CE1 1 
ATOM   918  C CE2 . PHE A 1 131 ? 1.283   12.854  1.016   1.00 31.82  ? 139 PHE A CE2 1 
ATOM   919  C CZ  . PHE A 1 131 ? 2.042   13.508  0.091   1.00 30.52  ? 139 PHE A CZ  1 
ATOM   920  N N   . THR A 1 132 ? 1.424   14.518  6.870   1.00 34.17  ? 140 THR A N   1 
ATOM   921  C CA  . THR A 1 132 ? 1.086   14.369  8.292   1.00 34.01  ? 140 THR A CA  1 
ATOM   922  C C   . THR A 1 132 ? 0.814   12.874  8.511   1.00 33.99  ? 140 THR A C   1 
ATOM   923  O O   . THR A 1 132 ? 0.065   12.258  7.724   1.00 34.25  ? 140 THR A O   1 
ATOM   924  C CB  . THR A 1 132 ? -0.126  15.246  8.676   1.00 35.56  ? 140 THR A CB  1 
ATOM   925  O OG1 . THR A 1 132 ? 0.219   16.633  8.529   1.00 33.97  ? 140 THR A OG1 1 
ATOM   926  C CG2 . THR A 1 132 ? -0.642  14.930  10.084  1.00 34.00  ? 140 THR A CG2 1 
ATOM   927  N N   . LYS A 1 133 ? 1.341   12.331  9.590   1.00 35.85  ? 141 LYS A N   1 
ATOM   928  C CA  . LYS A 1 133 ? 1.231   10.902  9.927   1.00 37.74  ? 141 LYS A CA  1 
ATOM   929  C C   . LYS A 1 133 ? -0.179  10.661  10.423  1.00 35.94  ? 141 LYS A C   1 
ATOM   930  O O   . LYS A 1 133 ? -0.586  11.345  11.346  1.00 41.91  ? 141 LYS A O   1 
ATOM   931  C CB  . LYS A 1 133 ? 2.218   10.456  11.004  1.00 40.97  ? 141 LYS A CB  1 
ATOM   932  C CG  . LYS A 1 133 ? 2.291   8.936   11.099  1.00 43.02  ? 141 LYS A CG  1 
ATOM   933  C CD  . LYS A 1 133 ? 3.278   8.417   12.044  1.00 44.32  ? 141 LYS A CD  1 
ATOM   934  C CE  . LYS A 1 133 ? 2.899   7.031   12.543  1.00 49.37  ? 141 LYS A CE  1 
ATOM   935  N NZ  . LYS A 1 133 ? 4.090   6.324   13.070  1.00 49.47  ? 141 LYS A NZ  1 
ATOM   936  N N   . ILE A 1 134 ? -0.888  9.725   9.819   1.00 34.97  ? 142 ILE A N   1 
ATOM   937  C CA  . ILE A 1 134 ? -2.206  9.294   10.353  1.00 35.58  ? 142 ILE A CA  1 
ATOM   938  C C   . ILE A 1 134 ? -1.961  8.236   11.420  1.00 37.12  ? 142 ILE A C   1 
ATOM   939  O O   . ILE A 1 134 ? -2.554  8.366   12.447  1.00 32.84  ? 142 ILE A O   1 
ATOM   940  C CB  . ILE A 1 134 ? -3.118  8.792   9.229   1.00 36.36  ? 142 ILE A CB  1 
ATOM   941  C CG1 . ILE A 1 134 ? -3.348  9.924   8.228   1.00 35.61  ? 142 ILE A CG1 1 
ATOM   942  C CG2 . ILE A 1 134 ? -4.405  8.235   9.850   1.00 35.20  ? 142 ILE A CG2 1 
ATOM   943  C CD1 . ILE A 1 134 ? -4.055  9.537   6.959   1.00 38.70  ? 142 ILE A CD1 1 
ATOM   944  N N   . ASP A 1 135 ? -1.168  7.189   11.133  1.00 36.89  ? 143 ASP A N   1 
ATOM   945  C CA  . ASP A 1 135 ? -0.962  6.081   12.082  1.00 36.95  ? 143 ASP A CA  1 
ATOM   946  C C   . ASP A 1 135 ? 0.120   5.132   11.561  1.00 39.67  ? 143 ASP A C   1 
ATOM   947  O O   . ASP A 1 135 ? 0.425   5.164   10.336  1.00 39.01  ? 143 ASP A O   1 
ATOM   948  C CB  . ASP A 1 135 ? -2.267  5.339   12.350  1.00 38.88  ? 143 ASP A CB  1 
ATOM   949  C CG  . ASP A 1 135 ? -2.300  4.678   13.720  1.00 43.06  ? 143 ASP A CG  1 
ATOM   950  O OD1 . ASP A 1 135 ? -1.293  4.842   14.476  1.00 41.85  ? 143 ASP A OD1 1 
ATOM   951  O OD2 . ASP A 1 135 ? -3.307  3.963   14.012  1.00 45.14  ? 143 ASP A OD2 1 
ATOM   952  N N   . THR A 1 136 ? 0.706   4.375   12.495  1.00 39.10  ? 144 THR A N   1 
ATOM   953  C CA  . THR A 1 136 ? 1.396   3.083   12.274  1.00 38.48  ? 144 THR A CA  1 
ATOM   954  C C   . THR A 1 136 ? 0.308   2.070   11.976  1.00 38.12  ? 144 THR A C   1 
ATOM   955  O O   . THR A 1 136 ? -0.703  2.109   12.689  1.00 40.13  ? 144 THR A O   1 
ATOM   956  C CB  . THR A 1 136 ? 2.233   2.680   13.490  1.00 37.00  ? 144 THR A CB  1 
ATOM   957  O OG1 . THR A 1 136 ? 3.187   3.734   13.633  1.00 35.82  ? 144 THR A OG1 1 
ATOM   958  C CG2 . THR A 1 136 ? 2.945   1.359   13.327  1.00 37.38  ? 144 THR A CG2 1 
ATOM   959  N N   . ILE A 1 137 ? 0.468   1.324   10.877  1.00 37.26  ? 145 ILE A N   1 
ATOM   960  C CA  . ILE A 1 137 ? -0.458  0.250   10.453  1.00 34.79  ? 145 ILE A CA  1 
ATOM   961  C C   . ILE A 1 137 ? 0.215   -1.077  10.765  1.00 33.99  ? 145 ILE A C   1 
ATOM   962  O O   . ILE A 1 137 ? 1.355   -1.297  10.283  1.00 36.97  ? 145 ILE A O   1 
ATOM   963  C CB  . ILE A 1 137 ? -0.846  0.370   8.977   1.00 34.06  ? 145 ILE A CB  1 
ATOM   964  C CG1 . ILE A 1 137 ? -1.284  1.802   8.619   1.00 36.55  ? 145 ILE A CG1 1 
ATOM   965  C CG2 . ILE A 1 137 ? -1.919  -0.646  8.681   1.00 32.14  ? 145 ILE A CG2 1 
ATOM   966  C CD1 . ILE A 1 137 ? -2.613  2.156   9.205   1.00 35.42  ? 145 ILE A CD1 1 
ATOM   967  N N   . ALA A 1 138 ? -0.461  -1.885  11.575  1.00 30.83  ? 146 ALA A N   1 
ATOM   968  C CA  . ALA A 1 138 ? 0.052   -3.182  12.061  1.00 34.83  ? 146 ALA A CA  1 
ATOM   969  C C   . ALA A 1 138 ? -0.939  -4.267  11.634  1.00 33.55  ? 146 ALA A C   1 
ATOM   970  O O   . ALA A 1 138 ? -2.151  -4.120  11.716  1.00 30.88  ? 146 ALA A O   1 
ATOM   971  C CB  . ALA A 1 138 ? 0.276   -3.160  13.578  1.00 31.47  ? 146 ALA A CB  1 
ATOM   972  N N   . PRO A 1 139 ? -0.427  -5.407  11.164  1.00 32.01  ? 147 PRO A N   1 
ATOM   973  C CA  . PRO A 1 139 ? -1.289  -6.514  10.755  1.00 30.60  ? 147 PRO A CA  1 
ATOM   974  C C   . PRO A 1 139 ? -1.836  -7.293  11.957  1.00 33.19  ? 147 PRO A C   1 
ATOM   975  O O   . PRO A 1 139 ? -1.061  -7.468  12.878  1.00 34.68  ? 147 PRO A O   1 
ATOM   976  C CB  . PRO A 1 139 ? -0.294  -7.349  9.976   1.00 31.99  ? 147 PRO A CB  1 
ATOM   977  C CG  . PRO A 1 139 ? 1.022   -7.140  10.717  1.00 32.06  ? 147 PRO A CG  1 
ATOM   978  C CD  . PRO A 1 139 ? 1.015   -5.663  11.038  1.00 32.22  ? 147 PRO A CD  1 
ATOM   979  N N   . ASP A 1 140 ? -3.096  -7.729  11.909  1.00 33.55  ? 148 ASP A N   1 
ATOM   980  C CA  . ASP A 1 140 ? -3.716  -8.692  12.840  1.00 37.52  ? 148 ASP A CA  1 
ATOM   981  C C   . ASP A 1 140 ? -3.265  -10.093 12.439  1.00 40.51  ? 148 ASP A C   1 
ATOM   982  O O   . ASP A 1 140 ? -3.165  -10.902 13.324  1.00 43.69  ? 148 ASP A O   1 
ATOM   983  C CB  . ASP A 1 140 ? -5.247  -8.706  12.813  1.00 42.53  ? 148 ASP A CB  1 
ATOM   984  C CG  . ASP A 1 140 ? -5.888  -7.430  13.344  1.00 50.70  ? 148 ASP A CG  1 
ATOM   985  O OD1 . ASP A 1 140 ? -5.172  -6.642  14.057  1.00 50.13  ? 148 ASP A OD1 1 
ATOM   986  O OD2 . ASP A 1 140 ? -7.111  -7.225  13.047  1.00 59.81  ? 148 ASP A OD2 1 
ATOM   987  N N   . GLU A 1 141 ? -2.960  -10.316 11.167  1.00 42.09  ? 149 GLU A N   1 
ATOM   988  C CA  . GLU A 1 141 ? -2.669  -11.650 10.568  1.00 46.65  ? 149 GLU A CA  1 
ATOM   989  C C   . GLU A 1 141 ? -1.356  -11.572 9.766   1.00 43.26  ? 149 GLU A C   1 
ATOM   990  O O   . GLU A 1 141 ? -1.276  -10.981 8.649   1.00 44.03  ? 149 GLU A O   1 
ATOM   991  C CB  . GLU A 1 141 ? -3.854  -12.095 9.702   1.00 55.99  ? 149 GLU A CB  1 
ATOM   992  C CG  . GLU A 1 141 ? -5.089  -12.508 10.508  1.00 65.04  ? 149 GLU A CG  1 
ATOM   993  C CD  . GLU A 1 141 ? -6.083  -13.372 9.743   1.00 72.14  ? 149 GLU A CD  1 
ATOM   994  O OE1 . GLU A 1 141 ? -6.587  -12.919 8.679   1.00 78.69  ? 149 GLU A OE1 1 
ATOM   995  O OE2 . GLU A 1 141 ? -6.303  -14.527 10.178  1.00 77.63  ? 149 GLU A OE2 1 
ATOM   996  N N   . ILE A 1 142 ? -0.320  -12.140 10.326  1.00 39.95  ? 150 ILE A N   1 
ATOM   997  C CA  . ILE A 1 142 ? 1.015   -12.166 9.699   1.00 39.75  ? 150 ILE A CA  1 
ATOM   998  C C   . ILE A 1 142 ? 1.088   -13.408 8.820   1.00 38.33  ? 150 ILE A C   1 
ATOM   999  O O   . ILE A 1 142 ? 0.772   -14.467 9.292   1.00 38.86  ? 150 ILE A O   1 
ATOM   1000 C CB  . ILE A 1 142 ? 2.078   -12.120 10.793  1.00 42.48  ? 150 ILE A CB  1 
ATOM   1001 C CG1 . ILE A 1 142 ? 2.240   -10.687 11.299  1.00 51.64  ? 150 ILE A CG1 1 
ATOM   1002 C CG2 . ILE A 1 142 ? 3.374   -12.679 10.299  1.00 44.87  ? 150 ILE A CG2 1 
ATOM   1003 C CD1 . ILE A 1 142 ? 2.471   -10.553 12.821  1.00 54.66  ? 150 ILE A CD1 1 
ATOM   1004 N N   . THR A 1 143 ? 1.558   -13.240 7.587   1.00 37.16  ? 151 THR A N   1 
ATOM   1005 C CA  . THR A 1 143 ? 1.870   -14.323 6.657   1.00 39.22  ? 151 THR A CA  1 
ATOM   1006 C C   . THR A 1 143 ? 3.144   -15.072 7.065   1.00 41.13  ? 151 THR A C   1 
ATOM   1007 O O   . THR A 1 143 ? 4.219   -14.423 7.075   1.00 38.57  ? 151 THR A O   1 
ATOM   1008 C CB  . THR A 1 143 ? 2.015   -13.758 5.252   1.00 39.58  ? 151 THR A CB  1 
ATOM   1009 O OG1 . THR A 1 143 ? 0.747   -13.184 4.955   1.00 38.50  ? 151 THR A OG1 1 
ATOM   1010 C CG2 . THR A 1 143 ? 2.383   -14.857 4.282   1.00 37.84  ? 151 THR A CG2 1 
ATOM   1011 N N   . VAL A 1 144 ? 3.024   -16.400 7.247   1.00 43.27  ? 152 VAL A N   1 
ATOM   1012 C CA  . VAL A 1 144 ? 4.108   -17.337 7.696   1.00 44.13  ? 152 VAL A CA  1 
ATOM   1013 C C   . VAL A 1 144 ? 4.316   -18.365 6.583   1.00 45.00  ? 152 VAL A C   1 
ATOM   1014 O O   . VAL A 1 144 ? 3.512   -18.389 5.673   1.00 46.36  ? 152 VAL A O   1 
ATOM   1015 C CB  . VAL A 1 144 ? 3.805   -17.973 9.075   1.00 45.84  ? 152 VAL A CB  1 
ATOM   1016 C CG1 . VAL A 1 144 ? 3.875   -16.958 10.213  1.00 44.67  ? 152 VAL A CG1 1 
ATOM   1017 C CG2 . VAL A 1 144 ? 2.472   -18.710 9.138   1.00 46.88  ? 152 VAL A CG2 1 
ATOM   1018 N N   . SER A 1 145 ? 5.435   -19.090 6.577   1.00 55.68  ? 153 SER A N   1 
ATOM   1019 C CA  . SER A 1 145 ? 5.809   -20.073 5.512   1.00 56.16  ? 153 SER A CA  1 
ATOM   1020 C C   . SER A 1 145 ? 4.716   -21.131 5.332   1.00 49.36  ? 153 SER A C   1 
ATOM   1021 O O   . SER A 1 145 ? 4.435   -21.453 4.175   1.00 55.89  ? 153 SER A O   1 
ATOM   1022 C CB  . SER A 1 145 ? 7.162   -20.691 5.768   1.00 58.67  ? 153 SER A CB  1 
ATOM   1023 O OG  . SER A 1 145 ? 7.441   -20.631 7.159   1.00 64.77  ? 153 SER A OG  1 
ATOM   1024 N N   . SER A 1 146 ? 4.045   -21.569 6.397   1.00 50.35  ? 154 SER A N   1 
ATOM   1025 C CA  . SER A 1 146 ? 2.875   -22.494 6.311   1.00 51.79  ? 154 SER A CA  1 
ATOM   1026 C C   . SER A 1 146 ? 1.895   -22.032 5.222   1.00 52.78  ? 154 SER A C   1 
ATOM   1027 O O   . SER A 1 146 ? 1.272   -22.896 4.600   1.00 54.68  ? 154 SER A O   1 
ATOM   1028 C CB  . SER A 1 146 ? 2.125   -22.609 7.624   1.00 52.99  ? 154 SER A CB  1 
ATOM   1029 O OG  . SER A 1 146 ? 2.994   -22.453 8.737   1.00 55.68  ? 154 SER A OG  1 
ATOM   1030 N N   . ASP A 1 147 ? 1.661   -20.723 5.073   1.00 49.28  ? 155 ASP A N   1 
ATOM   1031 C CA  . ASP A 1 147 ? 0.493   -20.204 4.314   1.00 48.04  ? 155 ASP A CA  1 
ATOM   1032 C C   . ASP A 1 147 ? 0.802   -20.239 2.833   1.00 45.82  ? 155 ASP A C   1 
ATOM   1033 O O   . ASP A 1 147 ? -0.146  -20.256 2.054   1.00 45.68  ? 155 ASP A O   1 
ATOM   1034 C CB  . ASP A 1 147 ? 0.167   -18.744 4.644   1.00 56.31  ? 155 ASP A CB  1 
ATOM   1035 C CG  . ASP A 1 147 ? -0.138  -18.529 6.105   1.00 55.77  ? 155 ASP A CG  1 
ATOM   1036 O OD1 . ASP A 1 147 ? -0.599  -19.494 6.746   1.00 59.58  ? 155 ASP A OD1 1 
ATOM   1037 O OD2 . ASP A 1 147 ? 0.182   -17.436 6.598   1.00 62.94  ? 155 ASP A OD2 1 
ATOM   1038 N N   . PHE A 1 148 ? 2.086   -20.150 2.487   1.00 45.16  ? 156 PHE A N   1 
ATOM   1039 C CA  . PHE A 1 148 ? 2.621   -20.419 1.130   1.00 45.81  ? 156 PHE A CA  1 
ATOM   1040 C C   . PHE A 1 148 ? 2.323   -21.878 0.733   1.00 50.14  ? 156 PHE A C   1 
ATOM   1041 O O   . PHE A 1 148 ? 2.001   -22.143 -0.458  1.00 46.24  ? 156 PHE A O   1 
ATOM   1042 C CB  . PHE A 1 148 ? 4.123   -20.114 1.096   1.00 43.56  ? 156 PHE A CB  1 
ATOM   1043 C CG  . PHE A 1 148 ? 4.427   -18.649 0.951   1.00 40.63  ? 156 PHE A CG  1 
ATOM   1044 C CD1 . PHE A 1 148 ? 4.432   -18.055 -0.292  1.00 39.56  ? 156 PHE A CD1 1 
ATOM   1045 C CD2 . PHE A 1 148 ? 4.612   -17.850 2.072   1.00 41.66  ? 156 PHE A CD2 1 
ATOM   1046 C CE1 . PHE A 1 148 ? 4.655   -16.689 -0.426  1.00 37.41  ? 156 PHE A CE1 1 
ATOM   1047 C CE2 . PHE A 1 148 ? 4.860   -16.495 1.930   1.00 40.25  ? 156 PHE A CE2 1 
ATOM   1048 C CZ  . PHE A 1 148 ? 4.866   -15.927 0.681   1.00 37.86  ? 156 PHE A CZ  1 
ATOM   1049 N N   . GLU A 1 149 ? 2.410   -22.796 1.702   1.00 52.00  ? 157 GLU A N   1 
ATOM   1050 C CA  . GLU A 1 149 ? 2.201   -24.257 1.500   1.00 59.89  ? 157 GLU A CA  1 
ATOM   1051 C C   . GLU A 1 149 ? 0.728   -24.495 1.170   1.00 60.88  ? 157 GLU A C   1 
ATOM   1052 O O   . GLU A 1 149 ? 0.470   -25.172 0.148   1.00 69.60  ? 157 GLU A O   1 
ATOM   1053 C CB  . GLU A 1 149 ? 2.733   -25.002 2.724   1.00 64.54  ? 157 GLU A CB  1 
ATOM   1054 C CG  . GLU A 1 149 ? 4.222   -24.705 2.985   1.00 66.82  ? 157 GLU A CG  1 
ATOM   1055 C CD  . GLU A 1 149 ? 4.728   -25.266 4.303   1.00 73.11  ? 157 GLU A CD  1 
ATOM   1056 O OE1 . GLU A 1 149 ? 5.848   -24.864 4.749   1.00 69.99  ? 157 GLU A OE1 1 
ATOM   1057 O OE2 . GLU A 1 149 ? 3.984   -26.099 4.893   1.00 71.12  ? 157 GLU A OE2 1 
ATOM   1058 N N   . ALA A 1 150 ? -0.189  -23.871 1.924   1.00 59.69  ? 158 ALA A N   1 
ATOM   1059 C CA  . ALA A 1 150 ? -1.661  -23.973 1.745   1.00 57.57  ? 158 ALA A CA  1 
ATOM   1060 C C   . ALA A 1 150 ? -2.101  -23.167 0.518   1.00 59.06  ? 158 ALA A C   1 
ATOM   1061 O O   . ALA A 1 150 ? -3.266  -23.320 0.090   1.00 58.76  ? 158 ALA A O   1 
ATOM   1062 C CB  . ALA A 1 150 ? -2.393  -23.496 2.975   1.00 55.82  ? 158 ALA A CB  1 
ATOM   1063 N N   . ARG A 1 151 ? -1.219  -22.318 -0.019  1.00 60.40  ? 159 ARG A N   1 
ATOM   1064 C CA  . ARG A 1 151 ? -1.541  -21.384 -1.137  1.00 59.96  ? 159 ARG A CA  1 
ATOM   1065 C C   . ARG A 1 151 ? -2.717  -20.466 -0.727  1.00 62.68  ? 159 ARG A C   1 
ATOM   1066 O O   . ARG A 1 151 ? -3.551  -20.143 -1.632  1.00 56.15  ? 159 ARG A O   1 
ATOM   1067 C CB  . ARG A 1 151 ? -1.828  -22.181 -2.423  1.00 60.37  ? 159 ARG A CB  1 
ATOM   1068 C CG  . ARG A 1 151 ? -0.656  -23.035 -2.913  1.00 63.43  ? 159 ARG A CG  1 
ATOM   1069 C CD  . ARG A 1 151 ? -0.920  -23.912 -4.127  1.00 58.01  ? 159 ARG A CD  1 
ATOM   1070 N NE  . ARG A 1 151 ? -0.938  -23.151 -5.380  1.00 57.55  ? 159 ARG A NE  1 
ATOM   1071 C CZ  . ARG A 1 151 ? 0.112   -22.924 -6.168  1.00 53.84  ? 159 ARG A CZ  1 
ATOM   1072 N NH1 . ARG A 1 151 ? 1.313   -23.365 -5.840  1.00 54.17  ? 159 ARG A NH1 1 
ATOM   1073 N NH2 . ARG A 1 151 ? -0.035  -22.246 -7.294  1.00 57.73  ? 159 ARG A NH2 1 
ATOM   1074 N N   A HIS A 1 152 ? -2.818  -20.103 0.565   0.50 61.92  ? 160 HIS A N   1 
ATOM   1075 N N   B HIS A 1 152 ? -2.723  -19.990 0.538   0.50 62.26  ? 160 HIS A N   1 
ATOM   1076 C CA  A HIS A 1 152 ? -3.902  -19.239 1.108   0.50 63.52  ? 160 HIS A CA  1 
ATOM   1077 C CA  B HIS A 1 152 ? -3.861  -19.298 1.217   0.50 63.57  ? 160 HIS A CA  1 
ATOM   1078 C C   A HIS A 1 152 ? -3.361  -17.899 1.646   0.50 63.17  ? 160 HIS A C   1 
ATOM   1079 C C   B HIS A 1 152 ? -3.458  -17.923 1.818   0.50 62.96  ? 160 HIS A C   1 
ATOM   1080 O O   A HIS A 1 152 ? -2.321  -17.872 2.334   0.50 64.35  ? 160 HIS A O   1 
ATOM   1081 O O   B HIS A 1 152 ? -2.631  -17.894 2.754   0.50 61.85  ? 160 HIS A O   1 
ATOM   1082 C CB  A HIS A 1 152 ? -4.723  -19.964 2.178   0.50 64.75  ? 160 HIS A CB  1 
ATOM   1083 C CB  B HIS A 1 152 ? -4.480  -20.276 2.233   0.50 64.78  ? 160 HIS A CB  1 
ATOM   1084 C CG  A HIS A 1 152 ? -5.866  -19.135 2.670   0.50 63.70  ? 160 HIS A CG  1 
ATOM   1085 C CG  B HIS A 1 152 ? -4.016  -20.154 3.650   0.50 64.41  ? 160 HIS A CG  1 
ATOM   1086 N ND1 A HIS A 1 152 ? -6.868  -18.686 1.822   0.50 61.66  ? 160 HIS A ND1 1 
ATOM   1087 N ND1 B HIS A 1 152 ? -4.373  -21.083 4.623   0.50 67.21  ? 160 HIS A ND1 1 
ATOM   1088 C CD2 A HIS A 1 152 ? -6.155  -18.655 3.901   0.50 60.72  ? 160 HIS A CD2 1 
ATOM   1089 C CD2 B HIS A 1 152 ? -3.266  -19.225 4.280   0.50 62.81  ? 160 HIS A CD2 1 
ATOM   1090 C CE1 A HIS A 1 152 ? -7.734  -17.978 2.514   0.50 65.02  ? 160 HIS A CE1 1 
ATOM   1091 C CE1 B HIS A 1 152 ? -3.855  -20.728 5.784   0.50 66.23  ? 160 HIS A CE1 1 
ATOM   1092 N NE2 A HIS A 1 152 ? -7.315  -17.943 3.794   0.50 65.24  ? 160 HIS A NE2 1 
ATOM   1093 N NE2 B HIS A 1 152 ? -3.174  -19.596 5.600   0.50 62.98  ? 160 HIS A NE2 1 
ATOM   1094 N N   . VAL A 1 153 ? -4.106  -16.831 1.367   1.00 61.84  ? 161 VAL A N   1 
ATOM   1095 C CA  . VAL A 1 153 ? -3.756  -15.411 1.682   1.00 56.01  ? 161 VAL A CA  1 
ATOM   1096 C C   . VAL A 1 153 ? -4.395  -14.955 2.991   1.00 51.65  ? 161 VAL A C   1 
ATOM   1097 O O   . VAL A 1 153 ? -5.608  -14.896 3.021   1.00 55.17  ? 161 VAL A O   1 
ATOM   1098 C CB  . VAL A 1 153 ? -4.259  -14.465 0.589   1.00 54.31  ? 161 VAL A CB  1 
ATOM   1099 C CG1 . VAL A 1 153 ? -3.759  -13.050 0.824   1.00 56.17  ? 161 VAL A CG1 1 
ATOM   1100 C CG2 . VAL A 1 153 ? -3.883  -14.967 -0.782  1.00 55.10  ? 161 VAL A CG2 1 
ATOM   1101 N N   . LYS A 1 154 ? -3.585  -14.486 3.944   1.00 48.34  ? 162 LYS A N   1 
ATOM   1102 C CA  . LYS A 1 154 ? -4.020  -13.733 5.139   1.00 47.92  ? 162 LYS A CA  1 
ATOM   1103 C C   . LYS A 1 154 ? -4.131  -12.235 4.783   1.00 46.95  ? 162 LYS A C   1 
ATOM   1104 O O   . LYS A 1 154 ? -3.133  -11.513 4.820   1.00 46.55  ? 162 LYS A O   1 
ATOM   1105 C CB  . LYS A 1 154 ? -3.069  -14.057 6.289   1.00 48.84  ? 162 LYS A CB  1 
ATOM   1106 C CG  . LYS A 1 154 ? -3.254  -15.460 6.832   1.00 53.28  ? 162 LYS A CG  1 
ATOM   1107 C CD  . LYS A 1 154 ? -2.404  -15.809 8.032   1.00 56.40  ? 162 LYS A CD  1 
ATOM   1108 C CE  . LYS A 1 154 ? -2.753  -17.184 8.574   1.00 59.39  ? 162 LYS A CE  1 
ATOM   1109 N NZ  . LYS A 1 154 ? -1.573  -17.863 9.162   1.00 61.06  ? 162 LYS A NZ  1 
ATOM   1110 N N   . LEU A 1 155 ? -5.344  -11.792 4.473   1.00 47.82  ? 163 LEU A N   1 
ATOM   1111 C CA  . LEU A 1 155 ? -5.675  -10.396 4.095   1.00 46.10  ? 163 LEU A CA  1 
ATOM   1112 C C   . LEU A 1 155 ? -6.048  -9.587  5.332   1.00 41.83  ? 163 LEU A C   1 
ATOM   1113 O O   . LEU A 1 155 ? -7.116  -9.838  5.930   1.00 42.70  ? 163 LEU A O   1 
ATOM   1114 C CB  . LEU A 1 155 ? -6.835  -10.400 3.103   1.00 45.53  ? 163 LEU A CB  1 
ATOM   1115 C CG  . LEU A 1 155 ? -6.852  -9.194  2.184   1.00 48.82  ? 163 LEU A CG  1 
ATOM   1116 C CD1 . LEU A 1 155 ? -5.568  -9.137  1.383   1.00 49.95  ? 163 LEU A CD1 1 
ATOM   1117 C CD2 . LEU A 1 155 ? -8.064  -9.232  1.268   1.00 50.64  ? 163 LEU A CD2 1 
ATOM   1118 N N   . ASN A 1 156 ? -5.214  -8.628  5.690   1.00 37.07  ? 164 ASN A N   1 
ATOM   1119 C CA  . ASN A 1 156 ? -5.525  -7.705  6.806   1.00 35.35  ? 164 ASN A CA  1 
ATOM   1120 C C   . ASN A 1 156 ? -6.447  -6.663  6.223   1.00 34.47  ? 164 ASN A C   1 
ATOM   1121 O O   . ASN A 1 156 ? -6.191  -6.286  5.045   1.00 36.19  ? 164 ASN A O   1 
ATOM   1122 C CB  . ASN A 1 156 ? -4.274  -7.044  7.362   1.00 34.24  ? 164 ASN A CB  1 
ATOM   1123 C CG  . ASN A 1 156 ? -3.398  -8.078  8.002   1.00 36.98  ? 164 ASN A CG  1 
ATOM   1124 O OD1 . ASN A 1 156 ? -3.704  -8.485  9.118   1.00 36.98  ? 164 ASN A OD1 1 
ATOM   1125 N ND2 . ASN A 1 156 ? -2.342  -8.503  7.302   1.00 36.22  ? 164 ASN A ND2 1 
ATOM   1126 N N   . VAL A 1 157 ? -7.419  -6.224  7.011   1.00 35.13  ? 165 VAL A N   1 
ATOM   1127 C CA  . VAL A 1 157 ? -8.322  -5.063  6.714   1.00 38.73  ? 165 VAL A CA  1 
ATOM   1128 C C   . VAL A 1 157 ? -8.186  -4.081  7.878   1.00 38.66  ? 165 VAL A C   1 
ATOM   1129 O O   . VAL A 1 157 ? -8.415  -4.511  8.993   1.00 38.21  ? 165 VAL A O   1 
ATOM   1130 C CB  . VAL A 1 157 ? -9.798  -5.486  6.566   1.00 40.61  ? 165 VAL A CB  1 
ATOM   1131 C CG1 . VAL A 1 157 ? -10.648 -4.314  6.146   1.00 41.88  ? 165 VAL A CG1 1 
ATOM   1132 C CG2 . VAL A 1 157 ? -10.010 -6.644  5.607   1.00 38.22  ? 165 VAL A CG2 1 
ATOM   1133 N N   . GLU A 1 158 ? -7.711  -2.865  7.627   1.00 40.55  ? 166 GLU A N   1 
ATOM   1134 C CA  . GLU A 1 158 ? -7.568  -1.766  8.625   1.00 42.50  ? 166 GLU A CA  1 
ATOM   1135 C C   . GLU A 1 158 ? -8.226  -0.492  8.051   1.00 42.92  ? 166 GLU A C   1 
ATOM   1136 O O   . GLU A 1 158 ? -8.226  -0.259  6.803   1.00 39.75  ? 166 GLU A O   1 
ATOM   1137 C CB  . GLU A 1 158 ? -6.098  -1.468  8.929   1.00 44.35  ? 166 GLU A CB  1 
ATOM   1138 C CG  . GLU A 1 158 ? -5.377  -2.578  9.698   1.00 49.03  ? 166 GLU A CG  1 
ATOM   1139 C CD  . GLU A 1 158 ? -5.656  -2.573  11.191  1.00 53.12  ? 166 GLU A CD  1 
ATOM   1140 O OE1 . GLU A 1 158 ? -6.206  -1.545  11.714  1.00 55.51  ? 166 GLU A OE1 1 
ATOM   1141 O OE2 . GLU A 1 158 ? -5.397  -3.608  11.825  1.00 57.96  ? 166 GLU A OE2 1 
ATOM   1142 N N   . GLU A 1 159 ? -8.737  0.354   8.927   1.00 42.13  ? 167 GLU A N   1 
ATOM   1143 C CA  . GLU A 1 159 ? -9.454  1.569   8.522   1.00 39.13  ? 167 GLU A CA  1 
ATOM   1144 C C   . GLU A 1 159 ? -9.055  2.672   9.475   1.00 35.70  ? 167 GLU A C   1 
ATOM   1145 O O   . GLU A 1 159 ? -9.020  2.446   10.642  1.00 33.35  ? 167 GLU A O   1 
ATOM   1146 C CB  . GLU A 1 159 ? -10.959 1.345   8.551   1.00 45.67  ? 167 GLU A CB  1 
ATOM   1147 C CG  . GLU A 1 159 ? -11.651 2.398   7.723   1.00 55.12  ? 167 GLU A CG  1 
ATOM   1148 C CD  . GLU A 1 159 ? -13.130 2.565   7.988   1.00 59.22  ? 167 GLU A CD  1 
ATOM   1149 O OE1 . GLU A 1 159 ? -13.494 2.976   9.134   1.00 66.05  ? 167 GLU A OE1 1 
ATOM   1150 O OE2 . GLU A 1 159 ? -13.903 2.291   7.040   1.00 62.63  ? 167 GLU A OE2 1 
ATOM   1151 N N   . ARG A 1 160 ? -8.748  3.825   8.938   1.00 32.54  ? 168 ARG A N   1 
ATOM   1152 C CA  . ARG A 1 160 ? -8.497  5.051   9.696   1.00 31.00  ? 168 ARG A CA  1 
ATOM   1153 C C   . ARG A 1 160 ? -9.394  6.158   9.129   1.00 32.23  ? 168 ARG A C   1 
ATOM   1154 O O   . ARG A 1 160 ? -9.825  6.079   7.972   1.00 32.01  ? 168 ARG A O   1 
ATOM   1155 C CB  . ARG A 1 160 ? -7.008  5.401   9.597   1.00 29.70  ? 168 ARG A CB  1 
ATOM   1156 C CG  . ARG A 1 160 ? -6.101  4.352   10.208  1.00 31.42  ? 168 ARG A CG  1 
ATOM   1157 C CD  . ARG A 1 160 ? -6.359  4.242   11.726  1.00 31.52  ? 168 ARG A CD  1 
ATOM   1158 N NE  . ARG A 1 160 ? -5.417  3.289   12.272  1.00 35.43  ? 168 ARG A NE  1 
ATOM   1159 C CZ  . ARG A 1 160 ? -5.509  1.943   12.186  1.00 37.22  ? 168 ARG A CZ  1 
ATOM   1160 N NH1 . ARG A 1 160 ? -6.522  1.332   11.593  1.00 33.82  ? 168 ARG A NH1 1 
ATOM   1161 N NH2 . ARG A 1 160 ? -4.531  1.209   12.672  1.00 38.69  ? 168 ARG A NH2 1 
ATOM   1162 N N   . SER A 1 161 ? -9.531  7.232   9.879   1.00 34.23  ? 169 SER A N   1 
ATOM   1163 C CA  . SER A 1 161 ? -10.413 8.364   9.546   1.00 38.98  ? 169 SER A CA  1 
ATOM   1164 C C   . SER A 1 161 ? -9.602  9.631   9.696   1.00 37.31  ? 169 SER A C   1 
ATOM   1165 O O   . SER A 1 161 ? -8.892  9.703   10.666  1.00 39.14  ? 169 SER A O   1 
ATOM   1166 C CB  . SER A 1 161 ? -11.628 8.399   10.429  1.00 39.44  ? 169 SER A CB  1 
ATOM   1167 O OG  . SER A 1 161 ? -12.624 9.132   9.754   1.00 46.29  ? 169 SER A OG  1 
ATOM   1168 N N   . VAL A 1 162 ? -9.805  10.610  8.828   1.00 36.73  ? 170 VAL A N   1 
ATOM   1169 C CA  . VAL A 1 162 ? -9.121  11.912  8.972   1.00 38.79  ? 170 VAL A CA  1 
ATOM   1170 C C   . VAL A 1 162 ? -10.106 13.024  8.600   1.00 36.80  ? 170 VAL A C   1 
ATOM   1171 O O   . VAL A 1 162 ? -10.985 12.835  7.723   1.00 30.38  ? 170 VAL A O   1 
ATOM   1172 C CB  . VAL A 1 162 ? -7.815  11.935  8.150   1.00 44.19  ? 170 VAL A CB  1 
ATOM   1173 C CG1 . VAL A 1 162 ? -8.022  11.441  6.759   1.00 45.75  ? 170 VAL A CG1 1 
ATOM   1174 C CG2 . VAL A 1 162 ? -7.203  13.310  8.054   1.00 48.82  ? 170 VAL A CG2 1 
ATOM   1175 N N   . GLY A 1 163 ? -9.993  14.130  9.320   1.00 36.33  ? 171 GLY A N   1 
ATOM   1176 C CA  . GLY A 1 163 ? -10.684 15.376  9.013   1.00 39.72  ? 171 GLY A CA  1 
ATOM   1177 C C   . GLY A 1 163 ? -10.686 16.275  10.228  1.00 38.55  ? 171 GLY A C   1 
ATOM   1178 O O   . GLY A 1 163 ? -10.237 15.880  11.270  1.00 34.14  ? 171 GLY A O   1 
ATOM   1179 N N   . PRO A 1 164 ? -11.340 17.447  10.161  1.00 40.34  ? 172 PRO A N   1 
ATOM   1180 C CA  . PRO A 1 164 ? -12.082 17.820  8.957   1.00 37.05  ? 172 PRO A CA  1 
ATOM   1181 C C   . PRO A 1 164 ? -11.141 18.247  7.827   1.00 34.49  ? 172 PRO A C   1 
ATOM   1182 O O   . PRO A 1 164 ? -10.169 18.876  8.080   1.00 35.23  ? 172 PRO A O   1 
ATOM   1183 C CB  . PRO A 1 164 ? -12.914 19.012  9.462   1.00 41.99  ? 172 PRO A CB  1 
ATOM   1184 C CG  . PRO A 1 164 ? -11.990 19.637  10.516  1.00 43.90  ? 172 PRO A CG  1 
ATOM   1185 C CD  . PRO A 1 164 ? -11.437 18.430  11.251  1.00 38.13  ? 172 PRO A CD  1 
ATOM   1186 N N   . LEU A 1 165 ? -11.459 17.910  6.589   1.00 33.87  ? 173 LEU A N   1 
ATOM   1187 C CA  . LEU A 1 165 ? -10.677 18.358  5.397   1.00 36.89  ? 173 LEU A CA  1 
ATOM   1188 C C   . LEU A 1 165 ? -11.255 19.717  4.988   1.00 32.69  ? 173 LEU A C   1 
ATOM   1189 O O   . LEU A 1 165 ? -12.447 19.894  5.148   1.00 33.65  ? 173 LEU A O   1 
ATOM   1190 C CB  . LEU A 1 165 ? -10.829 17.346  4.257   1.00 36.14  ? 173 LEU A CB  1 
ATOM   1191 C CG  . LEU A 1 165 ? -10.348 15.932  4.542   1.00 37.36  ? 173 LEU A CG  1 
ATOM   1192 C CD1 . LEU A 1 165 ? -10.809 15.044  3.416   1.00 42.25  ? 173 LEU A CD1 1 
ATOM   1193 C CD2 . LEU A 1 165 ? -8.842  15.840  4.682   1.00 39.00  ? 173 LEU A CD2 1 
ATOM   1194 N N   . THR A 1 166 ? -10.437 20.653  4.579   1.00 30.32  ? 174 THR A N   1 
ATOM   1195 C CA  . THR A 1 166 ? -10.900 22.027  4.251   1.00 33.41  ? 174 THR A CA  1 
ATOM   1196 C C   . THR A 1 166 ? -10.298 22.556  2.933   1.00 36.08  ? 174 THR A C   1 
ATOM   1197 O O   . THR A 1 166 ? -10.744 23.606  2.566   1.00 41.07  ? 174 THR A O   1 
ATOM   1198 C CB  . THR A 1 166 ? -10.562 22.983  5.385   1.00 32.74  ? 174 THR A CB  1 
ATOM   1199 O OG1 . THR A 1 166 ? -9.140  23.084  5.404   1.00 37.01  ? 174 THR A OG1 1 
ATOM   1200 C CG2 . THR A 1 166 ? -11.054 22.510  6.731   1.00 36.14  ? 174 THR A CG2 1 
ATOM   1201 N N   . ARG A 1 167 ? -9.319  21.889  2.289   1.00 35.11  ? 175 ARG A N   1 
ATOM   1202 C CA  . ARG A 1 167 ? -8.608  22.354  1.077   1.00 34.43  ? 175 ARG A CA  1 
ATOM   1203 C C   . ARG A 1 167 ? -9.236  21.674  -0.154  1.00 34.23  ? 175 ARG A C   1 
ATOM   1204 O O   . ARG A 1 167 ? -10.108 20.784  -0.028  1.00 31.96  ? 175 ARG A O   1 
ATOM   1205 C CB  . ARG A 1 167 ? -7.120  22.026  1.158   1.00 41.36  ? 175 ARG A CB  1 
ATOM   1206 C CG  . ARG A 1 167 ? -6.402  22.521  2.408   1.00 44.99  ? 175 ARG A CG  1 
ATOM   1207 C CD  . ARG A 1 167 ? -5.798  23.894  2.376   1.00 54.32  ? 175 ARG A CD  1 
ATOM   1208 N NE  . ARG A 1 167 ? -4.891  23.814  3.510   1.00 69.24  ? 175 ARG A NE  1 
ATOM   1209 C CZ  . ARG A 1 167 ? -3.555  23.613  3.482   1.00 79.82  ? 175 ARG A CZ  1 
ATOM   1210 N NH1 . ARG A 1 167 ? -2.911  23.494  4.637   1.00 79.60  ? 175 ARG A NH1 1 
ATOM   1211 N NH2 . ARG A 1 167 ? -2.863  23.556  2.343   1.00 73.92  ? 175 ARG A NH2 1 
ATOM   1212 N N   . LYS A 1 168 ? -8.837  22.103  -1.329  1.00 33.02  ? 176 LYS A N   1 
ATOM   1213 C CA  . LYS A 1 168 ? -9.364  21.592  -2.605  1.00 35.89  ? 176 LYS A CA  1 
ATOM   1214 C C   . LYS A 1 168 ? -9.160  20.061  -2.693  1.00 36.81  ? 176 LYS A C   1 
ATOM   1215 O O   . LYS A 1 168 ? -10.073 19.335  -3.173  1.00 37.52  ? 176 LYS A O   1 
ATOM   1216 C CB  . LYS A 1 168 ? -8.645  22.373  -3.703  1.00 39.84  ? 176 LYS A CB  1 
ATOM   1217 C CG  . LYS A 1 168 ? -9.426  22.411  -5.001  1.00 49.77  ? 176 LYS A CG  1 
ATOM   1218 C CD  . LYS A 1 168 ? -9.118  23.557  -5.915  1.00 52.54  ? 176 LYS A CD  1 
ATOM   1219 C CE  . LYS A 1 168 ? -9.711  23.306  -7.281  1.00 55.43  ? 176 LYS A CE  1 
ATOM   1220 N NZ  . LYS A 1 168 ? -9.442  24.436  -8.198  1.00 63.77  ? 176 LYS A NZ  1 
ATOM   1221 N N   . GLY A 1 169 ? -8.029  19.547  -2.231  1.00 32.81  ? 177 GLY A N   1 
ATOM   1222 C CA  . GLY A 1 169 ? -7.702  18.141  -2.462  1.00 31.88  ? 177 GLY A CA  1 
ATOM   1223 C C   . GLY A 1 169 ? -6.698  17.570  -1.494  1.00 32.87  ? 177 GLY A C   1 
ATOM   1224 O O   . GLY A 1 169 ? -6.218  18.276  -0.554  1.00 32.34  ? 177 GLY A O   1 
ATOM   1225 N N   . PHE A 1 170 ? -6.387  16.285  -1.671  1.00 31.50  ? 178 PHE A N   1 
ATOM   1226 C CA  . PHE A 1 170 ? -5.492  15.600  -0.723  1.00 29.81  ? 178 PHE A CA  1 
ATOM   1227 C C   . PHE A 1 170 ? -4.796  14.437  -1.437  1.00 29.75  ? 178 PHE A C   1 
ATOM   1228 O O   . PHE A 1 170 ? -5.256  13.962  -2.505  1.00 31.48  ? 178 PHE A O   1 
ATOM   1229 C CB  . PHE A 1 170 ? -6.308  15.236  0.532   1.00 30.04  ? 178 PHE A CB  1 
ATOM   1230 C CG  . PHE A 1 170 ? -7.320  14.147  0.290   1.00 30.72  ? 178 PHE A CG  1 
ATOM   1231 C CD1 . PHE A 1 170 ? -6.918  12.829  0.182   1.00 29.97  ? 178 PHE A CD1 1 
ATOM   1232 C CD2 . PHE A 1 170 ? -8.651  14.446  0.084   1.00 31.77  ? 178 PHE A CD2 1 
ATOM   1233 C CE1 . PHE A 1 170 ? -7.835  11.836  -0.083  1.00 31.85  ? 178 PHE A CE1 1 
ATOM   1234 C CE2 . PHE A 1 170 ? -9.570  13.442  -0.168  1.00 31.80  ? 178 PHE A CE2 1 
ATOM   1235 C CZ  . PHE A 1 170 ? -9.164  12.145  -0.256  1.00 33.60  ? 178 PHE A CZ  1 
ATOM   1236 N N   . TYR A 1 171 ? -3.665  14.053  -0.867  1.00 27.73  ? 179 TYR A N   1 
ATOM   1237 C CA  . TYR A 1 171 ? -2.856  12.863  -1.168  1.00 28.89  ? 179 TYR A CA  1 
ATOM   1238 C C   . TYR A 1 171 ? -2.875  11.940  0.066   1.00 29.33  ? 179 TYR A C   1 
ATOM   1239 O O   . TYR A 1 171 ? -2.900  12.405  1.208   1.00 29.02  ? 179 TYR A O   1 
ATOM   1240 C CB  . TYR A 1 171 ? -1.409  13.295  -1.416  1.00 29.69  ? 179 TYR A CB  1 
ATOM   1241 C CG  . TYR A 1 171 ? -1.175  14.095  -2.647  1.00 30.52  ? 179 TYR A CG  1 
ATOM   1242 C CD1 . TYR A 1 171 ? -1.075  13.456  -3.874  1.00 31.56  ? 179 TYR A CD1 1 
ATOM   1243 C CD2 . TYR A 1 171 ? -0.984  15.471  -2.585  1.00 34.13  ? 179 TYR A CD2 1 
ATOM   1244 C CE1 . TYR A 1 171 ? -0.838  14.178  -5.026  1.00 34.00  ? 179 TYR A CE1 1 
ATOM   1245 C CE2 . TYR A 1 171 ? -0.721  16.210  -3.730  1.00 34.49  ? 179 TYR A CE2 1 
ATOM   1246 C CZ  . TYR A 1 171 ? -0.697  15.563  -4.954  1.00 36.57  ? 179 TYR A CZ  1 
ATOM   1247 O OH  . TYR A 1 171 ? -0.474  16.255  -6.109  1.00 40.68  ? 179 TYR A OH  1 
ATOM   1248 N N   . LEU A 1 172 ? -2.862  10.630  -0.152  1.00 31.17  ? 180 LEU A N   1 
ATOM   1249 C CA  . LEU A 1 172 ? -2.413  9.643   0.859   1.00 29.17  ? 180 LEU A CA  1 
ATOM   1250 C C   . LEU A 1 172 ? -0.991  9.284   0.464   1.00 28.98  ? 180 LEU A C   1 
ATOM   1251 O O   . LEU A 1 172 ? -0.647  9.444   -0.734  1.00 26.47  ? 180 LEU A O   1 
ATOM   1252 C CB  . LEU A 1 172 ? -3.317  8.414   0.895   1.00 31.05  ? 180 LEU A CB  1 
ATOM   1253 C CG  . LEU A 1 172 ? -4.802  8.650   1.200   1.00 35.58  ? 180 LEU A CG  1 
ATOM   1254 C CD1 . LEU A 1 172 ? -5.505  7.305   1.387   1.00 33.87  ? 180 LEU A CD1 1 
ATOM   1255 C CD2 . LEU A 1 172 ? -5.040  9.570   2.422   1.00 33.59  ? 180 LEU A CD2 1 
ATOM   1256 N N   . ALA A 1 173 ? -0.175  8.923   1.445   1.00 28.74  ? 181 ALA A N   1 
ATOM   1257 C CA  . ALA A 1 173 ? 1.135   8.323   1.176   1.00 30.01  ? 181 ALA A CA  1 
ATOM   1258 C C   . ALA A 1 173 ? 1.346   7.175   2.140   1.00 30.58  ? 181 ALA A C   1 
ATOM   1259 O O   . ALA A 1 173 ? 0.703   7.139   3.202   1.00 31.30  ? 181 ALA A O   1 
ATOM   1260 C CB  . ALA A 1 173 ? 2.231   9.332   1.241   1.00 30.51  ? 181 ALA A CB  1 
ATOM   1261 N N   . PHE A 1 174 ? 2.174   6.235   1.695   1.00 31.17  ? 182 PHE A N   1 
ATOM   1262 C CA  . PHE A 1 174 ? 2.597   5.046   2.441   1.00 27.75  ? 182 PHE A CA  1 
ATOM   1263 C C   . PHE A 1 174 ? 4.104   5.082   2.596   1.00 28.89  ? 182 PHE A C   1 
ATOM   1264 O O   . PHE A 1 174 ? 4.743   5.116   1.566   1.00 31.58  ? 182 PHE A O   1 
ATOM   1265 C CB  . PHE A 1 174 ? 2.162   3.811   1.684   1.00 27.80  ? 182 PHE A CB  1 
ATOM   1266 C CG  . PHE A 1 174 ? 0.671   3.777   1.494   1.00 28.75  ? 182 PHE A CG  1 
ATOM   1267 C CD1 . PHE A 1 174 ? -0.140  3.239   2.468   1.00 29.95  ? 182 PHE A CD1 1 
ATOM   1268 C CD2 . PHE A 1 174 ? 0.085   4.357   0.380   1.00 29.15  ? 182 PHE A CD2 1 
ATOM   1269 C CE1 . PHE A 1 174 ? -1.512  3.237   2.317   1.00 29.06  ? 182 PHE A CE1 1 
ATOM   1270 C CE2 . PHE A 1 174 ? -1.286  4.342   0.235   1.00 29.93  ? 182 PHE A CE2 1 
ATOM   1271 C CZ  . PHE A 1 174 ? -2.076  3.782   1.204   1.00 29.62  ? 182 PHE A CZ  1 
ATOM   1272 N N   . GLN A 1 175 ? 4.626   4.988   3.826   1.00 27.39  ? 183 GLN A N   1 
ATOM   1273 C CA  . GLN A 1 175 ? 6.076   4.801   4.059   1.00 27.00  ? 183 GLN A CA  1 
ATOM   1274 C C   . GLN A 1 175 ? 6.356   3.359   4.530   1.00 26.92  ? 183 GLN A C   1 
ATOM   1275 O O   . GLN A 1 175 ? 5.817   2.956   5.553   1.00 26.53  ? 183 GLN A O   1 
ATOM   1276 C CB  . GLN A 1 175 ? 6.544   5.833   5.078   1.00 27.48  ? 183 GLN A CB  1 
ATOM   1277 C CG  . GLN A 1 175 ? 7.947   5.616   5.571   1.00 29.44  ? 183 GLN A CG  1 
ATOM   1278 C CD  . GLN A 1 175 ? 8.231   6.467   6.784   1.00 32.56  ? 183 GLN A CD  1 
ATOM   1279 O OE1 . GLN A 1 175 ? 7.390   6.604   7.684   1.00 32.65  ? 183 GLN A OE1 1 
ATOM   1280 N NE2 . GLN A 1 175 ? 9.427   7.050   6.773   1.00 30.81  ? 183 GLN A NE2 1 
ATOM   1281 N N   . ASP A 1 176 ? 7.228   2.647   3.823   1.00 27.24  ? 184 ASP A N   1 
ATOM   1282 C CA  . ASP A 1 176 ? 7.826   1.370   4.250   1.00 31.05  ? 184 ASP A CA  1 
ATOM   1283 C C   . ASP A 1 176 ? 9.225   1.661   4.764   1.00 32.81  ? 184 ASP A C   1 
ATOM   1284 O O   . ASP A 1 176 ? 10.022  2.341   4.013   1.00 32.50  ? 184 ASP A O   1 
ATOM   1285 C CB  . ASP A 1 176 ? 7.949   0.382   3.092   1.00 33.63  ? 184 ASP A CB  1 
ATOM   1286 C CG  . ASP A 1 176 ? 8.909   -0.771  3.349   1.00 36.04  ? 184 ASP A CG  1 
ATOM   1287 O OD1 . ASP A 1 176 ? 8.534   -1.629  4.216   1.00 37.65  ? 184 ASP A OD1 1 
ATOM   1288 O OD2 . ASP A 1 176 ? 10.061  -0.770  2.726   1.00 33.20  ? 184 ASP A OD2 1 
ATOM   1289 N N   . ILE A 1 177 ? 9.554   1.075   5.913   1.00 35.12  ? 185 ILE A N   1 
ATOM   1290 C CA  . ILE A 1 177 ? 10.872  1.243   6.575   1.00 40.20  ? 185 ILE A CA  1 
ATOM   1291 C C   . ILE A 1 177 ? 11.528  -0.119  6.726   1.00 37.46  ? 185 ILE A C   1 
ATOM   1292 O O   . ILE A 1 177 ? 12.474  -0.186  7.518   1.00 42.23  ? 185 ILE A O   1 
ATOM   1293 C CB  . ILE A 1 177 ? 10.688  1.980   7.913   1.00 47.50  ? 185 ILE A CB  1 
ATOM   1294 C CG1 . ILE A 1 177 ? 9.630   1.291   8.795   1.00 54.49  ? 185 ILE A CG1 1 
ATOM   1295 C CG2 . ILE A 1 177 ? 10.333  3.416   7.602   1.00 49.41  ? 185 ILE A CG2 1 
ATOM   1296 C CD1 . ILE A 1 177 ? 9.391   1.949   10.139  1.00 56.15  ? 185 ILE A CD1 1 
ATOM   1297 N N   . GLY A 1 178 ? 11.106  -1.121  5.950   1.00 31.62  ? 186 GLY A N   1 
ATOM   1298 C CA  . GLY A 1 178 ? 11.802  -2.433  5.831   1.00 28.86  ? 186 GLY A CA  1 
ATOM   1299 C C   . GLY A 1 178 ? 10.889  -3.590  6.186   1.00 30.02  ? 186 GLY A C   1 
ATOM   1300 O O   . GLY A 1 178 ? 11.329  -4.467  6.835   1.00 32.87  ? 186 GLY A O   1 
ATOM   1301 N N   . ALA A 1 179 ? 9.593   -3.501  5.892   1.00 30.79  ? 187 ALA A N   1 
ATOM   1302 C CA  . ALA A 1 179 ? 8.631   -4.606  5.963   1.00 33.64  ? 187 ALA A CA  1 
ATOM   1303 C C   . ALA A 1 179 ? 8.488   -5.246  4.573   1.00 36.20  ? 187 ALA A C   1 
ATOM   1304 O O   . ALA A 1 179 ? 8.955   -4.657  3.550   1.00 35.48  ? 187 ALA A O   1 
ATOM   1305 C CB  . ALA A 1 179 ? 7.298   -4.101  6.458   1.00 34.33  ? 187 ALA A CB  1 
ATOM   1306 N N   . CYS A 1 180 ? 7.897   -6.433  4.559   1.00 32.31  ? 188 CYS A N   1 
ATOM   1307 C CA  . CYS A 1 180 ? 7.522   -7.190  3.343   1.00 33.60  ? 188 CYS A CA  1 
ATOM   1308 C C   . CYS A 1 180 ? 5.995   -7.082  3.255   1.00 33.62  ? 188 CYS A C   1 
ATOM   1309 O O   . CYS A 1 180 ? 5.290   -7.898  3.929   1.00 34.55  ? 188 CYS A O   1 
ATOM   1310 C CB  . CYS A 1 180 ? 7.982   -8.632  3.500   1.00 33.75  ? 188 CYS A CB  1 
ATOM   1311 S SG  . CYS A 1 180 ? 7.988   -9.579  1.977   1.00 37.78  ? 188 CYS A SG  1 
ATOM   1312 N N   . VAL A 1 181 ? 5.519   -6.050  2.571   1.00 33.17  ? 189 VAL A N   1 
ATOM   1313 C CA  . VAL A 1 181 ? 4.111   -5.581  2.591   1.00 31.55  ? 189 VAL A CA  1 
ATOM   1314 C C   . VAL A 1 181 ? 3.582   -5.682  1.167   1.00 29.54  ? 189 VAL A C   1 
ATOM   1315 O O   . VAL A 1 181 ? 4.304   -5.280  0.255   1.00 29.03  ? 189 VAL A O   1 
ATOM   1316 C CB  . VAL A 1 181 ? 3.945   -4.119  3.052   1.00 33.21  ? 189 VAL A CB  1 
ATOM   1317 C CG1 . VAL A 1 181 ? 2.479   -3.662  3.051   1.00 30.21  ? 189 VAL A CG1 1 
ATOM   1318 C CG2 . VAL A 1 181 ? 4.495   -3.953  4.428   1.00 40.51  ? 189 VAL A CG2 1 
ATOM   1319 N N   . ALA A 1 182 ? 2.316   -6.057  1.025   1.00 28.63  ? 190 ALA A N   1 
ATOM   1320 C CA  . ALA A 1 182 ? 1.567   -5.913  -0.240  1.00 29.78  ? 190 ALA A CA  1 
ATOM   1321 C C   . ALA A 1 182 ? 0.245   -5.213  0.070   1.00 29.09  ? 190 ALA A C   1 
ATOM   1322 O O   . ALA A 1 182 ? -0.502  -5.718  0.962   1.00 29.90  ? 190 ALA A O   1 
ATOM   1323 C CB  . ALA A 1 182 ? 1.348   -7.274  -0.865  1.00 30.67  ? 190 ALA A CB  1 
ATOM   1324 N N   . LEU A 1 183 ? -0.005  -4.074  -0.558  1.00 27.35  ? 191 LEU A N   1 
ATOM   1325 C CA  . LEU A 1 183 ? -1.346  -3.437  -0.565  1.00 31.21  ? 191 LEU A CA  1 
ATOM   1326 C C   . LEU A 1 183 ? -2.198  -4.050  -1.675  1.00 30.26  ? 191 LEU A C   1 
ATOM   1327 O O   . LEU A 1 183 ? -1.841  -3.834  -2.835  1.00 32.90  ? 191 LEU A O   1 
ATOM   1328 C CB  . LEU A 1 183 ? -1.188  -1.949  -0.858  1.00 32.54  ? 191 LEU A CB  1 
ATOM   1329 C CG  . LEU A 1 183 ? -0.318  -1.172  0.107   1.00 34.49  ? 191 LEU A CG  1 
ATOM   1330 C CD1 . LEU A 1 183 ? -0.276  0.276   -0.324  1.00 36.15  ? 191 LEU A CD1 1 
ATOM   1331 C CD2 . LEU A 1 183 ? -0.905  -1.288  1.497   1.00 38.24  ? 191 LEU A CD2 1 
ATOM   1332 N N   . LEU A 1 184 ? -3.332  -4.651  -1.363  1.00 34.08  ? 192 LEU A N   1 
ATOM   1333 C CA  . LEU A 1 184 ? -4.277  -5.193  -2.405  1.00 36.12  ? 192 LEU A CA  1 
ATOM   1334 C C   . LEU A 1 184 ? -5.386  -4.164  -2.647  1.00 36.97  ? 192 LEU A C   1 
ATOM   1335 O O   . LEU A 1 184 ? -5.891  -4.011  -3.819  1.00 33.82  ? 192 LEU A O   1 
ATOM   1336 C CB  . LEU A 1 184 ? -4.873  -6.529  -1.932  1.00 36.70  ? 192 LEU A CB  1 
ATOM   1337 C CG  . LEU A 1 184 ? -3.988  -7.784  -2.088  1.00 40.51  ? 192 LEU A CG  1 
ATOM   1338 C CD1 . LEU A 1 184 ? -3.778  -8.128  -3.546  1.00 40.08  ? 192 LEU A CD1 1 
ATOM   1339 C CD2 . LEU A 1 184 ? -2.641  -7.601  -1.427  1.00 40.59  ? 192 LEU A CD2 1 
ATOM   1340 N N   . SER A 1 185 ? -5.787  -3.473  -1.580  1.00 35.28  ? 193 SER A N   1 
ATOM   1341 C CA  . SER A 1 185 ? -6.917  -2.509  -1.651  1.00 34.37  ? 193 SER A CA  1 
ATOM   1342 C C   . SER A 1 185 ? -6.620  -1.234  -0.851  1.00 31.94  ? 193 SER A C   1 
ATOM   1343 O O   . SER A 1 185 ? -6.174  -1.309  0.326   1.00 32.40  ? 193 SER A O   1 
ATOM   1344 C CB  . SER A 1 185 ? -8.225  -3.152  -1.218  1.00 35.11  ? 193 SER A CB  1 
ATOM   1345 O OG  . SER A 1 185 ? -9.315  -2.280  -1.520  1.00 33.60  ? 193 SER A OG  1 
ATOM   1346 N N   . VAL A 1 186 ? -6.878  -0.091  -1.462  1.00 29.75  ? 194 VAL A N   1 
ATOM   1347 C CA  . VAL A 1 186 ? -6.890  1.234   -0.785  1.00 29.97  ? 194 VAL A CA  1 
ATOM   1348 C C   . VAL A 1 186 ? -8.180  1.921   -1.225  1.00 31.52  ? 194 VAL A C   1 
ATOM   1349 O O   . VAL A 1 186 ? -8.243  2.347   -2.394  1.00 34.07  ? 194 VAL A O   1 
ATOM   1350 C CB  . VAL A 1 186 ? -5.678  2.073   -1.184  1.00 28.00  ? 194 VAL A CB  1 
ATOM   1351 C CG1 . VAL A 1 186 ? -5.760  3.487   -0.621  1.00 28.12  ? 194 VAL A CG1 1 
ATOM   1352 C CG2 . VAL A 1 186 ? -4.354  1.370   -0.897  1.00 29.16  ? 194 VAL A CG2 1 
ATOM   1353 N N   . ARG A 1 187 ? -9.167  1.994   -0.351  1.00 32.82  ? 195 ARG A N   1 
ATOM   1354 C CA  . ARG A 1 187 ? -10.499 2.547   -0.694  1.00 34.82  ? 195 ARG A CA  1 
ATOM   1355 C C   . ARG A 1 187 ? -10.682 3.817   0.109   1.00 30.97  ? 195 ARG A C   1 
ATOM   1356 O O   . ARG A 1 187 ? -10.573 3.700   1.311   1.00 33.64  ? 195 ARG A O   1 
ATOM   1357 C CB  . ARG A 1 187 ? -11.592 1.557   -0.328  1.00 38.43  ? 195 ARG A CB  1 
ATOM   1358 C CG  . ARG A 1 187 ? -12.865 1.674   -1.155  1.00 42.50  ? 195 ARG A CG  1 
ATOM   1359 C CD  . ARG A 1 187 ? -13.735 0.434   -0.965  1.00 43.29  ? 195 ARG A CD  1 
ATOM   1360 N NE  . ARG A 1 187 ? -14.999 0.971   -0.566  1.00 50.21  ? 195 ARG A NE  1 
ATOM   1361 C CZ  . ARG A 1 187 ? -15.477 1.009   0.669   1.00 48.90  ? 195 ARG A CZ  1 
ATOM   1362 N NH1 . ARG A 1 187 ? -14.836 0.453   1.686   1.00 52.32  ? 195 ARG A NH1 1 
ATOM   1363 N NH2 . ARG A 1 187 ? -16.636 1.602   0.862   1.00 49.35  ? 195 ARG A NH2 1 
ATOM   1364 N N   . VAL A 1 188 ? -10.855 4.973   -0.515  1.00 30.12  ? 196 VAL A N   1 
ATOM   1365 C CA  . VAL A 1 188 ? -11.137 6.230   0.255   1.00 30.77  ? 196 VAL A CA  1 
ATOM   1366 C C   . VAL A 1 188 ? -12.560 6.686   -0.025  1.00 30.19  ? 196 VAL A C   1 
ATOM   1367 O O   . VAL A 1 188 ? -12.950 6.840   -1.209  1.00 32.11  ? 196 VAL A O   1 
ATOM   1368 C CB  . VAL A 1 188 ? -10.133 7.347   -0.024  1.00 30.04  ? 196 VAL A CB  1 
ATOM   1369 C CG1 . VAL A 1 188 ? -10.325 8.509   0.942   1.00 30.44  ? 196 VAL A CG1 1 
ATOM   1370 C CG2 . VAL A 1 188 ? -8.718  6.829   0.054   1.00 33.51  ? 196 VAL A CG2 1 
ATOM   1371 N N   . TYR A 1 189 ? -13.351 6.831   1.021   1.00 32.21  ? 197 TYR A N   1 
ATOM   1372 C CA  . TYR A 1 189 ? -14.733 7.330   0.863   1.00 36.05  ? 197 TYR A CA  1 
ATOM   1373 C C   . TYR A 1 189 ? -15.106 8.359   1.926   1.00 35.73  ? 197 TYR A C   1 
ATOM   1374 O O   . TYR A 1 189 ? -14.408 8.576   2.921   1.00 36.69  ? 197 TYR A O   1 
ATOM   1375 C CB  . TYR A 1 189 ? -15.692 6.142   0.858   1.00 38.88  ? 197 TYR A CB  1 
ATOM   1376 C CG  . TYR A 1 189 ? -15.717 5.355   2.145   1.00 39.32  ? 197 TYR A CG  1 
ATOM   1377 C CD1 . TYR A 1 189 ? -14.782 4.353   2.416   1.00 38.07  ? 197 TYR A CD1 1 
ATOM   1378 C CD2 . TYR A 1 189 ? -16.698 5.614   3.081   1.00 37.20  ? 197 TYR A CD2 1 
ATOM   1379 C CE1 . TYR A 1 189 ? -14.835 3.630   3.597   1.00 36.95  ? 197 TYR A CE1 1 
ATOM   1380 C CE2 . TYR A 1 189 ? -16.767 4.902   4.255   1.00 37.52  ? 197 TYR A CE2 1 
ATOM   1381 C CZ  . TYR A 1 189 ? -15.843 3.909   4.507   1.00 38.65  ? 197 TYR A CZ  1 
ATOM   1382 O OH  . TYR A 1 189 ? -15.961 3.282   5.708   1.00 39.68  ? 197 TYR A OH  1 
ATOM   1383 N N   . TYR A 1 190 ? -16.270 8.948   1.721   1.00 38.13  ? 198 TYR A N   1 
ATOM   1384 C CA  . TYR A 1 190 ? -16.981 9.774   2.721   1.00 37.88  ? 198 TYR A CA  1 
ATOM   1385 C C   . TYR A 1 190 ? -18.421 9.283   2.823   1.00 39.97  ? 198 TYR A C   1 
ATOM   1386 O O   . TYR A 1 190 ? -18.879 8.525   1.988   1.00 42.65  ? 198 TYR A O   1 
ATOM   1387 C CB  . TYR A 1 190 ? -16.806 11.245  2.359   1.00 38.32  ? 198 TYR A CB  1 
ATOM   1388 C CG  . TYR A 1 190 ? -17.566 11.775  1.158   1.00 42.29  ? 198 TYR A CG  1 
ATOM   1389 C CD1 . TYR A 1 190 ? -17.039 11.718  -0.120  1.00 41.79  ? 198 TYR A CD1 1 
ATOM   1390 C CD2 . TYR A 1 190 ? -18.781 12.443  1.317   1.00 41.84  ? 198 TYR A CD2 1 
ATOM   1391 C CE1 . TYR A 1 190 ? -17.699 12.276  -1.207  1.00 44.13  ? 198 TYR A CE1 1 
ATOM   1392 C CE2 . TYR A 1 190 ? -19.475 12.959  0.237   1.00 41.16  ? 198 TYR A CE2 1 
ATOM   1393 C CZ  . TYR A 1 190 ? -18.929 12.897  -1.030  1.00 44.68  ? 198 TYR A CZ  1 
ATOM   1394 O OH  . TYR A 1 190 ? -19.618 13.416  -2.094  1.00 44.59  ? 198 TYR A OH  1 
ATOM   1395 N N   . LYS A 1 191 ? -19.112 9.668   3.884   1.00 46.95  ? 199 LYS A N   1 
ATOM   1396 C CA  . LYS A 1 191 ? -20.481 9.179   4.189   1.00 47.60  ? 199 LYS A CA  1 
ATOM   1397 C C   . LYS A 1 191 ? -21.451 10.318  3.882   1.00 49.01  ? 199 LYS A C   1 
ATOM   1398 O O   . LYS A 1 191 ? -21.189 11.453  4.293   1.00 43.82  ? 199 LYS A O   1 
ATOM   1399 C CB  . LYS A 1 191 ? -20.504 8.730   5.649   1.00 49.10  ? 199 LYS A CB  1 
ATOM   1400 C CG  . LYS A 1 191 ? -20.060 7.293   5.918   1.00 50.91  ? 199 LYS A CG  1 
ATOM   1401 C CD  . LYS A 1 191 ? -19.716 6.993   7.391   1.00 52.65  ? 199 LYS A CD  1 
ATOM   1402 C CE  . LYS A 1 191 ? -19.246 5.562   7.615   1.00 57.44  ? 199 LYS A CE  1 
ATOM   1403 N NZ  . LYS A 1 191 ? -18.526 5.402   8.906   1.00 58.43  ? 199 LYS A NZ  1 
ATOM   1404 N N   . LYS A 1 192 ? -22.477 10.040  3.092   1.00 61.30  ? 200 LYS A N   1 
ATOM   1405 C CA  . LYS A 1 192 ? -23.629 10.948  2.800   1.00 65.53  ? 200 LYS A CA  1 
ATOM   1406 C C   . LYS A 1 192 ? -24.873 10.289  3.398   1.00 67.78  ? 200 LYS A C   1 
ATOM   1407 O O   . LYS A 1 192 ? -25.119 9.123   2.992   1.00 69.54  ? 200 LYS A O   1 
ATOM   1408 C CB  . LYS A 1 192 ? -23.781 11.097  1.283   1.00 67.95  ? 200 LYS A CB  1 
ATOM   1409 C CG  . LYS A 1 192 ? -24.507 12.339  0.793   1.00 74.78  ? 200 LYS A CG  1 
ATOM   1410 C CD  . LYS A 1 192 ? -24.265 12.638  -0.675  1.00 81.96  ? 200 LYS A CD  1 
ATOM   1411 C CE  . LYS A 1 192 ? -25.255 13.637  -1.239  1.00 89.20  ? 200 LYS A CE  1 
ATOM   1412 N NZ  . LYS A 1 192 ? -24.729 14.338  -2.439  1.00 92.86  ? 200 LYS A NZ  1 
ATOM   1413 N N   . CYS A 1 193 ? -25.558 10.942  4.361   1.00 74.18  ? 201 CYS A N   1 
ATOM   1414 C CA  . CYS A 1 193 ? -26.845 10.486  4.986   1.00 77.92  ? 201 CYS A CA  1 
ATOM   1415 C C   . CYS A 1 193 ? -27.990 11.370  4.484   1.00 78.92  ? 201 CYS A C   1 
ATOM   1416 O O   . CYS A 1 193 ? -27.787 12.580  4.542   1.00 83.47  ? 201 CYS A O   1 
ATOM   1417 C CB  . CYS A 1 193 ? -26.840 10.534  6.515   1.00 78.38  ? 201 CYS A CB  1 
ATOM   1418 S SG  . CYS A 1 193 ? -25.192 10.492  7.273   1.00 76.02  ? 201 CYS A SG  1 
ATOM   1419 N N   . ALA B 2 1   ? 16.326  -6.172  -12.047 1.00 93.97  ? -1  ALA B N   1 
ATOM   1420 C CA  . ALA B 2 1   ? 16.691  -7.588  -11.707 1.00 96.55  ? -1  ALA B CA  1 
ATOM   1421 C C   . ALA B 2 1   ? 15.723  -8.137  -10.638 1.00 96.32  ? -1  ALA B C   1 
ATOM   1422 O O   . ALA B 2 1   ? 15.283  -9.296  -10.813 1.00 95.53  ? -1  ALA B O   1 
ATOM   1423 C CB  . ALA B 2 1   ? 18.148  -7.659  -11.281 1.00 90.47  ? -1  ALA B CB  1 
ATOM   1424 N N   . ARG B 2 2   ? 15.399  -7.318  -9.613  1.00 94.28  ? 0   ARG B N   1 
ATOM   1425 C CA  . ARG B 2 2   ? 14.579  -7.585  -8.380  1.00 86.68  ? 0   ARG B CA  1 
ATOM   1426 C C   . ARG B 2 2   ? 14.490  -9.085  -8.029  1.00 78.47  ? 0   ARG B C   1 
ATOM   1427 O O   . ARG B 2 2   ? 13.560  -9.769  -8.501  1.00 78.29  ? 0   ARG B O   1 
ATOM   1428 C CB  . ARG B 2 2   ? 13.201  -6.919  -8.492  1.00 84.08  ? 0   ARG B CB  1 
ATOM   1429 C CG  . ARG B 2 2   ? 12.357  -7.364  -9.677  1.00 84.91  ? 0   ARG B CG  1 
ATOM   1430 C CD  . ARG B 2 2   ? 11.144  -6.474  -9.892  1.00 85.76  ? 0   ARG B CD  1 
ATOM   1431 N NE  . ARG B 2 2   ? 11.162  -5.729  -11.153 1.00 87.10  ? 0   ARG B NE  1 
ATOM   1432 C CZ  . ARG B 2 2   ? 11.040  -4.400  -11.300 1.00 84.84  ? 0   ARG B CZ  1 
ATOM   1433 N NH1 . ARG B 2 2   ? 10.903  -3.594  -10.254 1.00 80.04  ? 0   ARG B NH1 1 
ATOM   1434 N NH2 . ARG B 2 2   ? 11.064  -3.882  -12.516 1.00 81.75  ? 0   ARG B NH2 1 
ATOM   1435 N N   . ASP B 2 3   ? 15.403  -9.552  -7.168  1.00 73.67  ? 1   ASP B N   1 
ATOM   1436 C CA  . ASP B 2 3   ? 15.503  -10.958 -6.673  1.00 73.16  ? 1   ASP B CA  1 
ATOM   1437 C C   . ASP B 2 3   ? 14.921  -11.059 -5.247  1.00 61.94  ? 1   ASP B C   1 
ATOM   1438 O O   . ASP B 2 3   ? 15.249  -12.029 -4.542  1.00 64.91  ? 1   ASP B O   1 
ATOM   1439 C CB  . ASP B 2 3   ? 16.955  -11.458 -6.718  1.00 74.39  ? 1   ASP B CB  1 
ATOM   1440 C CG  . ASP B 2 3   ? 17.934  -10.576 -5.954  1.00 77.88  ? 1   ASP B CG  1 
ATOM   1441 O OD1 . ASP B 2 3   ? 17.499  -9.511  -5.463  1.00 75.56  ? 1   ASP B OD1 1 
ATOM   1442 O OD2 . ASP B 2 3   ? 19.123  -10.963 -5.846  1.00 80.45  ? 1   ASP B OD2 1 
ATOM   1443 N N   . CYS B 2 4   ? 14.033  -10.134 -4.865  1.00 50.16  ? 2   CYS B N   1 
ATOM   1444 C CA  . CYS B 2 4   ? 13.557  -9.963  -3.477  1.00 40.65  ? 2   CYS B CA  1 
ATOM   1445 C C   . CYS B 2 4   ? 12.544  -11.059 -3.201  1.00 34.49  ? 2   CYS B C   1 
ATOM   1446 O O   . CYS B 2 4   ? 12.181  -11.798 -4.081  1.00 33.66  ? 2   CYS B O   1 
ATOM   1447 C CB  . CYS B 2 4   ? 13.044  -8.549  -3.227  1.00 39.35  ? 2   CYS B CB  1 
ATOM   1448 S SG  . CYS B 2 4   ? 11.878  -7.922  -4.463  1.00 36.06  ? 2   CYS B SG  1 
ATOM   1449 N N   . PRO B 2 5   ? 12.172  -11.334 -1.950  1.00 31.15  ? 3   PRO B N   1 
ATOM   1450 C CA  . PRO B 2 5   ? 11.236  -12.428 -1.697  1.00 29.73  ? 3   PRO B CA  1 
ATOM   1451 C C   . PRO B 2 5   ? 9.780   -12.152 -2.078  1.00 29.59  ? 3   PRO B C   1 
ATOM   1452 O O   . PRO B 2 5   ? 9.427   -11.022 -2.256  1.00 29.70  ? 3   PRO B O   1 
ATOM   1453 C CB  . PRO B 2 5   ? 11.294  -12.577 -0.162  1.00 30.19  ? 3   PRO B CB  1 
ATOM   1454 C CG  . PRO B 2 5   ? 12.608  -11.913 0.246   1.00 29.39  ? 3   PRO B CG  1 
ATOM   1455 C CD  . PRO B 2 5   ? 12.769  -10.767 -0.730  1.00 29.38  ? 3   PRO B CD  1 
ATOM   1456 N N   . LEU B 2 6   ? 9.008   -13.226 -2.153  1.00 28.74  ? 4   LEU B N   1 
ATOM   1457 C CA  . LEU B 2 6   ? 7.581   -13.265 -2.501  1.00 29.63  ? 4   LEU B CA  1 
ATOM   1458 C C   . LEU B 2 6   ? 6.811   -12.636 -1.347  1.00 32.17  ? 4   LEU B C   1 
ATOM   1459 O O   . LEU B 2 6   ? 6.965   -13.081 -0.177  1.00 30.73  ? 4   LEU B O   1 
ATOM   1460 C CB  . LEU B 2 6   ? 7.103   -14.711 -2.665  1.00 29.12  ? 4   LEU B CB  1 
ATOM   1461 C CG  . LEU B 2 6   ? 7.927   -15.675 -3.514  1.00 27.48  ? 4   LEU B CG  1 
ATOM   1462 C CD1 . LEU B 2 6   ? 7.236   -17.010 -3.536  1.00 26.93  ? 4   LEU B CD1 1 
ATOM   1463 C CD2 . LEU B 2 6   ? 8.124   -15.178 -4.930  1.00 28.10  ? 4   LEU B CD2 1 
ATOM   1464 N N   . VAL B 2 7   ? 5.946   -11.686 -1.656  1.00 32.35  ? 5   VAL B N   1 
ATOM   1465 C CA  . VAL B 2 7   ? 5.278   -10.904 -0.587  1.00 30.86  ? 5   VAL B CA  1 
ATOM   1466 C C   . VAL B 2 7   ? 4.196   -11.747 0.075   1.00 32.80  ? 5   VAL B C   1 
ATOM   1467 O O   . VAL B 2 7   ? 4.067   -11.666 1.321   1.00 36.12  ? 5   VAL B O   1 
ATOM   1468 C CB  . VAL B 2 7   ? 4.770   -9.574  -1.135  1.00 30.49  ? 5   VAL B CB  1 
ATOM   1469 C CG1 . VAL B 2 7   ? 5.946   -8.665  -1.379  1.00 29.21  ? 5   VAL B CG1 1 
ATOM   1470 C CG2 . VAL B 2 7   ? 3.928   -9.718  -2.411  1.00 31.45  ? 5   VAL B CG2 1 
ATOM   1471 N N   . ASN B 2 8   ? 3.499   -12.580 -0.694  1.00 32.70  ? 6   ASN B N   1 
ATOM   1472 C CA  . ASN B 2 8   ? 2.382   -13.409 -0.181  1.00 30.52  ? 6   ASN B CA  1 
ATOM   1473 C C   . ASN B 2 8   ? 2.096   -14.572 -1.155  1.00 29.79  ? 6   ASN B C   1 
ATOM   1474 O O   . ASN B 2 8   ? 2.651   -14.682 -2.240  1.00 28.88  ? 6   ASN B O   1 
ATOM   1475 C CB  . ASN B 2 8   ? 1.212   -12.459 0.114   1.00 29.61  ? 6   ASN B CB  1 
ATOM   1476 C CG  . ASN B 2 8   ? 0.638   -11.809 -1.124  1.00 31.82  ? 6   ASN B CG  1 
ATOM   1477 O OD1 . ASN B 2 8   ? 0.344   -12.507 -2.108  1.00 29.50  ? 6   ASN B OD1 1 
ATOM   1478 N ND2 . ASN B 2 8   ? 0.412   -10.490 -1.070  1.00 32.87  ? 6   ASN B ND2 1 
ATOM   1479 N N   . PRO B 2 9   ? 1.220   -15.515 -0.788  1.00 30.82  ? 7   PRO B N   1 
ATOM   1480 C CA  . PRO B 2 9   ? 0.926   -16.679 -1.640  1.00 33.78  ? 7   PRO B CA  1 
ATOM   1481 C C   . PRO B 2 9   ? 0.320   -16.422 -3.038  1.00 35.38  ? 7   PRO B C   1 
ATOM   1482 O O   . PRO B 2 9   ? 0.649   -17.149 -3.961  1.00 36.93  ? 7   PRO B O   1 
ATOM   1483 C CB  . PRO B 2 9   ? -0.045  -17.489 -0.767  1.00 32.47  ? 7   PRO B CB  1 
ATOM   1484 C CG  . PRO B 2 9   ? 0.417   -17.137 0.621   1.00 32.97  ? 7   PRO B CG  1 
ATOM   1485 C CD  . PRO B 2 9   ? 0.610   -15.624 0.542   1.00 30.98  ? 7   PRO B CD  1 
ATOM   1486 N N   . LEU B 2 10  ? -0.471  -15.371 -3.206  1.00 36.22  ? 8   LEU B N   1 
ATOM   1487 C CA  . LEU B 2 10  ? -0.873  -14.848 -4.539  1.00 35.57  ? 8   LEU B CA  1 
ATOM   1488 C C   . LEU B 2 10  ? 0.311   -14.891 -5.499  1.00 33.93  ? 8   LEU B C   1 
ATOM   1489 O O   . LEU B 2 10  ? 0.055   -15.033 -6.694  1.00 37.77  ? 8   LEU B O   1 
ATOM   1490 C CB  . LEU B 2 10  ? -1.416  -13.410 -4.449  1.00 36.16  ? 8   LEU B CB  1 
ATOM   1491 C CG  . LEU B 2 10  ? -2.719  -13.251 -3.663  1.00 37.64  ? 8   LEU B CG  1 
ATOM   1492 C CD1 . LEU B 2 10  ? -3.217  -11.807 -3.673  1.00 36.35  ? 8   LEU B CD1 1 
ATOM   1493 C CD2 . LEU B 2 10  ? -3.786  -14.199 -4.198  1.00 36.47  ? 8   LEU B CD2 1 
ATOM   1494 N N   . CYS B 2 11  ? 1.549   -14.728 -5.035  1.00 32.50  ? 9   CYS B N   1 
ATOM   1495 C CA  . CYS B 2 11  ? 2.763   -14.721 -5.901  1.00 31.18  ? 9   CYS B CA  1 
ATOM   1496 C C   . CYS B 2 11  ? 3.012   -16.120 -6.532  1.00 32.79  ? 9   CYS B C   1 
ATOM   1497 O O   . CYS B 2 11  ? 3.801   -16.211 -7.525  1.00 27.83  ? 9   CYS B O   1 
ATOM   1498 C CB  . CYS B 2 11  ? 3.983   -14.315 -5.068  1.00 32.36  ? 9   CYS B CB  1 
ATOM   1499 S SG  . CYS B 2 11  ? 3.933   -12.648 -4.499  1.00 31.54  ? 9   CYS B SG  1 
ATOM   1500 N N   . LEU B 2 12  ? 2.514   -17.196 -5.901  1.00 31.77  ? 10  LEU B N   1 
ATOM   1501 C CA  . LEU B 2 12  ? 2.661   -18.577 -6.426  1.00 37.04  ? 10  LEU B CA  1 
ATOM   1502 C C   . LEU B 2 12  ? 1.947   -18.720 -7.801  1.00 41.12  ? 10  LEU B C   1 
ATOM   1503 O O   . LEU B 2 12  ? 2.377   -19.599 -8.602  1.00 38.99  ? 10  LEU B O   1 
ATOM   1504 C CB  . LEU B 2 12  ? 2.115   -19.586 -5.405  1.00 36.22  ? 10  LEU B CB  1 
ATOM   1505 C CG  . LEU B 2 12  ? 2.786   -19.624 -4.032  1.00 37.26  ? 10  LEU B CG  1 
ATOM   1506 C CD1 . LEU B 2 12  ? 2.121   -20.641 -3.149  1.00 39.63  ? 10  LEU B CD1 1 
ATOM   1507 C CD2 . LEU B 2 12  ? 4.263   -19.915 -4.084  1.00 37.19  ? 10  LEU B CD2 1 
ATOM   1508 N N   A HIS B 2 13  ? 0.948   -17.877 -8.090  0.60 41.80  ? 11  HIS B N   1 
ATOM   1509 N N   B HIS B 2 13  ? 0.894   -17.916 -8.066  0.40 39.11  ? 11  HIS B N   1 
ATOM   1510 C CA  A HIS B 2 13  ? 0.185   -17.893 -9.361  0.60 43.64  ? 11  HIS B CA  1 
ATOM   1511 C CA  B HIS B 2 13  ? 0.226   -17.824 -9.395  0.40 39.01  ? 11  HIS B CA  1 
ATOM   1512 C C   A HIS B 2 13  ? 1.051   -17.205 -10.427 0.60 44.30  ? 11  HIS B C   1 
ATOM   1513 C C   B HIS B 2 13  ? 1.208   -17.226 -10.389 0.40 41.44  ? 11  HIS B C   1 
ATOM   1514 O O   A HIS B 2 13  ? 1.448   -16.062 -10.258 0.60 45.88  ? 11  HIS B O   1 
ATOM   1515 O O   B HIS B 2 13  ? 1.812   -16.184 -10.148 0.40 41.51  ? 11  HIS B O   1 
ATOM   1516 C CB  A HIS B 2 13  ? -1.229  -17.328 -9.111  0.60 47.14  ? 11  HIS B CB  1 
ATOM   1517 C CB  B HIS B 2 13  ? -1.076  -17.008 -9.409  0.40 38.29  ? 11  HIS B CB  1 
ATOM   1518 C CG  A HIS B 2 13  ? -2.019  -17.955 -7.985  0.60 50.67  ? 11  HIS B CG  1 
ATOM   1519 C CG  B HIS B 2 13  ? -1.885  -17.191 -10.664 0.40 37.77  ? 11  HIS B CG  1 
ATOM   1520 N ND1 A HIS B 2 13  ? -3.403  -18.113 -8.038  0.60 52.33  ? 11  HIS B ND1 1 
ATOM   1521 N ND1 B HIS B 2 13  ? -1.397  -16.875 -11.922 0.40 36.79  ? 11  HIS B ND1 1 
ATOM   1522 C CD2 A HIS B 2 13  ? -1.662  -18.402 -6.755  0.60 52.28  ? 11  HIS B CD2 1 
ATOM   1523 C CD2 B HIS B 2 13  ? -3.132  -17.683 -10.865 0.40 36.41  ? 11  HIS B CD2 1 
ATOM   1524 C CE1 A HIS B 2 13  ? -3.847  -18.632 -6.909  0.60 51.52  ? 11  HIS B CE1 1 
ATOM   1525 C CE1 B HIS B 2 13  ? -2.314  -17.142 -12.830 0.40 36.49  ? 11  HIS B CE1 1 
ATOM   1526 N NE2 A HIS B 2 13  ? -2.800  -18.816 -6.106  0.60 52.52  ? 11  HIS B NE2 1 
ATOM   1527 N NE2 B HIS B 2 13  ? -3.382  -17.651 -12.209 0.40 35.89  ? 11  HIS B NE2 1 
ATOM   1528 N N   . PRO B 2 14  ? 1.460   -17.885 -11.534 1.00 45.66  ? 12  PRO B N   1 
ATOM   1529 C CA  . PRO B 2 14  ? 2.425   -17.312 -12.475 1.00 43.17  ? 12  PRO B CA  1 
ATOM   1530 C C   . PRO B 2 14  ? 1.872   -16.114 -13.276 1.00 40.26  ? 12  PRO B C   1 
ATOM   1531 O O   . PRO B 2 14  ? 0.653   -15.915 -13.340 1.00 33.65  ? 12  PRO B O   1 
ATOM   1532 C CB  . PRO B 2 14  ? 2.816   -18.530 -13.319 1.00 45.86  ? 12  PRO B CB  1 
ATOM   1533 C CG  . PRO B 2 14  ? 1.578   -19.424 -13.293 1.00 46.97  ? 12  PRO B CG  1 
ATOM   1534 C CD  . PRO B 2 14  ? 0.974   -19.222 -11.922 1.00 45.96  ? 12  PRO B CD  1 
ATOM   1535 N N   . GLY B 2 15  ? 2.797   -15.313 -13.817 1.00 37.39  ? 13  GLY B N   1 
ATOM   1536 C CA  . GLY B 2 15  ? 2.510   -14.219 -14.762 1.00 39.86  ? 13  GLY B CA  1 
ATOM   1537 C C   . GLY B 2 15  ? 2.684   -12.819 -14.179 1.00 39.87  ? 13  GLY B C   1 
ATOM   1538 O O   . GLY B 2 15  ? 2.272   -11.870 -14.886 1.00 39.18  ? 13  GLY B O   1 
ATOM   1539 N N   . TRP B 2 16  ? 3.298   -12.661 -12.980 1.00 35.13  ? 14  TRP B N   1 
ATOM   1540 C CA  . TRP B 2 16  ? 3.324   -11.355 -12.281 1.00 29.97  ? 14  TRP B CA  1 
ATOM   1541 C C   . TRP B 2 16  ? 4.336   -10.482 -13.022 1.00 32.74  ? 14  TRP B C   1 
ATOM   1542 O O   . TRP B 2 16  ? 5.354   -10.994 -13.433 1.00 38.51  ? 14  TRP B O   1 
ATOM   1543 C CB  . TRP B 2 16  ? 3.627   -11.504 -10.784 1.00 27.03  ? 14  TRP B CB  1 
ATOM   1544 C CG  . TRP B 2 16  ? 2.479   -11.960 -9.943  1.00 22.48  ? 14  TRP B CG  1 
ATOM   1545 C CD1 . TRP B 2 16  ? 2.276   -13.204 -9.433  1.00 21.39  ? 14  TRP B CD1 1 
ATOM   1546 C CD2 . TRP B 2 16  ? 1.411   -11.149 -9.438  1.00 21.34  ? 14  TRP B CD2 1 
ATOM   1547 N NE1 . TRP B 2 16  ? 1.087   -13.256 -8.745  1.00 21.45  ? 14  TRP B NE1 1 
ATOM   1548 C CE2 . TRP B 2 16  ? 0.576   -11.986 -8.687  1.00 20.17  ? 14  TRP B CE2 1 
ATOM   1549 C CE3 . TRP B 2 16  ? 1.084   -9.795  -9.562  1.00 21.54  ? 14  TRP B CE3 1 
ATOM   1550 C CZ2 . TRP B 2 16  ? -0.582  -11.523 -8.109  1.00 20.61  ? 14  TRP B CZ2 1 
ATOM   1551 C CZ3 . TRP B 2 16  ? -0.052  -9.331  -8.971  1.00 20.80  ? 14  TRP B CZ3 1 
ATOM   1552 C CH2 . TRP B 2 16  ? -0.863  -10.183 -8.231  1.00 20.43  ? 14  TRP B CH2 1 
ATOM   1553 N N   . THR B 2 17  ? 4.048   -9.212  -13.202 1.00 32.54  ? 15  THR B N   1 
ATOM   1554 C CA  . THR B 2 17  ? 4.922   -8.256  -13.896 1.00 36.97  ? 15  THR B CA  1 
ATOM   1555 C C   . THR B 2 17  ? 5.047   -7.084  -12.929 1.00 36.10  ? 15  THR B C   1 
ATOM   1556 O O   . THR B 2 17  ? 4.045   -6.842  -12.266 1.00 31.52  ? 15  THR B O   1 
ATOM   1557 C CB  . THR B 2 17  ? 4.304   -7.866  -15.261 1.00 40.33  ? 15  THR B CB  1 
ATOM   1558 O OG1 . THR B 2 17  ? 3.624   -6.594  -15.279 1.00 39.40  ? 15  THR B OG1 1 
ATOM   1559 C CG2 . THR B 2 17  ? 3.271   -8.887  -15.682 1.00 43.30  ? 15  THR B CG2 1 
ATOM   1560 N N   . CYS B 2 18  ? 6.151   -6.335  -13.003 1.00 38.28  ? 16  CYS B N   1 
ATOM   1561 C CA  . CYS B 2 18  ? 6.553   -5.244  -12.084 1.00 42.46  ? 16  CYS B CA  1 
ATOM   1562 C C   . CYS B 2 18  ? 7.094   -4.061  -12.893 1.00 46.30  ? 16  CYS B C   1 
ATOM   1563 O O   . CYS B 2 18  ? 7.835   -4.371  -13.815 1.00 45.45  ? 16  CYS B O   1 
ATOM   1564 C CB  . CYS B 2 18  ? 7.641   -5.766  -11.153 1.00 41.74  ? 16  CYS B CB  1 
ATOM   1565 S SG  . CYS B 2 18  ? 7.226   -7.382  -10.461 1.00 43.15  ? 16  CYS B SG  1 
ATOM   1566 O OXT . CYS B 2 18  ? 6.837   -2.850  -12.671 1.00 51.81  ? 16  CYS B OXT 1 
HETATM 1567 C C1  . GOL C 3 .   ? 7.343   -2.805  15.317  1.00 90.22  ? 301 GOL A C1  1 
HETATM 1568 O O1  . GOL C 3 .   ? 7.151   -1.663  14.487  1.00 95.62  ? 301 GOL A O1  1 
HETATM 1569 C C2  . GOL C 3 .   ? 8.191   -3.856  14.628  1.00 83.86  ? 301 GOL A C2  1 
HETATM 1570 O O2  . GOL C 3 .   ? 7.762   -3.955  13.274  1.00 60.62  ? 301 GOL A O2  1 
HETATM 1571 C C3  . GOL C 3 .   ? 9.685   -3.574  14.686  1.00 82.44  ? 301 GOL A C3  1 
HETATM 1572 O O3  . GOL C 3 .   ? 10.451  -4.687  15.148  1.00 72.06  ? 301 GOL A O3  1 
HETATM 1573 N N1  . 29N D 4 .   ? 9.536   -10.299 -6.488  1.00 42.65  ? 101 29N B N1  1 
HETATM 1574 C C2  . 29N D 4 .   ? 8.946   -11.299 -5.629  1.00 40.70  ? 101 29N B C2  1 
HETATM 1575 N N3  . 29N D 4 .   ? 7.722   -11.635 -6.339  1.00 44.68  ? 101 29N B N3  1 
HETATM 1576 C C4  . 29N D 4 .   ? 7.960   -12.250 -7.664  1.00 41.45  ? 101 29N B C4  1 
HETATM 1577 N N5  . 29N D 4 .   ? 8.662   -11.224 -8.401  1.00 43.09  ? 101 29N B N5  1 
HETATM 1578 C C6  . 29N D 4 .   ? 9.932   -10.897 -7.758  1.00 44.11  ? 101 29N B C6  1 
HETATM 1579 C C7  . 29N D 4 .   ? 9.609   -8.982  -6.224  1.00 39.81  ? 101 29N B C7  1 
HETATM 1580 C C8  . 29N D 4 .   ? 9.141   -8.426  -4.908  1.00 42.96  ? 101 29N B C8  1 
HETATM 1581 O O9  . 29N D 4 .   ? 10.056  -8.190  -7.006  1.00 37.42  ? 101 29N B O9  1 
HETATM 1582 C C10 . 29N D 4 .   ? 8.141   -10.591 -9.449  1.00 46.26  ? 101 29N B C10 1 
HETATM 1583 C C11 . 29N D 4 .   ? 9.034   -9.561  -10.087 1.00 48.85  ? 101 29N B C11 1 
HETATM 1584 O O12 . 29N D 4 .   ? 6.993   -10.777 -9.872  1.00 49.42  ? 101 29N B O12 1 
HETATM 1585 C C13 . 29N D 4 .   ? 6.509   -11.368 -5.815  1.00 45.33  ? 101 29N B C13 1 
HETATM 1586 C C14 . 29N D 4 .   ? 5.302   -11.723 -6.678  1.00 40.81  ? 101 29N B C14 1 
HETATM 1587 O O15 . 29N D 4 .   ? 6.356   -10.869 -4.705  1.00 40.37  ? 101 29N B O15 1 
HETATM 1588 C C16 . 29N D 4 .   ? 10.294  -8.456  -3.934  1.00 41.75  ? 101 29N B C16 1 
HETATM 1589 C C19 . 29N D 4 .   ? 8.261   -8.695  -11.059 1.00 51.82  ? 101 29N B C19 1 
HETATM 1590 C C25 . 29N D 4 .   ? 4.026   -11.587 -5.902  1.00 37.46  ? 101 29N B C25 1 
HETATM 1591 O O   . HOH E 5 .   ? 10.043  -1.333  -7.669  1.00 71.67  ? 401 HOH A O   1 
HETATM 1592 O O   . HOH E 5 .   ? -7.730  -15.623 -15.496 1.00 47.64  ? 402 HOH A O   1 
HETATM 1593 O O   . HOH E 5 .   ? 14.006  -1.521  -3.741  1.00 63.77  ? 403 HOH A O   1 
HETATM 1594 O O   . HOH E 5 .   ? 0.200   17.597  6.297   1.00 41.39  ? 404 HOH A O   1 
HETATM 1595 O O   . HOH E 5 .   ? 11.484  9.790   5.904   1.00 53.34  ? 405 HOH A O   1 
HETATM 1596 O O   . HOH E 5 .   ? 7.295   -0.527  6.759   1.00 42.01  ? 406 HOH A O   1 
HETATM 1597 O O   . HOH E 5 .   ? -9.817  -1.339  0.794   1.00 39.15  ? 407 HOH A O   1 
HETATM 1598 O O   . HOH E 5 .   ? -8.529  -3.025  -11.206 1.00 53.18  ? 408 HOH A O   1 
HETATM 1599 O O   . HOH E 5 .   ? -12.475 20.047  -3.887  1.00 41.29  ? 409 HOH A O   1 
HETATM 1600 O O   . HOH E 5 .   ? -8.996  -0.574  -3.638  1.00 36.16  ? 410 HOH A O   1 
HETATM 1601 O O   . HOH E 5 .   ? -5.926  -5.956  -5.662  1.00 40.63  ? 411 HOH A O   1 
HETATM 1602 O O   . HOH E 5 .   ? 16.955  -5.937  0.728   1.00 57.24  ? 412 HOH A O   1 
HETATM 1603 O O   . HOH E 5 .   ? 10.959  -3.230  2.552   1.00 37.03  ? 413 HOH A O   1 
HETATM 1604 O O   . HOH E 5 .   ? 7.283   -7.761  6.987   1.00 33.03  ? 414 HOH A O   1 
HETATM 1605 O O   . HOH E 5 .   ? 0.183   -3.221  -14.411 1.00 45.51  ? 415 HOH A O   1 
HETATM 1606 O O   . HOH E 5 .   ? -0.628  -11.093 6.051   1.00 32.80  ? 416 HOH A O   1 
HETATM 1607 O O   . HOH E 5 .   ? -3.589  -18.142 -3.465  1.00 69.56  ? 417 HOH A O   1 
HETATM 1608 O O   . HOH E 5 .   ? -0.829  -14.410 3.097   1.00 54.76  ? 418 HOH A O   1 
HETATM 1609 O O   . HOH E 5 .   ? 6.087   0.177   -9.876  1.00 49.30  ? 419 HOH A O   1 
HETATM 1610 O O   . HOH E 5 .   ? 16.983  5.318   3.278   1.00 52.86  ? 420 HOH A O   1 
HETATM 1611 O O   . HOH E 5 .   ? 14.342  -10.939 11.518  1.00 54.80  ? 421 HOH A O   1 
HETATM 1612 O O   . HOH E 5 .   ? -17.736 14.176  4.926   1.00 42.76  ? 422 HOH A O   1 
HETATM 1613 O O   . HOH E 5 .   ? 11.106  -5.160  -2.706  1.00 43.31  ? 423 HOH A O   1 
HETATM 1614 O O   . HOH E 5 .   ? -17.809 11.470  5.999   1.00 41.84  ? 424 HOH A O   1 
HETATM 1615 O O   . HOH E 5 .   ? -3.047  -1.434  12.628  1.00 39.85  ? 425 HOH A O   1 
HETATM 1616 O O   . HOH E 5 .   ? -2.158  24.349  -0.297  1.00 50.24  ? 426 HOH A O   1 
HETATM 1617 O O   . HOH E 5 .   ? 0.557   -9.661  -16.227 1.00 72.54  ? 427 HOH A O   1 
HETATM 1618 O O   . HOH E 5 .   ? 7.167   -18.405 8.926   1.00 57.13  ? 428 HOH A O   1 
HETATM 1619 O O   . HOH E 5 .   ? 9.240   3.434   -3.149  1.00 29.41  ? 429 HOH A O   1 
HETATM 1620 O O   . HOH E 5 .   ? 12.897  8.339   0.512   1.00 51.74  ? 430 HOH A O   1 
HETATM 1621 O O   . HOH E 5 .   ? -6.722  -5.456  -8.233  1.00 39.50  ? 431 HOH A O   1 
HETATM 1622 O O   . HOH E 5 .   ? 6.922   6.974   12.805  1.00 50.23  ? 432 HOH A O   1 
HETATM 1623 O O   . HOH E 5 .   ? -13.717 -10.214 -16.417 1.00 60.63  ? 433 HOH A O   1 
HETATM 1624 O O   . HOH E 5 .   ? -2.384  13.027  -9.405  1.00 45.14  ? 434 HOH A O   1 
HETATM 1625 O O   . HOH E 5 .   ? 15.210  -3.993  6.067   1.00 61.64  ? 435 HOH A O   1 
HETATM 1626 O O   . HOH E 5 .   ? -9.359  -0.934  11.530  1.00 37.11  ? 436 HOH A O   1 
HETATM 1627 O O   . HOH E 5 .   ? -2.081  18.805  5.246   1.00 49.39  ? 437 HOH A O   1 
HETATM 1628 O O   . HOH E 5 .   ? -7.660  -7.607  9.684   1.00 43.08  ? 438 HOH A O   1 
HETATM 1629 O O   . HOH E 5 .   ? 6.097   5.691   -9.771  1.00 55.51  ? 439 HOH A O   1 
HETATM 1630 O O   . HOH E 5 .   ? 13.876  0.363   10.390  1.00 56.61  ? 440 HOH A O   1 
HETATM 1631 O O   . HOH F 5 .   ? 5.564   -15.034 -8.263  1.00 38.59  ? 201 HOH B O   1 
HETATM 1632 O O   . HOH F 5 .   ? 4.557   -20.681 -8.676  1.00 51.21  ? 202 HOH B O   1 
HETATM 1633 O O   . HOH F 5 .   ? 3.262   -9.404  2.462   1.00 30.98  ? 203 HOH B O   1 
# 
